data_8GUY
#
_entry.id   8GUY
#
_cell.length_a   1.00
_cell.length_b   1.00
_cell.length_c   1.00
_cell.angle_alpha   90.00
_cell.angle_beta   90.00
_cell.angle_gamma   90.00
#
_symmetry.space_group_name_H-M   'P 1'
#
loop_
_entity.id
_entity.type
_entity.pdbx_description
1 polymer 'Isoform Short of Insulin receptor'
2 polymer 'Insulin A chain'
3 polymer 'Insulin, isoform 2'
#
loop_
_entity_poly.entity_id
_entity_poly.type
_entity_poly.pdbx_seq_one_letter_code
_entity_poly.pdbx_strand_id
1 'polypeptide(L)'
;HLYPGEVCPGMDIRNNLTRLHELENCSVIEGHLQILLMFKTRPEDFRDLSFPKLIMITDYLLLFRVYGLESLKDLFPNLT
VIRGSRLFFNYALVIFEMVHLKELGLYNLMNITRGSVRIEKNNELCYLATIDWSRILDSVEDNHIVLNKDDNEECGDICP
GTAKGKTNCPATVINGQFVERCWTHSHCQKVCPTICKSHGCTAEGLCCHSECLGNCSQPDDPTKCVACRNFYLDGRCVET
CPPPYYHFQDWRCVNFSFCQDLHHKCKNSRRQGCHQYVIHNNKCIPECPSGYTMNSSNLLCTPCLGPCPKVCHLLEGEKT
IDSVTSAQELRGCTVINGSLIINIRGGNNLAAELEANLGLIEEISGYLKIRRSYALVSLSFFRKLRLIRGETLEIGNYSF
YALDNQNLRQLWDWSKHNLTTTQGKLFFHYNPKLCLSEIHKMEEVSGTKGRQERNDIALKTNGDKASCENELLKFSYIRT
SFDKILLRWEPYWPPDFRDLLGFMLFYKEAPYQNVTEFDGQDACGSNSWTVVDIDPPLRSNDPKSQNHPGWLMRGLKPWT
QYAIFVKTLVTFSDERRTYGAKSDIIYVQTDATNPSVPLDPISVSNSSSQIILKWKPPSDPNGNITHYLVFWERQAEDSE
LFELDYCLKGLKLPSRTWSPPFESEDSQKHNQSEYEDSAGECCSCPKTDSQILKELEESSFRKTFEDYLHNVVFVPRPSR
KRRSLGDVGNVTVAVPTVAAFPNTSSTSVPTSPEEHRPFEKVVNKESLVISGLRHFTGYRIELQACNQDTPEERCSVAAY
VSARTMPEAKADDIVGPVTHEIFENNVVHLMWQEPKEPNGLIVLYEVSYRRYGDEELHLCVSRKHFALERGCRLRGLSPG
NYSVRIRATSLAGNGSWTEPTYFYVTD
;
E,F
2 'polypeptide(L)' GIVEQCCTSICSLYQLENYCN A,C
3 'polypeptide(L)' NQHLCGSHLVEALYLVCGERGFFYT B,D
#
# COMPACT_ATOMS: atom_id res chain seq x y z
N HIS A 1 43.61 6.56 51.25
CA HIS A 1 44.41 6.93 50.09
C HIS A 1 43.56 6.91 48.82
N LEU A 2 44.10 7.46 47.74
CA LEU A 2 43.41 7.46 46.45
C LEU A 2 43.38 6.07 45.84
N TYR A 3 44.57 5.54 45.51
CA TYR A 3 44.73 4.20 44.97
C TYR A 3 45.72 3.46 45.86
N PRO A 4 45.27 2.97 47.03
CA PRO A 4 46.20 2.35 47.98
C PRO A 4 46.66 0.96 47.57
N GLY A 5 46.00 0.32 46.61
CA GLY A 5 46.33 -1.03 46.22
C GLY A 5 47.52 -1.09 45.27
N GLU A 6 47.73 -2.29 44.73
CA GLU A 6 48.84 -2.56 43.83
C GLU A 6 48.36 -2.39 42.38
N VAL A 7 49.32 -2.31 41.46
CA VAL A 7 48.99 -2.48 40.06
C VAL A 7 48.96 -3.97 39.73
N CYS A 8 48.02 -4.36 38.88
CA CYS A 8 47.94 -5.71 38.34
C CYS A 8 47.82 -5.68 36.82
N PRO A 9 48.59 -6.49 36.11
CA PRO A 9 48.42 -6.62 34.65
C PRO A 9 47.16 -7.42 34.32
N GLY A 10 46.86 -7.47 33.03
CA GLY A 10 45.65 -8.16 32.59
C GLY A 10 45.76 -9.66 32.78
N MET A 11 44.60 -10.30 32.88
CA MET A 11 44.57 -11.73 33.20
C MET A 11 43.26 -12.31 32.72
N ASP A 12 43.26 -13.62 32.51
CA ASP A 12 42.09 -14.36 32.09
C ASP A 12 41.79 -15.47 33.08
N ILE A 13 40.52 -15.85 33.15
CA ILE A 13 40.04 -16.79 34.15
C ILE A 13 39.24 -17.85 33.42
N ARG A 14 39.73 -19.09 33.44
CA ARG A 14 39.13 -20.17 32.65
C ARG A 14 39.19 -21.49 33.39
N ASN A 15 38.09 -22.24 33.31
CA ASN A 15 37.94 -23.66 33.62
C ASN A 15 38.05 -24.02 35.10
N ASN A 16 38.36 -23.08 35.98
CA ASN A 16 38.49 -23.35 37.40
C ASN A 16 38.18 -22.07 38.15
N LEU A 17 38.36 -22.09 39.46
CA LEU A 17 38.24 -20.86 40.23
C LEU A 17 39.50 -20.56 41.01
N THR A 18 40.50 -21.44 40.96
CA THR A 18 41.69 -21.28 41.77
C THR A 18 42.61 -20.19 41.25
N ARG A 19 42.43 -19.73 40.01
CA ARG A 19 43.29 -18.69 39.48
C ARG A 19 42.82 -17.28 39.82
N LEU A 20 41.65 -17.13 40.43
CA LEU A 20 41.24 -15.86 41.01
C LEU A 20 41.88 -15.59 42.35
N HIS A 21 42.73 -16.48 42.86
CA HIS A 21 43.39 -16.26 44.13
C HIS A 21 44.41 -15.12 44.03
N GLU A 22 45.05 -14.96 42.88
CA GLU A 22 46.12 -13.98 42.72
C GLU A 22 45.62 -12.57 42.45
N LEU A 23 44.33 -12.29 42.68
CA LEU A 23 43.81 -10.94 42.77
C LEU A 23 43.76 -10.44 44.21
N GLU A 24 44.73 -10.85 45.02
CA GLU A 24 44.62 -10.69 46.47
C GLU A 24 44.74 -9.24 46.91
N ASN A 25 45.63 -8.46 46.29
CA ASN A 25 46.09 -7.24 46.94
C ASN A 25 46.21 -6.05 45.99
N CYS A 26 45.40 -5.98 44.95
CA CYS A 26 45.55 -4.83 44.06
C CYS A 26 44.22 -4.13 43.80
N SER A 27 44.33 -2.94 43.22
CA SER A 27 43.21 -2.02 43.05
C SER A 27 42.94 -1.66 41.60
N VAL A 28 44.00 -1.45 40.83
CA VAL A 28 43.90 -1.08 39.43
C VAL A 28 44.32 -2.27 38.59
N ILE A 29 43.69 -2.43 37.43
CA ILE A 29 44.05 -3.48 36.48
C ILE A 29 44.20 -2.85 35.09
N GLU A 30 45.42 -2.91 34.56
CA GLU A 30 45.63 -2.54 33.18
C GLU A 30 45.29 -3.73 32.29
N GLY A 31 45.13 -3.46 31.00
CA GLY A 31 44.69 -4.52 30.12
C GLY A 31 43.23 -4.81 30.35
N HIS A 32 42.86 -6.08 30.43
CA HIS A 32 41.46 -6.45 30.60
C HIS A 32 41.36 -7.67 31.51
N LEU A 33 40.13 -8.00 31.88
CA LEU A 33 39.85 -9.03 32.88
C LEU A 33 38.73 -9.92 32.34
N GLN A 34 39.08 -11.13 31.91
CA GLN A 34 38.14 -12.04 31.29
C GLN A 34 37.87 -13.22 32.22
N ILE A 35 36.60 -13.45 32.53
CA ILE A 35 36.17 -14.59 33.32
C ILE A 35 35.30 -15.44 32.43
N LEU A 36 35.69 -16.70 32.24
CA LEU A 36 35.19 -17.45 31.10
C LEU A 36 35.08 -18.93 31.40
N LEU A 37 33.90 -19.51 31.15
CA LEU A 37 33.71 -20.94 30.93
C LEU A 37 34.09 -21.77 32.16
N MET A 38 33.30 -21.59 33.22
CA MET A 38 33.25 -22.55 34.32
C MET A 38 31.89 -23.22 34.30
N PHE A 39 31.90 -24.54 34.18
CA PHE A 39 30.68 -25.34 34.08
C PHE A 39 30.45 -26.17 35.34
N LYS A 40 31.50 -26.84 35.82
CA LYS A 40 31.45 -27.61 37.06
C LYS A 40 31.65 -26.65 38.24
N THR A 41 30.62 -25.86 38.51
CA THR A 41 30.69 -24.86 39.56
C THR A 41 29.34 -24.74 40.26
N ARG A 42 29.33 -25.01 41.55
CA ARG A 42 28.13 -24.84 42.35
C ARG A 42 27.92 -23.36 42.67
N PRO A 43 26.69 -22.95 42.96
CA PRO A 43 26.45 -21.57 43.42
C PRO A 43 26.85 -21.32 44.87
N GLU A 44 27.42 -22.28 45.57
CA GLU A 44 27.69 -22.14 47.00
C GLU A 44 28.99 -21.39 47.25
N ASP A 45 30.02 -21.70 46.49
CA ASP A 45 31.37 -21.19 46.75
C ASP A 45 31.61 -19.77 46.25
N PHE A 46 30.57 -19.02 45.90
CA PHE A 46 30.70 -17.60 45.61
C PHE A 46 30.32 -16.72 46.79
N ARG A 47 29.81 -17.30 47.88
CA ARG A 47 29.30 -16.52 49.01
C ARG A 47 30.34 -16.35 50.10
N ASP A 48 31.63 -16.54 49.79
CA ASP A 48 32.67 -16.43 50.80
C ASP A 48 33.87 -15.62 50.35
N LEU A 49 34.01 -15.30 49.06
CA LEU A 49 35.13 -14.53 48.57
C LEU A 49 34.63 -13.22 47.99
N SER A 50 35.53 -12.24 47.90
CA SER A 50 35.20 -10.94 47.36
C SER A 50 36.46 -10.30 46.81
N PHE A 51 36.29 -9.16 46.15
CA PHE A 51 37.40 -8.34 45.67
C PHE A 51 37.04 -6.89 46.00
N PRO A 52 37.24 -6.48 47.26
CA PRO A 52 36.73 -5.18 47.68
C PRO A 52 37.56 -3.99 47.22
N LYS A 53 38.83 -4.20 46.92
CA LYS A 53 39.76 -3.10 46.69
C LYS A 53 39.92 -2.75 45.22
N LEU A 54 39.31 -3.48 44.30
CA LEU A 54 39.45 -3.22 42.88
C LEU A 54 38.59 -2.03 42.48
N ILE A 55 39.20 -1.00 41.92
CA ILE A 55 38.54 0.28 41.68
C ILE A 55 38.52 0.62 40.19
N MET A 56 39.68 0.56 39.54
CA MET A 56 39.84 1.04 38.18
C MET A 56 40.12 -0.12 37.22
N ILE A 57 39.32 -0.19 36.16
CA ILE A 57 39.54 -1.11 35.04
C ILE A 57 39.80 -0.28 33.81
N THR A 58 40.92 -0.56 33.13
CA THR A 58 41.29 0.25 31.97
C THR A 58 40.39 -0.03 30.78
N ASP A 59 40.44 -1.24 30.24
CA ASP A 59 39.91 -1.45 28.90
C ASP A 59 38.52 -2.11 28.85
N TYR A 60 38.39 -3.35 29.30
CA TYR A 60 37.07 -3.97 29.23
C TYR A 60 36.97 -5.11 30.23
N LEU A 61 35.74 -5.37 30.66
CA LEU A 61 35.42 -6.45 31.58
C LEU A 61 34.43 -7.39 30.92
N LEU A 62 34.77 -8.67 30.89
CA LEU A 62 34.07 -9.64 30.05
C LEU A 62 33.58 -10.83 30.88
N LEU A 63 32.28 -11.07 30.86
CA LEU A 63 31.68 -12.24 31.48
C LEU A 63 30.86 -12.98 30.44
N PHE A 64 31.16 -14.26 30.24
CA PHE A 64 30.44 -15.03 29.23
C PHE A 64 30.42 -16.49 29.63
N ARG A 65 29.21 -17.02 29.87
CA ARG A 65 28.92 -18.43 30.14
C ARG A 65 29.69 -18.93 31.37
N VAL A 66 29.27 -18.41 32.53
CA VAL A 66 29.70 -18.93 33.82
C VAL A 66 28.49 -19.51 34.53
N TYR A 67 28.60 -20.75 34.99
CA TYR A 67 27.49 -21.46 35.63
C TYR A 67 27.61 -21.31 37.13
N GLY A 68 26.86 -20.37 37.70
CA GLY A 68 26.79 -20.31 39.14
C GLY A 68 26.75 -18.95 39.81
N LEU A 69 26.94 -17.87 39.05
CA LEU A 69 26.84 -16.54 39.65
C LEU A 69 25.43 -15.98 39.50
N GLU A 70 24.90 -15.50 40.62
CA GLU A 70 23.59 -14.85 40.66
C GLU A 70 23.70 -13.34 40.77
N SER A 71 24.73 -12.84 41.42
CA SER A 71 25.01 -11.42 41.45
C SER A 71 26.50 -11.20 41.64
N LEU A 72 26.97 -10.01 41.26
CA LEU A 72 28.36 -9.64 41.44
C LEU A 72 28.59 -8.75 42.65
N LYS A 73 27.54 -8.44 43.42
CA LYS A 73 27.71 -7.51 44.53
C LYS A 73 28.51 -8.09 45.67
N ASP A 74 28.66 -9.41 45.73
CA ASP A 74 29.56 -10.06 46.68
C ASP A 74 30.96 -10.23 46.13
N LEU A 75 31.24 -9.75 44.92
CA LEU A 75 32.57 -9.80 44.33
C LEU A 75 33.18 -8.43 44.10
N PHE A 76 32.44 -7.54 43.43
CA PHE A 76 32.96 -6.25 43.01
C PHE A 76 32.10 -5.14 43.62
N PRO A 77 32.42 -4.71 44.84
CA PRO A 77 31.54 -3.71 45.49
C PRO A 77 31.93 -2.27 45.21
N ASN A 78 33.19 -2.00 44.85
CA ASN A 78 33.73 -0.66 44.94
C ASN A 78 34.32 -0.14 43.62
N LEU A 79 34.27 -0.92 42.54
CA LEU A 79 34.74 -0.47 41.24
C LEU A 79 33.85 0.67 40.75
N THR A 80 34.46 1.67 40.12
CA THR A 80 33.71 2.88 39.82
C THR A 80 33.87 3.37 38.39
N VAL A 81 35.03 3.13 37.79
CA VAL A 81 35.40 3.78 36.54
C VAL A 81 35.89 2.74 35.53
N ILE A 82 35.44 2.90 34.28
CA ILE A 82 35.87 2.07 33.16
C ILE A 82 36.55 3.01 32.17
N ARG A 83 37.87 2.90 32.06
CA ARG A 83 38.64 3.93 31.37
C ARG A 83 38.50 3.85 29.86
N GLY A 84 38.47 2.64 29.31
CA GLY A 84 38.19 2.48 27.89
C GLY A 84 39.25 2.94 26.94
N SER A 85 40.53 2.66 27.23
CA SER A 85 41.57 2.97 26.27
C SER A 85 41.52 2.01 25.08
N ARG A 86 41.59 0.71 25.35
CA ARG A 86 41.26 -0.30 24.36
C ARG A 86 39.82 -0.72 24.59
N LEU A 87 39.13 -1.08 23.52
CA LEU A 87 37.76 -1.53 23.64
C LEU A 87 37.64 -2.96 23.17
N PHE A 88 36.40 -3.44 23.10
CA PHE A 88 36.10 -4.81 22.69
C PHE A 88 34.86 -4.74 21.82
N PHE A 89 35.09 -4.61 20.51
CA PHE A 89 34.06 -4.50 19.46
C PHE A 89 33.04 -3.41 19.82
N ASN A 90 33.56 -2.18 19.91
CA ASN A 90 32.89 -0.94 20.30
C ASN A 90 32.35 -0.92 21.72
N TYR A 91 32.62 -1.93 22.52
CA TYR A 91 32.04 -1.99 23.85
C TYR A 91 33.15 -1.98 24.89
N ALA A 92 32.75 -1.80 26.14
CA ALA A 92 33.66 -1.89 27.26
C ALA A 92 33.17 -2.77 28.39
N LEU A 93 31.92 -3.22 28.34
CA LEU A 93 31.37 -4.09 29.37
C LEU A 93 30.30 -4.95 28.74
N VAL A 94 30.58 -6.24 28.61
CA VAL A 94 29.72 -7.17 27.87
C VAL A 94 29.38 -8.35 28.77
N ILE A 95 28.10 -8.58 28.99
CA ILE A 95 27.60 -9.74 29.72
C ILE A 95 26.80 -10.58 28.74
N PHE A 96 27.22 -11.82 28.53
CA PHE A 96 26.68 -12.61 27.43
C PHE A 96 26.44 -14.05 27.87
N GLU A 97 25.19 -14.49 27.72
CA GLU A 97 24.78 -15.89 27.96
C GLU A 97 25.06 -16.32 29.40
N MET A 98 24.40 -15.64 30.34
CA MET A 98 24.46 -16.04 31.74
C MET A 98 23.29 -16.95 32.08
N VAL A 99 23.51 -17.83 33.04
CA VAL A 99 22.59 -18.93 33.30
C VAL A 99 21.94 -18.74 34.68
N HIS A 100 22.66 -18.11 35.60
CA HIS A 100 22.17 -17.98 36.96
C HIS A 100 21.99 -16.55 37.42
N LEU A 101 22.28 -15.56 36.59
CA LEU A 101 22.38 -14.17 37.02
C LEU A 101 21.00 -13.60 37.30
N LYS A 102 20.61 -13.60 38.59
CA LYS A 102 19.33 -13.05 38.98
C LYS A 102 19.33 -11.53 38.86
N GLU A 103 20.26 -10.87 39.55
CA GLU A 103 20.34 -9.43 39.54
C GLU A 103 21.80 -9.02 39.34
N LEU A 104 21.99 -7.86 38.70
CA LEU A 104 23.32 -7.34 38.39
C LEU A 104 24.09 -7.02 39.66
N GLY A 105 23.58 -6.10 40.47
CA GLY A 105 24.21 -5.77 41.74
C GLY A 105 25.38 -4.82 41.64
N LEU A 106 25.45 -4.02 40.58
CA LEU A 106 26.60 -3.16 40.32
C LEU A 106 26.28 -1.73 40.72
N TYR A 107 26.24 -1.50 42.04
CA TYR A 107 25.73 -0.24 42.56
C TYR A 107 26.74 0.89 42.57
N ASN A 108 27.90 0.75 41.93
CA ASN A 108 28.90 1.80 42.01
C ASN A 108 29.42 2.25 40.64
N LEU A 109 28.67 2.01 39.57
CA LEU A 109 29.10 2.44 38.24
C LEU A 109 28.91 3.95 38.12
N MET A 110 30.02 4.66 37.97
CA MET A 110 29.99 6.11 37.96
C MET A 110 30.11 6.69 36.55
N ASN A 111 31.17 6.37 35.82
CA ASN A 111 31.40 6.99 34.52
C ASN A 111 32.00 5.95 33.58
N ILE A 112 31.24 5.59 32.54
CA ILE A 112 31.76 4.80 31.44
C ILE A 112 32.36 5.77 30.43
N THR A 113 33.69 5.70 30.25
CA THR A 113 34.38 6.75 29.53
C THR A 113 34.25 6.61 28.02
N ARG A 114 34.75 5.51 27.46
CA ARG A 114 34.76 5.35 26.02
C ARG A 114 34.17 4.00 25.68
N GLY A 115 33.18 4.00 24.77
CA GLY A 115 32.55 2.77 24.34
C GLY A 115 31.08 2.74 24.72
N SER A 116 30.60 1.56 25.06
CA SER A 116 29.19 1.37 25.42
C SER A 116 29.08 0.09 26.22
N VAL A 117 27.84 -0.27 26.55
CA VAL A 117 27.55 -1.51 27.28
C VAL A 117 26.48 -2.27 26.53
N ARG A 118 26.51 -3.59 26.67
CA ARG A 118 25.56 -4.46 25.98
C ARG A 118 25.44 -5.76 26.75
N ILE A 119 24.21 -6.14 27.07
CA ILE A 119 23.93 -7.41 27.74
C ILE A 119 22.86 -8.14 26.95
N GLU A 120 23.17 -9.35 26.51
CA GLU A 120 22.22 -10.17 25.75
C GLU A 120 22.04 -11.51 26.43
N LYS A 121 20.97 -12.20 26.01
CA LYS A 121 20.84 -13.65 26.09
C LYS A 121 20.85 -14.16 27.53
N ASN A 122 20.27 -13.39 28.44
CA ASN A 122 20.23 -13.78 29.85
C ASN A 122 18.78 -13.83 30.30
N ASN A 123 18.25 -15.05 30.44
CA ASN A 123 16.84 -15.26 30.75
C ASN A 123 16.56 -15.22 32.25
N GLU A 124 17.41 -14.53 33.03
CA GLU A 124 17.29 -14.53 34.47
C GLU A 124 17.43 -13.16 35.09
N LEU A 125 17.70 -12.11 34.33
CA LEU A 125 17.97 -10.81 34.90
C LEU A 125 16.68 -10.08 35.25
N CYS A 126 16.84 -9.04 36.06
CA CYS A 126 15.72 -8.17 36.42
C CYS A 126 16.26 -6.79 36.76
N TYR A 127 15.33 -5.87 37.08
CA TYR A 127 15.59 -4.48 37.45
C TYR A 127 16.37 -3.70 36.38
N LEU A 128 16.31 -4.13 35.12
CA LEU A 128 17.14 -3.53 34.09
C LEU A 128 16.61 -2.20 33.59
N ALA A 129 15.32 -1.92 33.77
CA ALA A 129 14.75 -0.63 33.41
C ALA A 129 14.88 0.38 34.54
N THR A 130 15.67 0.08 35.57
CA THR A 130 15.83 0.93 36.74
C THR A 130 17.28 1.36 36.89
N ILE A 131 17.99 1.53 35.78
CA ILE A 131 19.45 1.70 35.79
C ILE A 131 19.85 3.10 35.36
N ASP A 132 19.16 3.67 34.37
CA ASP A 132 19.34 5.05 33.88
C ASP A 132 20.77 5.30 33.39
N TRP A 133 21.08 4.64 32.27
CA TRP A 133 22.43 4.66 31.70
C TRP A 133 22.92 6.07 31.38
N SER A 134 22.00 6.98 31.03
CA SER A 134 22.36 8.34 30.64
C SER A 134 22.96 9.16 31.78
N ARG A 135 22.81 8.71 33.03
CA ARG A 135 23.52 9.35 34.14
C ARG A 135 24.94 8.85 34.29
N ILE A 136 25.23 7.64 33.84
CA ILE A 136 26.56 7.06 33.96
C ILE A 136 27.35 7.20 32.66
N LEU A 137 26.72 6.84 31.55
CA LEU A 137 27.36 6.86 30.24
C LEU A 137 27.56 8.29 29.75
N ASP A 138 28.25 8.40 28.62
CA ASP A 138 28.27 9.62 27.85
C ASP A 138 27.62 9.45 26.48
N SER A 139 27.08 8.26 26.20
CA SER A 139 26.35 7.99 24.97
C SER A 139 25.33 6.90 25.25
N VAL A 140 24.23 6.93 24.51
CA VAL A 140 23.13 6.00 24.78
C VAL A 140 22.80 5.26 23.49
N GLU A 141 23.39 5.72 22.39
CA GLU A 141 22.94 5.28 21.07
C GLU A 141 23.43 3.88 20.75
N ASP A 142 24.68 3.56 21.11
CA ASP A 142 25.25 2.25 20.80
C ASP A 142 25.12 1.27 21.95
N ASN A 143 24.14 1.46 22.82
CA ASN A 143 23.88 0.43 23.81
C ASN A 143 22.91 -0.60 23.23
N HIS A 144 22.88 -1.77 23.88
CA HIS A 144 22.12 -2.89 23.34
CA HIS A 144 22.12 -2.89 23.35
C HIS A 144 21.64 -3.73 24.52
N ILE A 145 20.39 -3.53 24.91
CA ILE A 145 19.77 -4.30 25.99
C ILE A 145 18.53 -4.94 25.37
N VAL A 146 18.69 -6.15 24.83
CA VAL A 146 17.59 -6.90 24.26
C VAL A 146 17.69 -8.35 24.71
N LEU A 147 16.56 -9.04 24.60
CA LEU A 147 16.42 -10.49 24.69
C LEU A 147 16.85 -10.99 26.06
N ASN A 148 16.14 -10.59 27.09
CA ASN A 148 16.43 -11.01 28.46
C ASN A 148 15.14 -11.48 29.12
N LYS A 149 15.18 -11.67 30.44
CA LYS A 149 13.97 -12.00 31.18
C LYS A 149 13.04 -10.79 31.25
N ASP A 150 13.59 -9.58 31.15
CA ASP A 150 12.79 -8.36 31.18
C ASP A 150 12.16 -8.02 29.84
N ASP A 151 12.08 -8.98 28.90
CA ASP A 151 11.22 -8.81 27.74
C ASP A 151 9.75 -8.85 28.12
N ASN A 152 9.43 -9.53 29.22
CA ASN A 152 8.09 -9.59 29.76
C ASN A 152 8.11 -9.05 31.18
N GLU A 153 7.13 -8.22 31.52
CA GLU A 153 7.05 -7.65 32.86
C GLU A 153 6.58 -8.73 33.84
N GLU A 154 7.53 -9.49 34.39
CA GLU A 154 7.18 -10.60 35.26
C GLU A 154 8.07 -10.74 36.49
N CYS A 155 9.18 -10.01 36.60
CA CYS A 155 10.15 -10.24 37.66
C CYS A 155 9.95 -9.35 38.87
N GLY A 156 8.72 -8.90 39.14
CA GLY A 156 8.51 -8.11 40.33
C GLY A 156 8.59 -6.61 40.10
N ASP A 157 9.81 -6.06 40.31
CA ASP A 157 10.15 -4.65 40.12
C ASP A 157 9.43 -3.76 41.13
N ILE A 158 9.47 -4.18 42.40
CA ILE A 158 9.08 -3.35 43.53
C ILE A 158 10.35 -3.05 44.34
N CYS A 159 10.69 -1.77 44.43
CA CYS A 159 11.99 -1.37 44.93
C CYS A 159 11.92 0.03 45.51
N PRO A 160 12.55 0.29 46.67
CA PRO A 160 12.58 1.63 47.26
C PRO A 160 13.36 2.64 46.42
N CYS A 169 18.29 7.77 45.26
CA CYS A 169 17.30 7.38 44.26
C CYS A 169 16.12 8.37 44.17
N PRO A 170 16.23 9.33 43.25
CA PRO A 170 15.32 10.48 43.23
C PRO A 170 14.05 10.30 42.41
N ALA A 171 13.88 9.15 41.74
CA ALA A 171 12.76 8.83 40.85
C ALA A 171 12.62 9.90 39.74
N THR A 172 13.62 9.88 38.87
CA THR A 172 13.79 10.89 37.84
C THR A 172 12.70 10.81 36.77
N VAL A 173 12.62 11.87 35.97
CA VAL A 173 11.61 12.01 34.92
C VAL A 173 12.42 12.15 33.63
N ILE A 174 13.52 11.38 33.53
CA ILE A 174 14.36 11.43 32.33
C ILE A 174 13.63 10.87 31.12
N ASN A 175 12.67 9.98 31.34
CA ASN A 175 11.75 9.50 30.31
C ASN A 175 10.42 10.24 30.48
N GLY A 176 9.40 9.79 29.77
CA GLY A 176 8.10 10.39 29.96
C GLY A 176 7.35 9.99 31.22
N GLN A 177 7.97 9.20 32.10
CA GLN A 177 7.34 8.72 33.32
C GLN A 177 8.20 9.10 34.52
N PHE A 178 7.64 8.91 35.71
CA PHE A 178 8.35 9.15 36.97
C PHE A 178 8.90 7.84 37.54
N VAL A 179 9.75 7.19 36.75
CA VAL A 179 10.27 5.89 37.12
C VAL A 179 11.37 6.05 38.16
N GLU A 180 11.37 5.16 39.15
CA GLU A 180 12.36 5.15 40.21
C GLU A 180 13.52 4.26 39.81
N ARG A 181 14.75 4.74 39.99
CA ARG A 181 15.94 4.08 39.47
C ARG A 181 16.76 3.54 40.64
N CYS A 182 16.74 2.22 40.82
CA CYS A 182 17.50 1.54 41.85
C CYS A 182 18.23 0.35 41.26
N TRP A 183 19.34 -0.03 41.87
CA TRP A 183 20.11 -1.15 41.35
C TRP A 183 19.47 -2.48 41.73
N THR A 184 19.41 -2.78 43.03
CA THR A 184 18.95 -4.09 43.48
C THR A 184 17.86 -3.95 44.53
N HIS A 185 17.57 -5.06 45.23
CA HIS A 185 16.53 -5.07 46.25
C HIS A 185 16.87 -4.21 47.46
N SER A 186 18.16 -3.97 47.72
CA SER A 186 18.58 -3.25 48.91
C SER A 186 19.30 -1.93 48.63
N HIS A 187 19.64 -1.64 47.37
CA HIS A 187 20.36 -0.42 47.04
C HIS A 187 19.50 0.52 46.20
N CYS A 188 19.81 1.81 46.30
CA CYS A 188 19.38 2.80 45.31
C CYS A 188 20.56 3.28 44.52
N GLN A 189 20.27 3.72 43.31
CA GLN A 189 21.24 4.41 42.48
C GLN A 189 21.50 5.80 43.04
N LYS A 190 22.78 6.14 43.19
CA LYS A 190 23.14 7.48 43.62
C LYS A 190 23.18 8.40 42.41
N VAL A 191 22.64 9.60 42.56
CA VAL A 191 22.62 10.62 41.52
C VAL A 191 23.12 11.93 42.14
N CYS A 192 24.12 12.55 41.50
CA CYS A 192 24.57 13.87 41.91
C CYS A 192 23.55 14.97 41.63
N PRO A 193 23.62 16.07 42.38
CA PRO A 193 22.99 17.31 41.93
C PRO A 193 23.64 17.81 40.64
N THR A 194 22.81 18.36 39.76
CA THR A 194 23.18 18.65 38.38
C THR A 194 23.92 19.98 38.20
N ILE A 195 24.42 20.60 39.27
CA ILE A 195 25.24 21.79 39.08
C ILE A 195 26.70 21.41 38.80
N CYS A 196 27.05 20.15 39.06
CA CYS A 196 28.44 19.67 38.97
C CYS A 196 28.40 18.16 38.65
N LYS A 197 28.51 17.86 37.35
CA LYS A 197 28.14 16.53 36.86
C LYS A 197 29.22 15.49 37.12
N SER A 198 30.39 15.66 36.52
CA SER A 198 31.42 14.64 36.54
C SER A 198 32.47 14.86 37.62
N HIS A 199 32.20 15.73 38.59
CA HIS A 199 33.18 16.01 39.61
C HIS A 199 33.06 15.14 40.85
N GLY A 200 31.96 14.39 40.98
CA GLY A 200 31.77 13.54 42.14
C GLY A 200 31.26 14.30 43.35
N CYS A 201 30.31 13.70 44.07
CA CYS A 201 29.59 14.40 45.14
C CYS A 201 29.58 13.54 46.39
N THR A 202 29.08 14.13 47.47
CA THR A 202 28.94 13.43 48.75
C THR A 202 27.47 13.14 49.01
N ALA A 203 27.19 12.59 50.20
CA ALA A 203 25.81 12.30 50.57
C ALA A 203 25.03 13.58 50.85
N GLU A 204 25.71 14.66 51.24
CA GLU A 204 25.07 15.93 51.51
C GLU A 204 24.92 16.79 50.25
N GLY A 205 25.36 16.28 49.09
CA GLY A 205 25.23 17.00 47.84
C GLY A 205 26.31 18.02 47.56
N LEU A 206 27.20 18.30 48.50
CA LEU A 206 28.30 19.24 48.27
C LEU A 206 29.37 18.51 47.45
N CYS A 207 29.44 18.83 46.16
CA CYS A 207 30.33 18.07 45.31
C CYS A 207 31.80 18.45 45.51
N CYS A 208 32.66 17.57 45.07
CA CYS A 208 34.04 17.49 45.54
C CYS A 208 34.93 18.48 44.79
N HIS A 209 36.24 18.28 44.94
CA HIS A 209 37.21 18.94 44.09
C HIS A 209 36.99 18.54 42.64
N SER A 210 37.30 19.46 41.72
CA SER A 210 36.96 19.27 40.31
C SER A 210 37.71 18.11 39.67
N GLU A 211 38.85 17.71 40.22
CA GLU A 211 39.58 16.57 39.71
C GLU A 211 39.28 15.30 40.50
N CYS A 212 38.00 14.96 40.60
CA CYS A 212 37.59 13.69 41.20
C CYS A 212 36.35 13.20 40.45
N LEU A 213 35.98 11.95 40.71
CA LEU A 213 34.75 11.38 40.17
C LEU A 213 34.13 10.43 41.18
N GLY A 214 32.80 10.39 41.19
CA GLY A 214 32.09 9.40 41.96
C GLY A 214 32.01 9.67 43.44
N ASN A 215 32.33 8.65 44.24
CA ASN A 215 32.34 8.81 45.68
C ASN A 215 33.53 9.67 46.11
N CYS A 216 33.40 10.28 47.28
CA CYS A 216 34.52 10.96 47.93
C CYS A 216 34.41 10.75 49.43
N SER A 217 35.52 11.03 50.11
CA SER A 217 35.49 11.08 51.57
C SER A 217 35.01 12.46 52.04
N GLN A 218 35.75 13.50 51.68
CA GLN A 218 35.39 14.87 52.01
C GLN A 218 35.51 15.73 50.76
N PRO A 219 34.56 16.64 50.53
CA PRO A 219 34.56 17.40 49.27
C PRO A 219 35.64 18.48 49.25
N ASP A 220 35.86 19.01 48.04
CA ASP A 220 36.81 20.09 47.74
C ASP A 220 38.24 19.73 48.14
N ASP A 221 38.61 18.46 47.99
CA ASP A 221 39.94 17.99 48.36
C ASP A 221 40.49 17.17 47.20
N PRO A 222 41.67 17.48 46.69
CA PRO A 222 42.28 16.66 45.63
C PRO A 222 43.16 15.52 46.14
N THR A 223 43.14 15.24 47.45
CA THR A 223 44.02 14.24 48.04
C THR A 223 43.29 13.08 48.70
N LYS A 224 41.98 13.13 48.85
CA LYS A 224 41.28 12.09 49.59
C LYS A 224 39.97 11.66 48.93
N CYS A 225 39.81 11.87 47.62
CA CYS A 225 38.69 11.25 46.92
C CYS A 225 39.09 9.84 46.50
N VAL A 226 38.30 9.19 45.66
CA VAL A 226 38.49 7.79 45.32
C VAL A 226 39.18 7.62 43.97
N ALA A 227 38.88 8.48 42.99
CA ALA A 227 39.39 8.31 41.63
C ALA A 227 39.31 9.63 40.91
N CYS A 228 40.45 10.10 40.41
CA CYS A 228 40.51 11.37 39.69
C CYS A 228 40.20 11.18 38.22
N ARG A 229 40.43 12.22 37.44
CA ARG A 229 40.09 12.26 36.02
C ARG A 229 41.29 12.09 35.11
N ASN A 230 42.37 12.83 35.34
CA ASN A 230 43.43 12.92 34.34
C ASN A 230 44.54 11.93 34.60
N PHE A 231 45.20 12.02 35.75
CA PHE A 231 46.38 11.23 36.01
C PHE A 231 46.42 10.90 37.51
N TYR A 232 47.59 10.43 37.95
CA TYR A 232 47.81 10.12 39.36
C TYR A 232 49.27 10.37 39.68
N LEU A 233 49.52 11.00 40.84
CA LEU A 233 50.90 11.19 41.31
C LEU A 233 50.89 11.21 42.83
N ASP A 234 51.15 10.04 43.43
CA ASP A 234 51.61 9.89 44.81
C ASP A 234 50.62 10.46 45.82
N GLY A 235 49.37 9.99 45.75
CA GLY A 235 48.33 10.51 46.58
C GLY A 235 47.70 11.80 46.10
N ARG A 236 48.18 12.36 45.00
CA ARG A 236 47.59 13.54 44.39
C ARG A 236 47.35 13.27 42.91
N CYS A 237 46.63 14.18 42.28
CA CYS A 237 46.32 14.09 40.86
C CYS A 237 46.24 15.49 40.28
N VAL A 238 47.09 15.75 39.30
CA VAL A 238 47.22 17.06 38.68
C VAL A 238 46.82 16.92 37.22
N GLU A 239 46.34 18.02 36.62
CA GLU A 239 45.81 17.99 35.26
C GLU A 239 46.90 17.63 34.24
N THR A 240 48.04 18.30 34.34
CA THR A 240 49.22 17.94 33.57
C THR A 240 50.37 17.73 34.55
N CYS A 241 51.11 16.65 34.38
CA CYS A 241 52.11 16.31 35.38
C CYS A 241 53.37 17.15 35.16
N PRO A 242 53.98 17.62 36.24
CA PRO A 242 55.25 18.34 36.13
C PRO A 242 56.36 17.43 35.65
N PRO A 243 57.36 17.98 34.95
CA PRO A 243 58.36 17.12 34.30
C PRO A 243 59.59 16.87 35.15
N PRO A 244 59.46 16.39 36.40
CA PRO A 244 60.32 15.29 36.82
C PRO A 244 59.79 13.93 36.36
N TYR A 245 58.59 13.89 35.81
CA TYR A 245 57.95 12.65 35.40
C TYR A 245 57.37 12.83 34.00
N TYR A 246 57.18 11.71 33.32
CA TYR A 246 56.55 11.67 32.01
C TYR A 246 55.30 10.81 32.08
N HIS A 247 54.32 11.12 31.24
CA HIS A 247 53.06 10.41 31.29
C HIS A 247 53.19 9.00 30.71
N PHE A 248 52.27 8.13 31.10
CA PHE A 248 52.35 6.72 30.77
C PHE A 248 50.96 6.11 30.85
N GLN A 249 50.50 5.52 29.73
CA GLN A 249 49.20 4.86 29.56
C GLN A 249 48.02 5.79 29.85
N ASP A 250 48.21 7.10 29.64
CA ASP A 250 47.23 8.19 29.81
C ASP A 250 46.44 8.14 31.12
N TRP A 251 47.00 7.55 32.17
CA TRP A 251 46.39 7.59 33.48
C TRP A 251 47.38 7.79 34.61
N ARG A 252 48.68 7.88 34.31
CA ARG A 252 49.70 8.07 35.31
C ARG A 252 50.80 8.96 34.74
N CYS A 253 51.63 9.49 35.63
CA CYS A 253 52.90 10.06 35.23
C CYS A 253 53.95 9.49 36.15
N VAL A 254 55.15 9.29 35.60
CA VAL A 254 56.17 8.49 36.27
C VAL A 254 57.52 8.89 35.71
N ASN A 255 58.57 8.72 36.51
CA ASN A 255 59.90 9.17 36.14
C ASN A 255 60.49 8.29 35.03
N PHE A 256 61.51 8.83 34.35
CA PHE A 256 62.15 8.11 33.26
C PHE A 256 63.05 6.98 33.76
N SER A 257 63.35 6.97 35.07
CA SER A 257 63.97 5.80 35.67
C SER A 257 63.05 4.59 35.60
N PHE A 258 61.73 4.83 35.59
CA PHE A 258 60.78 3.73 35.45
C PHE A 258 60.70 3.22 34.03
N CYS A 259 60.46 4.12 33.04
CA CYS A 259 60.29 3.65 31.66
C CYS A 259 61.55 3.08 31.02
N GLN A 260 62.74 3.34 31.57
CA GLN A 260 63.93 2.91 30.86
C GLN A 260 64.13 1.40 30.89
N ASP A 261 63.81 0.72 31.99
CA ASP A 261 64.12 -0.71 32.05
C ASP A 261 63.11 -1.59 31.33
N LEU A 262 61.87 -1.13 31.11
CA LEU A 262 60.96 -1.90 30.27
C LEU A 262 61.41 -1.90 28.83
N HIS A 263 62.12 -0.86 28.39
CA HIS A 263 62.83 -0.97 27.13
C HIS A 263 63.99 -1.95 27.24
N HIS A 264 64.61 -2.05 28.43
CA HIS A 264 65.79 -2.88 28.59
C HIS A 264 65.45 -4.35 28.88
N LYS A 265 64.43 -4.61 29.69
CA LYS A 265 64.15 -5.99 30.09
C LYS A 265 63.63 -6.83 28.94
N CYS A 266 62.99 -6.21 27.95
CA CYS A 266 62.45 -6.93 26.81
C CYS A 266 62.80 -6.28 25.46
N LYS A 267 63.93 -5.56 25.37
CA LYS A 267 64.64 -5.51 24.11
C LYS A 267 65.20 -6.88 23.74
N ASN A 268 65.41 -7.74 24.72
CA ASN A 268 65.55 -9.17 24.51
C ASN A 268 64.23 -9.69 23.95
N SER A 269 64.24 -10.14 22.69
CA SER A 269 63.00 -10.52 22.00
C SER A 269 62.53 -11.89 22.51
N ARG A 270 61.97 -11.86 23.72
CA ARG A 270 61.41 -13.05 24.34
C ARG A 270 59.90 -13.04 24.38
N ARG A 271 59.28 -11.88 24.16
CA ARG A 271 57.84 -11.76 24.05
C ARG A 271 57.53 -10.57 23.16
N GLN A 272 56.59 -10.76 22.24
CA GLN A 272 56.14 -9.69 21.35
C GLN A 272 55.06 -8.82 21.97
N GLY A 273 54.76 -9.01 23.25
CA GLY A 273 53.77 -8.20 23.93
C GLY A 273 54.26 -6.87 24.39
N CYS A 274 55.57 -6.64 24.30
CA CYS A 274 56.16 -5.35 24.58
C CYS A 274 56.14 -4.48 23.34
N HIS A 275 56.43 -3.21 23.54
CA HIS A 275 56.95 -2.35 22.51
C HIS A 275 58.05 -1.50 23.12
N GLN A 276 59.05 -1.16 22.32
CA GLN A 276 60.20 -0.40 22.80
C GLN A 276 59.76 1.03 23.07
N TYR A 277 59.50 1.33 24.35
CA TYR A 277 58.89 2.59 24.73
C TYR A 277 59.86 3.76 24.58
N VAL A 278 59.37 4.85 23.98
CA VAL A 278 60.18 6.00 23.60
C VAL A 278 59.61 7.25 24.26
N ILE A 279 60.49 8.07 24.83
CA ILE A 279 60.10 9.36 25.37
C ILE A 279 59.85 10.33 24.23
N HIS A 280 58.68 10.97 24.24
CA HIS A 280 58.37 12.06 23.33
C HIS A 280 57.24 12.87 23.92
N ASN A 281 57.47 14.18 24.10
CA ASN A 281 56.49 15.14 24.61
C ASN A 281 55.95 14.72 25.97
N ASN A 282 56.86 14.26 26.84
CA ASN A 282 56.57 13.76 28.20
C ASN A 282 55.60 12.58 28.20
N LYS A 283 55.67 11.76 27.15
CA LYS A 283 54.83 10.57 27.05
C LYS A 283 55.70 9.33 26.87
N CYS A 284 55.28 8.23 27.50
CA CYS A 284 55.99 6.95 27.43
C CYS A 284 55.30 6.05 26.41
N ILE A 285 55.28 6.52 25.17
CA ILE A 285 54.57 5.89 24.05
C ILE A 285 55.26 4.60 23.61
N PRO A 286 54.51 3.57 23.19
CA PRO A 286 55.11 2.42 22.51
C PRO A 286 55.90 2.73 21.25
N GLU A 287 55.31 3.42 20.30
CA GLU A 287 56.01 3.83 19.08
C GLU A 287 55.70 5.29 18.79
N CYS A 288 56.75 6.13 18.71
CA CYS A 288 56.48 7.51 18.31
C CYS A 288 56.26 7.56 16.79
N PRO A 289 55.37 8.43 16.29
CA PRO A 289 54.89 8.32 14.91
C PRO A 289 55.90 8.72 13.85
N SER A 290 55.40 8.81 12.62
CA SER A 290 56.21 9.10 11.44
C SER A 290 56.85 10.48 11.52
N GLY A 291 57.87 10.68 10.68
CA GLY A 291 58.66 11.89 10.76
C GLY A 291 59.65 11.89 11.90
N TYR A 292 59.92 10.74 12.51
CA TYR A 292 60.79 10.68 13.68
C TYR A 292 61.55 9.36 13.67
N THR A 293 62.73 9.35 14.29
CA THR A 293 63.50 8.14 14.49
C THR A 293 64.23 8.23 15.83
N MET A 294 64.31 7.09 16.52
CA MET A 294 64.83 7.04 17.89
C MET A 294 66.34 7.17 17.94
N ASN A 295 66.83 7.79 19.00
CA ASN A 295 68.25 7.80 19.30
C ASN A 295 68.58 6.74 20.35
N SER A 296 69.84 6.31 20.36
CA SER A 296 70.24 5.17 21.16
C SER A 296 70.38 5.53 22.63
N SER A 297 71.20 6.54 22.92
CA SER A 297 71.53 6.85 24.31
C SER A 297 70.40 7.62 25.00
N ASN A 298 69.87 8.64 24.33
CA ASN A 298 68.94 9.56 24.97
C ASN A 298 67.55 8.98 25.15
N LEU A 299 67.22 7.91 24.40
CA LEU A 299 65.96 7.17 24.41
C LEU A 299 64.77 8.01 23.90
N LEU A 300 65.02 9.18 23.34
CA LEU A 300 63.97 9.98 22.72
C LEU A 300 63.88 9.60 21.24
N CYS A 301 63.13 10.37 20.46
CA CYS A 301 63.16 10.24 19.01
C CYS A 301 63.18 11.64 18.40
N THR A 302 64.23 11.91 17.62
CA THR A 302 64.49 13.17 16.94
C THR A 302 63.77 13.18 15.59
N PRO A 303 63.45 14.37 15.06
CA PRO A 303 62.97 14.46 13.68
C PRO A 303 63.99 13.91 12.69
N CYS A 304 63.55 12.96 11.87
CA CYS A 304 64.44 12.26 10.97
C CYS A 304 64.83 13.14 9.80
N LEU A 305 66.01 12.87 9.24
CA LEU A 305 66.44 13.54 8.02
C LEU A 305 65.61 13.03 6.86
N GLY A 306 65.08 13.96 6.05
CA GLY A 306 64.19 13.61 4.97
C GLY A 306 62.86 13.08 5.47
N PRO A 307 62.06 12.52 4.56
CA PRO A 307 60.82 11.85 4.99
C PRO A 307 61.09 10.42 5.42
N CYS A 308 60.54 10.04 6.56
CA CYS A 308 60.58 8.65 7.02
C CYS A 308 59.16 8.18 7.28
N PRO A 309 58.57 7.39 6.39
CA PRO A 309 57.20 6.94 6.60
C PRO A 309 57.14 5.79 7.60
N LYS A 310 56.32 5.94 8.64
CA LYS A 310 56.14 4.84 9.59
C LYS A 310 55.23 3.83 8.92
N VAL A 311 55.83 2.82 8.29
CA VAL A 311 55.07 1.83 7.59
C VAL A 311 54.39 0.90 8.58
N CYS A 312 53.39 0.17 8.10
CA CYS A 312 52.56 -0.66 8.97
C CYS A 312 52.39 -1.99 8.23
N HIS A 313 53.32 -2.92 8.47
CA HIS A 313 53.43 -4.15 7.69
C HIS A 313 52.28 -5.07 8.05
N LEU A 314 51.23 -5.06 7.23
CA LEU A 314 49.98 -5.73 7.58
C LEU A 314 50.12 -7.23 7.39
N LEU A 315 49.68 -7.99 8.38
CA LEU A 315 49.80 -9.43 8.34
C LEU A 315 48.76 -10.03 7.41
N GLU A 316 49.16 -11.11 6.72
CA GLU A 316 48.38 -11.88 5.71
C GLU A 316 47.67 -11.01 4.66
N GLY A 317 48.23 -9.84 4.34
CA GLY A 317 47.82 -9.07 3.18
C GLY A 317 46.56 -8.23 3.35
N GLU A 318 45.63 -8.65 4.20
CA GLU A 318 44.38 -7.93 4.35
C GLU A 318 43.88 -8.11 5.77
N LYS A 319 43.28 -7.06 6.31
CA LYS A 319 42.77 -7.05 7.67
C LYS A 319 41.43 -6.34 7.65
N THR A 320 40.36 -7.09 7.82
CA THR A 320 39.03 -6.50 7.77
C THR A 320 38.79 -5.62 8.98
N ILE A 321 38.19 -4.46 8.74
CA ILE A 321 37.89 -3.51 9.80
C ILE A 321 36.44 -3.74 10.17
N ASP A 322 36.22 -4.38 11.32
CA ASP A 322 34.86 -4.63 11.78
C ASP A 322 34.36 -3.60 12.77
N SER A 323 35.24 -3.03 13.57
CA SER A 323 34.84 -2.06 14.56
C SER A 323 36.06 -1.25 14.98
N VAL A 324 35.86 -0.44 16.01
CA VAL A 324 36.93 0.40 16.53
C VAL A 324 38.01 -0.45 17.20
N THR A 325 37.67 -1.67 17.62
CA THR A 325 38.70 -2.60 18.10
C THR A 325 39.62 -3.02 16.97
N SER A 326 39.03 -3.39 15.84
CA SER A 326 39.82 -3.76 14.68
C SER A 326 40.54 -2.58 14.07
N ALA A 327 40.04 -1.36 14.28
CA ALA A 327 40.65 -0.20 13.67
C ALA A 327 41.77 0.40 14.51
N GLN A 328 41.83 0.09 15.80
CA GLN A 328 42.81 0.73 16.66
C GLN A 328 44.20 0.13 16.48
N GLU A 329 44.32 -1.00 15.80
CA GLU A 329 45.63 -1.56 15.49
C GLU A 329 46.34 -0.77 14.41
N LEU A 330 45.62 0.05 13.65
CA LEU A 330 46.19 0.85 12.58
C LEU A 330 46.50 2.27 13.02
N ARG A 331 46.36 2.58 14.30
CA ARG A 331 46.53 3.94 14.78
C ARG A 331 47.99 4.35 14.71
N GLY A 332 48.24 5.49 14.06
CA GLY A 332 49.56 6.00 13.88
C GLY A 332 50.22 5.59 12.57
N CYS A 333 49.81 4.45 12.02
CA CYS A 333 50.38 3.95 10.78
C CYS A 333 49.97 4.85 9.62
N THR A 334 50.81 4.89 8.59
CA THR A 334 50.53 5.71 7.43
C THR A 334 50.77 5.04 6.10
N VAL A 335 51.45 3.90 6.05
CA VAL A 335 51.69 3.18 4.82
C VAL A 335 51.15 1.77 5.00
N ILE A 336 50.09 1.45 4.27
CA ILE A 336 49.43 0.15 4.37
C ILE A 336 50.10 -0.74 3.33
N ASN A 337 50.88 -1.72 3.78
CA ASN A 337 51.61 -2.60 2.88
C ASN A 337 50.80 -3.83 2.48
N GLY A 338 49.48 -3.74 2.52
CA GLY A 338 48.61 -4.83 2.12
C GLY A 338 47.38 -4.27 1.46
N SER A 339 46.26 -4.95 1.64
CA SER A 339 44.96 -4.46 1.18
C SER A 339 44.07 -4.21 2.39
N LEU A 340 42.93 -3.57 2.16
CA LEU A 340 42.12 -3.06 3.25
C LEU A 340 40.64 -3.24 2.93
N ILE A 341 39.89 -3.79 3.88
CA ILE A 341 38.46 -4.04 3.72
C ILE A 341 37.74 -3.43 4.91
N ILE A 342 36.82 -2.51 4.66
CA ILE A 342 35.98 -1.98 5.73
C ILE A 342 34.62 -2.68 5.68
N ASN A 343 34.13 -3.06 6.86
CA ASN A 343 32.91 -3.84 6.96
C ASN A 343 32.28 -3.52 8.30
N ILE A 344 31.34 -2.58 8.31
CA ILE A 344 30.65 -2.20 9.53
C ILE A 344 29.21 -2.66 9.39
N ARG A 345 28.83 -3.65 10.19
CA ARG A 345 27.52 -4.27 10.08
C ARG A 345 26.56 -3.63 11.07
N GLY A 346 25.42 -3.17 10.56
CA GLY A 346 24.33 -2.71 11.40
C GLY A 346 24.67 -1.48 12.20
N GLY A 347 24.04 -1.36 13.35
CA GLY A 347 24.36 -0.33 14.30
C GLY A 347 23.93 1.06 13.86
N ASN A 348 24.47 2.04 14.58
CA ASN A 348 24.09 3.43 14.44
C ASN A 348 25.01 4.20 13.50
N ASN A 349 26.30 4.32 13.86
CA ASN A 349 27.32 5.07 13.12
C ASN A 349 28.66 4.83 13.79
N LEU A 350 29.73 4.80 13.01
CA LEU A 350 31.08 4.80 13.57
C LEU A 350 31.93 5.93 13.01
N ALA A 351 31.34 6.87 12.28
CA ALA A 351 32.08 7.91 11.59
C ALA A 351 32.56 9.03 12.51
N ALA A 352 32.41 8.88 13.83
CA ALA A 352 32.94 9.85 14.77
C ALA A 352 34.26 9.39 15.39
N GLU A 353 34.61 8.12 15.24
CA GLU A 353 35.83 7.60 15.81
C GLU A 353 36.84 7.11 14.78
N LEU A 354 36.42 6.88 13.54
CA LEU A 354 37.37 6.44 12.53
C LEU A 354 38.30 7.56 12.11
N GLU A 355 37.86 8.82 12.24
CA GLU A 355 38.72 9.93 11.87
C GLU A 355 39.91 10.06 12.80
N ALA A 356 39.69 9.89 14.10
CA ALA A 356 40.78 9.93 15.06
C ALA A 356 41.50 8.60 15.20
N ASN A 357 41.20 7.63 14.36
CA ASN A 357 41.87 6.34 14.53
C ASN A 357 42.72 5.94 13.35
N LEU A 358 42.19 6.02 12.13
CA LEU A 358 42.99 5.72 10.94
C LEU A 358 43.01 6.89 9.96
N GLY A 359 42.62 8.08 10.42
CA GLY A 359 42.65 9.27 9.59
C GLY A 359 44.01 9.85 9.29
N LEU A 360 45.09 9.16 9.66
CA LEU A 360 46.45 9.60 9.38
C LEU A 360 47.15 8.68 8.40
N ILE A 361 46.38 8.00 7.54
CA ILE A 361 46.96 7.10 6.56
C ILE A 361 47.08 7.85 5.23
N GLU A 362 48.09 7.51 4.47
CA GLU A 362 48.31 8.12 3.17
C GLU A 362 48.44 7.11 2.05
N GLU A 363 49.05 5.95 2.31
CA GLU A 363 49.46 5.03 1.27
C GLU A 363 48.89 3.65 1.54
N ILE A 364 48.01 3.19 0.66
CA ILE A 364 47.56 1.80 0.65
C ILE A 364 48.20 1.10 -0.53
N SER A 365 48.60 -0.15 -0.34
CA SER A 365 49.25 -0.89 -1.41
C SER A 365 48.29 -1.73 -2.23
N GLY A 366 47.38 -2.45 -1.59
CA GLY A 366 46.47 -3.30 -2.30
C GLY A 366 45.22 -2.59 -2.77
N TYR A 367 44.06 -3.14 -2.45
CA TYR A 367 42.80 -2.62 -2.91
C TYR A 367 41.94 -2.24 -1.72
N LEU A 368 40.98 -1.35 -1.95
CA LEU A 368 40.06 -0.88 -0.93
C LEU A 368 38.66 -1.32 -1.32
N LYS A 369 38.02 -2.12 -0.47
CA LYS A 369 36.74 -2.72 -0.79
C LYS A 369 35.73 -2.40 0.31
N ILE A 370 34.57 -1.90 -0.08
CA ILE A 370 33.51 -1.51 0.84
C ILE A 370 32.31 -2.39 0.56
N ARG A 371 32.11 -3.43 1.37
CA ARG A 371 30.97 -4.30 1.20
C ARG A 371 30.10 -4.29 2.45
N ARG A 372 28.79 -4.47 2.22
CA ARG A 372 27.79 -4.83 3.23
C ARG A 372 27.61 -3.79 4.33
N SER A 373 28.12 -2.57 4.16
CA SER A 373 27.89 -1.56 5.18
C SER A 373 26.46 -1.06 5.13
N TYR A 374 25.99 -0.57 6.27
CA TYR A 374 24.61 -0.11 6.37
C TYR A 374 24.53 1.32 6.86
N ALA A 375 25.52 1.75 7.62
CA ALA A 375 25.35 3.00 8.35
C ALA A 375 26.47 3.98 8.07
N LEU A 376 27.23 3.77 7.01
CA LEU A 376 28.13 4.84 6.59
C LEU A 376 27.34 5.90 5.85
N VAL A 377 27.83 7.15 5.93
CA VAL A 377 27.15 8.23 5.24
C VAL A 377 28.12 8.86 4.26
N SER A 378 29.41 8.78 4.55
CA SER A 378 30.42 9.35 3.67
C SER A 378 31.74 8.66 3.93
N LEU A 379 32.62 8.72 2.94
CA LEU A 379 33.96 8.18 3.09
C LEU A 379 34.96 9.24 3.53
N SER A 380 34.48 10.35 4.10
CA SER A 380 35.36 11.44 4.46
C SER A 380 36.22 11.15 5.68
N PHE A 381 35.99 10.04 6.38
CA PHE A 381 36.87 9.66 7.48
C PHE A 381 38.27 9.33 6.99
N PHE A 382 38.39 8.80 5.78
CA PHE A 382 39.68 8.76 5.11
C PHE A 382 40.07 10.18 4.78
N ARG A 383 40.98 10.74 5.56
CA ARG A 383 41.35 12.14 5.39
C ARG A 383 42.35 12.31 4.26
N LYS A 384 43.36 11.44 4.19
CA LYS A 384 44.51 11.73 3.34
C LYS A 384 44.82 10.63 2.35
N LEU A 385 43.82 10.12 1.63
CA LEU A 385 44.10 9.24 0.52
C LEU A 385 44.54 10.05 -0.69
N ARG A 386 45.64 9.62 -1.30
CA ARG A 386 46.02 10.18 -2.60
C ARG A 386 46.49 9.15 -3.61
N LEU A 387 46.93 7.96 -3.19
CA LEU A 387 47.60 7.04 -4.09
C LEU A 387 47.20 5.62 -3.71
N ILE A 388 46.63 4.89 -4.66
CA ILE A 388 46.33 3.49 -4.49
C ILE A 388 47.23 2.71 -5.45
N ARG A 389 48.09 1.86 -4.90
CA ARG A 389 49.13 1.22 -5.71
C ARG A 389 48.57 0.06 -6.52
N GLY A 390 48.13 -0.99 -5.85
CA GLY A 390 47.66 -2.16 -6.57
C GLY A 390 48.77 -3.03 -7.11
N GLU A 391 49.72 -3.43 -6.25
CA GLU A 391 50.63 -4.51 -6.65
C GLU A 391 49.87 -5.83 -6.79
N THR A 392 48.99 -6.12 -5.86
CA THR A 392 47.99 -7.16 -6.02
C THR A 392 46.63 -6.51 -6.24
N LEU A 393 45.76 -7.26 -6.89
CA LEU A 393 44.41 -6.81 -7.17
C LEU A 393 43.42 -7.87 -6.70
N GLU A 394 42.17 -7.46 -6.53
CA GLU A 394 41.13 -8.42 -6.24
C GLU A 394 40.78 -9.19 -7.51
N ILE A 395 40.02 -10.29 -7.33
CA ILE A 395 39.72 -11.17 -8.45
C ILE A 395 38.81 -10.46 -9.45
N GLY A 396 39.04 -10.75 -10.73
CA GLY A 396 38.49 -9.94 -11.79
C GLY A 396 39.31 -8.72 -12.11
N ASN A 397 40.50 -8.57 -11.51
CA ASN A 397 41.42 -7.44 -11.68
C ASN A 397 40.76 -6.11 -11.34
N TYR A 398 40.40 -5.96 -10.07
CA TYR A 398 39.76 -4.76 -9.57
C TYR A 398 40.62 -4.10 -8.49
N SER A 399 40.35 -2.82 -8.24
CA SER A 399 41.06 -2.06 -7.23
C SER A 399 40.17 -1.25 -6.31
N PHE A 400 38.91 -1.01 -6.68
CA PHE A 400 37.98 -0.26 -5.85
C PHE A 400 36.62 -0.92 -5.99
N TYR A 401 36.01 -1.29 -4.87
CA TYR A 401 34.90 -2.24 -4.91
C TYR A 401 33.88 -1.83 -3.86
N ALA A 402 32.77 -1.25 -4.30
CA ALA A 402 31.68 -0.85 -3.43
C ALA A 402 30.45 -1.67 -3.77
N LEU A 403 29.82 -2.27 -2.76
CA LEU A 403 28.68 -3.14 -3.00
C LEU A 403 27.82 -3.20 -1.75
N ASP A 404 26.52 -3.00 -1.93
CA ASP A 404 25.47 -3.12 -0.90
C ASP A 404 25.73 -2.17 0.27
N ASN A 405 25.64 -0.89 -0.04
CA ASN A 405 25.79 0.16 0.97
C ASN A 405 24.49 0.96 1.00
N GLN A 406 23.67 0.71 2.00
CA GLN A 406 22.31 1.23 2.01
C GLN A 406 22.22 2.73 2.25
N ASN A 407 23.29 3.36 2.74
CA ASN A 407 23.18 4.79 3.01
C ASN A 407 24.45 5.57 2.64
N LEU A 408 25.31 5.00 1.82
CA LEU A 408 26.51 5.72 1.39
C LEU A 408 26.10 6.82 0.41
N ARG A 409 26.40 8.07 0.76
CA ARG A 409 25.83 9.20 0.03
C ARG A 409 26.85 10.03 -0.73
N GLN A 410 27.91 10.50 -0.08
CA GLN A 410 28.92 11.32 -0.72
C GLN A 410 30.27 10.63 -0.57
N LEU A 411 30.95 10.39 -1.69
CA LEU A 411 32.27 9.78 -1.64
C LEU A 411 33.31 10.75 -1.10
N TRP A 412 33.50 11.88 -1.76
CA TRP A 412 34.42 12.92 -1.31
C TRP A 412 33.96 14.27 -1.83
N ASP A 413 34.43 15.32 -1.16
CA ASP A 413 34.33 16.69 -1.66
C ASP A 413 35.54 16.95 -2.55
N TRP A 414 35.33 16.94 -3.87
CA TRP A 414 36.43 16.92 -4.81
C TRP A 414 37.20 18.24 -4.88
N SER A 415 36.60 19.33 -4.40
CA SER A 415 37.24 20.63 -4.49
C SER A 415 38.44 20.76 -3.56
N LYS A 416 38.52 19.95 -2.51
CA LYS A 416 39.63 19.99 -1.57
C LYS A 416 40.22 18.60 -1.40
N HIS A 417 40.31 17.84 -2.49
CA HIS A 417 40.72 16.45 -2.35
C HIS A 417 41.37 15.98 -3.63
N ASN A 418 42.27 15.01 -3.50
CA ASN A 418 42.95 14.42 -4.63
C ASN A 418 42.92 12.90 -4.48
N LEU A 419 43.01 12.20 -5.61
CA LEU A 419 43.01 10.74 -5.60
C LEU A 419 43.65 10.27 -6.89
N THR A 420 44.65 9.40 -6.79
CA THR A 420 45.25 8.77 -7.95
C THR A 420 45.11 7.26 -7.83
N THR A 421 44.90 6.61 -8.97
CA THR A 421 44.88 5.15 -9.07
C THR A 421 45.85 4.76 -10.18
N THR A 422 46.90 4.02 -9.82
CA THR A 422 47.93 3.67 -10.78
C THR A 422 47.39 2.70 -11.83
N GLN A 423 46.78 1.61 -11.40
CA GLN A 423 46.20 0.63 -12.30
C GLN A 423 44.89 0.17 -11.70
N GLY A 424 44.34 -0.90 -12.25
CA GLY A 424 43.13 -1.48 -11.70
C GLY A 424 41.87 -1.06 -12.42
N LYS A 425 40.75 -1.47 -11.83
CA LYS A 425 39.43 -1.28 -12.40
C LYS A 425 38.44 -1.09 -11.27
N LEU A 426 37.58 -0.09 -11.39
CA LEU A 426 36.61 0.19 -10.33
C LEU A 426 35.30 -0.57 -10.59
N PHE A 427 34.38 -0.48 -9.64
CA PHE A 427 33.23 -1.37 -9.59
C PHE A 427 32.18 -0.77 -8.67
N PHE A 428 30.91 -0.86 -9.06
CA PHE A 428 29.82 -0.33 -8.25
C PHE A 428 28.57 -1.16 -8.49
N HIS A 429 27.84 -1.47 -7.42
CA HIS A 429 26.59 -2.19 -7.50
C HIS A 429 25.80 -1.96 -6.22
N TYR A 430 24.49 -1.78 -6.37
CA TYR A 430 23.51 -1.75 -5.27
C TYR A 430 23.84 -0.67 -4.25
N ASN A 431 23.91 0.58 -4.73
CA ASN A 431 24.24 1.72 -3.90
C ASN A 431 23.08 2.71 -4.02
N PRO A 432 21.97 2.46 -3.33
CA PRO A 432 20.72 3.19 -3.62
C PRO A 432 20.75 4.66 -3.24
N LYS A 433 21.74 5.15 -2.53
CA LYS A 433 21.85 6.56 -2.25
C LYS A 433 23.15 7.11 -2.82
N LEU A 434 23.56 6.61 -3.98
CA LEU A 434 24.79 7.04 -4.61
C LEU A 434 24.53 7.41 -6.05
N CYS A 435 24.81 8.66 -6.37
CA CYS A 435 24.42 9.27 -7.63
C CYS A 435 25.35 8.86 -8.75
N LEU A 436 24.84 8.89 -9.99
CA LEU A 436 25.69 8.58 -11.13
C LEU A 436 26.62 9.73 -11.50
N SER A 437 26.37 10.94 -10.99
CA SER A 437 27.27 12.05 -11.24
C SER A 437 28.57 11.90 -10.47
N GLU A 438 28.51 11.32 -9.27
CA GLU A 438 29.69 11.23 -8.42
C GLU A 438 30.70 10.24 -8.95
N ILE A 439 30.23 9.09 -9.44
CA ILE A 439 31.14 8.07 -9.94
C ILE A 439 31.80 8.50 -11.24
N HIS A 440 31.13 9.34 -12.03
CA HIS A 440 31.77 9.91 -13.20
C HIS A 440 32.74 11.02 -12.80
N LYS A 441 32.38 11.79 -11.77
CA LYS A 441 33.32 12.74 -11.19
C LYS A 441 34.47 12.03 -10.48
N MET A 442 34.21 10.82 -9.96
CA MET A 442 35.28 9.98 -9.42
C MET A 442 36.27 9.59 -10.51
N GLU A 443 35.77 9.38 -11.72
CA GLU A 443 36.64 9.03 -12.84
C GLU A 443 37.53 10.21 -13.24
N GLU A 444 37.04 11.44 -13.09
CA GLU A 444 37.76 12.61 -13.57
C GLU A 444 38.85 13.08 -12.62
N VAL A 445 38.99 12.46 -11.45
CA VAL A 445 40.09 12.78 -10.57
C VAL A 445 41.04 11.58 -10.66
N SER A 446 40.47 10.43 -10.96
CA SER A 446 41.20 9.18 -11.09
C SER A 446 42.16 9.21 -12.28
N GLY A 447 43.16 8.33 -12.22
CA GLY A 447 44.05 8.17 -13.35
C GLY A 447 43.40 7.49 -14.53
N THR A 448 42.35 6.71 -14.30
CA THR A 448 41.65 6.06 -15.39
C THR A 448 40.53 6.95 -15.93
N LYS A 449 40.27 6.80 -17.22
CA LYS A 449 39.23 7.52 -17.94
C LYS A 449 38.30 6.59 -18.70
N GLY A 450 38.83 5.52 -19.28
CA GLY A 450 38.01 4.62 -20.08
C GLY A 450 38.39 3.16 -19.95
N ARG A 451 39.16 2.84 -18.91
CA ARG A 451 39.49 1.44 -18.61
C ARG A 451 38.24 0.79 -18.06
N GLN A 452 37.50 0.09 -18.93
CA GLN A 452 36.23 -0.53 -18.57
C GLN A 452 36.30 -2.01 -18.86
N GLU A 453 35.25 -2.74 -18.50
CA GLU A 453 35.26 -4.18 -18.69
C GLU A 453 34.14 -4.69 -19.57
N ARG A 454 32.96 -4.05 -19.55
CA ARG A 454 31.78 -4.42 -20.37
C ARG A 454 31.35 -5.86 -20.09
N ASN A 455 30.78 -6.08 -18.90
CA ASN A 455 30.15 -5.04 -18.09
C ASN A 455 30.99 -4.53 -16.93
N ASP A 456 31.26 -3.24 -17.02
CA ASP A 456 31.87 -2.38 -16.01
C ASP A 456 30.83 -1.97 -14.97
N ILE A 457 31.08 -0.83 -14.31
CA ILE A 457 30.19 -0.31 -13.27
C ILE A 457 28.74 -0.19 -13.74
N ALA A 458 27.83 -0.32 -12.78
CA ALA A 458 26.41 -0.40 -13.12
C ALA A 458 25.88 0.97 -13.51
N LEU A 459 24.70 0.95 -14.11
CA LEU A 459 24.09 2.17 -14.62
C LEU A 459 22.62 2.28 -14.27
N LYS A 460 21.98 1.23 -13.79
CA LYS A 460 20.55 1.21 -13.56
C LYS A 460 20.19 1.21 -12.09
N THR A 461 20.88 0.44 -11.27
CA THR A 461 20.51 0.30 -9.87
C THR A 461 21.29 1.23 -8.94
N ASN A 462 22.35 1.88 -9.41
CA ASN A 462 23.17 2.74 -8.55
C ASN A 462 22.44 4.05 -8.35
N GLY A 463 21.79 4.19 -7.19
CA GLY A 463 21.07 5.41 -6.91
C GLY A 463 19.70 5.46 -7.52
N ASP A 464 19.06 4.32 -7.72
CA ASP A 464 17.72 4.30 -8.29
C ASP A 464 16.67 4.82 -7.33
N LYS A 465 16.95 4.88 -6.03
CA LYS A 465 16.00 5.35 -5.05
C LYS A 465 16.42 6.68 -4.43
N ALA A 466 17.34 7.39 -5.06
CA ALA A 466 17.76 8.72 -4.63
C ALA A 466 18.01 9.56 -5.86
N SER A 467 17.30 10.67 -5.99
CA SER A 467 17.29 11.40 -7.24
C SER A 467 18.48 12.36 -7.37
N CYS A 468 18.94 12.52 -8.62
CA CYS A 468 19.75 13.66 -9.02
C CYS A 468 19.36 14.01 -10.43
N GLU A 469 19.28 15.31 -10.71
CA GLU A 469 19.15 15.83 -12.07
C GLU A 469 19.98 17.10 -12.17
N ASN A 470 20.43 17.37 -13.39
CA ASN A 470 21.19 18.57 -13.70
C ASN A 470 20.40 19.44 -14.66
N GLU A 471 19.09 19.46 -14.46
CA GLU A 471 18.17 20.33 -15.15
C GLU A 471 17.12 20.77 -14.14
N LEU A 472 16.74 22.04 -14.19
CA LEU A 472 15.82 22.62 -13.23
C LEU A 472 14.62 23.22 -13.94
N LEU A 473 13.51 23.28 -13.23
CA LEU A 473 12.26 23.80 -13.74
C LEU A 473 11.83 25.01 -12.93
N LYS A 474 11.52 26.10 -13.62
CA LYS A 474 11.00 27.30 -12.99
C LYS A 474 9.50 27.39 -13.23
N PHE A 475 8.76 27.78 -12.21
CA PHE A 475 7.33 28.01 -12.43
C PHE A 475 7.14 29.35 -13.14
N SER A 476 5.98 29.49 -13.77
CA SER A 476 5.65 30.71 -14.49
C SER A 476 4.44 31.43 -13.93
N TYR A 477 3.33 30.72 -13.74
CA TYR A 477 2.09 31.34 -13.30
C TYR A 477 1.50 30.54 -12.15
N ILE A 478 1.20 31.22 -11.05
CA ILE A 478 0.52 30.63 -9.91
C ILE A 478 -0.80 31.36 -9.75
N ARG A 479 -1.87 30.61 -9.46
CA ARG A 479 -3.19 31.19 -9.27
C ARG A 479 -3.73 30.78 -7.92
N THR A 480 -4.15 31.76 -7.13
CA THR A 480 -4.54 31.55 -5.74
C THR A 480 -6.05 31.69 -5.61
N SER A 481 -6.68 30.73 -4.95
CA SER A 481 -8.06 30.82 -4.53
C SER A 481 -8.17 30.34 -3.08
N PHE A 482 -9.39 30.34 -2.56
CA PHE A 482 -9.59 29.82 -1.21
C PHE A 482 -9.73 28.31 -1.19
N ASP A 483 -10.16 27.69 -2.29
CA ASP A 483 -10.39 26.26 -2.35
C ASP A 483 -9.49 25.56 -3.36
N LYS A 484 -9.41 26.08 -4.58
CA LYS A 484 -8.59 25.49 -5.60
C LYS A 484 -7.26 26.23 -5.73
N ILE A 485 -6.34 25.63 -6.48
CA ILE A 485 -5.10 26.29 -6.87
C ILE A 485 -4.70 25.78 -8.24
N LEU A 486 -4.44 26.71 -9.15
CA LEU A 486 -4.08 26.39 -10.53
C LEU A 486 -2.58 26.63 -10.68
N LEU A 487 -1.90 25.69 -11.31
CA LEU A 487 -0.46 25.67 -11.39
C LEU A 487 -0.03 25.56 -12.84
N ARG A 488 1.02 26.29 -13.21
CA ARG A 488 1.49 26.26 -14.60
C ARG A 488 2.97 26.60 -14.63
N TRP A 489 3.78 25.68 -15.13
CA TRP A 489 5.22 25.86 -15.22
C TRP A 489 5.68 25.79 -16.67
N GLU A 490 7.00 25.87 -16.87
CA GLU A 490 7.56 26.07 -18.19
C GLU A 490 7.53 24.79 -19.01
N PRO A 491 7.51 24.89 -20.33
CA PRO A 491 7.64 23.69 -21.16
C PRO A 491 9.08 23.20 -21.17
N TYR A 492 9.21 21.92 -21.50
CA TYR A 492 10.49 21.23 -21.41
C TYR A 492 10.42 19.95 -22.24
N TRP A 493 11.52 19.61 -22.91
CA TRP A 493 11.61 18.37 -23.65
C TRP A 493 12.97 17.74 -23.44
N PRO A 494 13.03 16.40 -23.44
CA PRO A 494 14.31 15.69 -23.52
C PRO A 494 14.89 15.80 -24.91
N PRO A 495 16.14 15.36 -25.13
CA PRO A 495 16.72 15.41 -26.49
C PRO A 495 16.02 14.54 -27.54
N ASP A 496 15.16 13.61 -27.14
CA ASP A 496 14.26 12.91 -28.06
C ASP A 496 12.89 12.94 -27.42
N PHE A 497 11.95 13.68 -28.03
CA PHE A 497 10.74 14.05 -27.32
C PHE A 497 9.74 12.92 -27.19
N ARG A 498 9.92 11.81 -27.90
CA ARG A 498 9.03 10.67 -27.71
C ARG A 498 9.24 10.03 -26.35
N ASP A 499 10.46 10.13 -25.82
CA ASP A 499 10.74 9.64 -24.48
C ASP A 499 10.29 10.69 -23.49
N LEU A 500 9.01 10.65 -23.14
CA LEU A 500 8.47 11.48 -22.07
C LEU A 500 7.19 10.84 -21.55
N LEU A 501 7.05 10.76 -20.24
CA LEU A 501 5.93 10.05 -19.65
C LEU A 501 4.93 10.98 -18.98
N GLY A 502 5.23 12.27 -18.91
CA GLY A 502 4.44 13.20 -18.15
C GLY A 502 5.24 13.81 -17.02
N PHE A 503 4.55 14.13 -15.93
CA PHE A 503 5.20 14.70 -14.77
C PHE A 503 4.60 14.11 -13.51
N MET A 504 5.35 14.23 -12.42
CA MET A 504 4.90 13.83 -11.10
C MET A 504 4.83 15.06 -10.22
N LEU A 505 3.66 15.31 -9.65
CA LEU A 505 3.43 16.45 -8.78
C LEU A 505 3.24 15.96 -7.35
N PHE A 506 4.26 16.16 -6.53
CA PHE A 506 4.18 15.88 -5.10
C PHE A 506 3.74 17.13 -4.37
N TYR A 507 2.85 16.97 -3.40
CA TYR A 507 2.42 18.10 -2.61
C TYR A 507 1.95 17.62 -1.25
N LYS A 508 2.17 18.47 -0.25
CA LYS A 508 1.70 18.25 1.11
C LYS A 508 1.68 19.60 1.81
N GLU A 509 1.12 19.61 3.01
CA GLU A 509 1.03 20.83 3.79
C GLU A 509 2.21 20.92 4.75
N ALA A 510 2.32 22.07 5.40
CA ALA A 510 3.36 22.32 6.40
C ALA A 510 2.92 23.47 7.27
N PRO A 511 3.17 23.42 8.59
CA PRO A 511 2.85 24.60 9.41
C PRO A 511 3.85 25.73 9.24
N TYR A 512 5.09 25.42 8.85
CA TYR A 512 6.13 26.42 8.68
C TYR A 512 6.93 26.09 7.43
N GLN A 513 7.87 26.98 7.11
CA GLN A 513 8.74 26.79 5.96
C GLN A 513 10.03 26.04 6.30
N ASN A 514 10.02 25.26 7.37
CA ASN A 514 11.13 24.35 7.68
C ASN A 514 10.92 22.98 7.06
N VAL A 515 10.63 22.97 5.76
CA VAL A 515 10.29 21.75 5.05
C VAL A 515 11.59 21.02 4.68
N THR A 516 11.66 19.75 5.03
CA THR A 516 12.80 18.92 4.68
C THR A 516 12.86 18.69 3.18
N GLU A 517 14.07 18.41 2.70
CA GLU A 517 14.26 17.95 1.34
C GLU A 517 13.62 16.59 1.17
N PHE A 518 12.83 16.44 0.11
CA PHE A 518 12.16 15.17 -0.15
C PHE A 518 13.19 14.10 -0.50
N ASP A 519 13.44 13.22 0.45
CA ASP A 519 14.43 12.15 0.29
C ASP A 519 13.93 11.01 -0.57
N GLY A 520 12.61 10.84 -0.64
CA GLY A 520 12.02 9.69 -1.29
C GLY A 520 11.50 8.76 -0.22
N GLN A 521 10.21 8.86 0.07
CA GLN A 521 9.59 7.99 1.06
C GLN A 521 8.12 7.90 0.72
N ASP A 522 7.59 6.67 0.72
CA ASP A 522 6.19 6.47 0.42
C ASP A 522 5.56 5.68 1.55
N ALA A 523 4.24 5.70 1.56
CA ALA A 523 3.48 4.89 2.49
C ALA A 523 2.13 4.62 1.86
N CYS A 524 1.54 3.49 2.23
CA CYS A 524 0.19 3.22 1.77
C CYS A 524 -0.86 3.98 2.58
N GLY A 525 -0.45 4.70 3.62
CA GLY A 525 -1.37 5.54 4.37
C GLY A 525 -1.07 7.03 4.23
N SER A 526 -1.22 7.77 5.32
CA SER A 526 -1.01 9.22 5.31
C SER A 526 -0.08 9.60 6.46
N ASN A 527 1.22 9.65 6.17
CA ASN A 527 2.19 10.28 7.06
C ASN A 527 3.23 11.07 6.27
N SER A 528 3.08 11.15 4.96
CA SER A 528 4.09 11.72 4.08
C SER A 528 3.37 12.37 2.90
N TRP A 529 4.11 12.59 1.82
CA TRP A 529 3.61 13.34 0.67
C TRP A 529 2.57 12.51 -0.10
N THR A 530 1.57 13.20 -0.62
CA THR A 530 0.68 12.61 -1.62
C THR A 530 1.04 13.13 -3.00
N VAL A 531 0.66 12.38 -4.02
CA VAL A 531 1.14 12.61 -5.38
C VAL A 531 0.01 12.40 -6.38
N VAL A 532 -0.03 13.26 -7.40
CA VAL A 532 -0.93 13.13 -8.53
C VAL A 532 -0.07 12.98 -9.78
N ASP A 533 -0.63 12.34 -10.80
CA ASP A 533 0.08 12.08 -12.05
C ASP A 533 -0.55 12.86 -13.20
N ILE A 534 0.29 13.32 -14.12
CA ILE A 534 -0.11 14.28 -15.14
C ILE A 534 0.23 13.68 -16.50
N ASP A 535 -0.73 13.74 -17.42
CA ASP A 535 -0.47 13.39 -18.81
C ASP A 535 0.52 14.40 -19.41
N PRO A 536 1.44 13.96 -20.27
CA PRO A 536 2.38 14.89 -20.88
C PRO A 536 1.68 15.84 -21.82
N PRO A 537 2.17 17.06 -21.99
CA PRO A 537 1.55 17.99 -22.91
C PRO A 537 1.77 17.56 -24.35
N LEU A 538 0.81 17.93 -25.19
CA LEU A 538 0.80 17.47 -26.58
C LEU A 538 1.94 18.13 -27.36
N ARG A 539 2.28 17.52 -28.49
CA ARG A 539 3.33 18.09 -29.32
C ARG A 539 2.76 19.12 -30.27
N SER A 540 3.42 20.27 -30.34
CA SER A 540 3.08 21.32 -31.28
C SER A 540 4.07 21.44 -32.44
N ASN A 541 5.29 20.89 -32.29
CA ASN A 541 6.39 20.99 -33.26
C ASN A 541 6.74 22.45 -33.57
N ASP A 542 6.52 23.35 -32.60
CA ASP A 542 6.63 24.78 -32.76
C ASP A 542 7.25 25.37 -31.50
N PRO A 543 8.35 26.13 -31.63
CA PRO A 543 9.04 26.61 -30.42
C PRO A 543 8.30 27.69 -29.64
N LYS A 544 7.23 28.26 -30.18
CA LYS A 544 6.34 29.16 -29.46
C LYS A 544 5.02 28.42 -29.31
N SER A 545 4.80 27.83 -28.15
CA SER A 545 3.85 26.73 -28.03
C SER A 545 2.86 26.98 -26.91
N GLN A 546 1.71 26.33 -27.05
CA GLN A 546 0.69 26.24 -26.01
C GLN A 546 1.11 25.31 -24.87
N ASN A 547 2.19 24.58 -25.04
CA ASN A 547 2.50 23.37 -24.29
C ASN A 547 2.93 23.62 -22.85
N HIS A 548 2.84 24.83 -22.31
CA HIS A 548 2.93 25.08 -20.88
C HIS A 548 1.94 24.17 -20.16
N PRO A 549 2.41 23.15 -19.45
CA PRO A 549 1.50 22.20 -18.85
C PRO A 549 0.88 22.76 -17.57
N GLY A 550 -0.12 22.06 -17.07
CA GLY A 550 -0.81 22.56 -15.90
C GLY A 550 -1.70 21.52 -15.28
N TRP A 551 -2.08 21.79 -14.03
CA TRP A 551 -2.96 20.93 -13.26
C TRP A 551 -3.56 21.76 -12.14
N LEU A 552 -4.78 21.43 -11.74
CA LEU A 552 -5.55 22.21 -10.78
C LEU A 552 -5.93 21.32 -9.61
N MET A 553 -5.49 21.70 -8.42
CA MET A 553 -5.84 20.96 -7.22
C MET A 553 -7.20 21.41 -6.70
N ARG A 554 -7.90 20.49 -6.04
CA ARG A 554 -9.30 20.73 -5.69
C ARG A 554 -9.53 20.82 -4.18
N GLY A 555 -9.20 19.79 -3.42
CA GLY A 555 -9.63 19.70 -2.05
C GLY A 555 -8.68 20.29 -1.03
N LEU A 556 -8.59 21.62 -0.98
CA LEU A 556 -7.63 22.28 -0.11
C LEU A 556 -8.35 23.10 0.95
N LYS A 557 -7.82 23.05 2.17
CA LYS A 557 -8.42 23.85 3.23
C LYS A 557 -8.00 25.31 3.08
N PRO A 558 -8.92 26.24 3.28
CA PRO A 558 -8.59 27.66 3.15
C PRO A 558 -7.72 28.15 4.29
N TRP A 559 -6.90 29.16 3.95
CA TRP A 559 -5.89 29.76 4.84
C TRP A 559 -4.94 28.71 5.40
N THR A 560 -4.29 27.98 4.51
CA THR A 560 -3.33 26.96 4.88
C THR A 560 -2.06 27.09 4.06
N GLN A 561 -0.92 26.90 4.71
CA GLN A 561 0.38 26.92 4.04
C GLN A 561 0.58 25.62 3.27
N TYR A 562 1.20 25.71 2.10
CA TYR A 562 1.42 24.55 1.25
C TYR A 562 2.82 24.60 0.64
N ALA A 563 3.29 23.44 0.19
CA ALA A 563 4.58 23.31 -0.46
C ALA A 563 4.48 22.29 -1.59
N ILE A 564 4.85 22.71 -2.80
CA ILE A 564 4.73 21.88 -4.00
C ILE A 564 6.04 21.90 -4.76
N PHE A 565 6.23 20.85 -5.57
CA PHE A 565 7.29 20.77 -6.57
C PHE A 565 6.93 19.64 -7.53
N VAL A 566 7.49 19.70 -8.75
CA VAL A 566 7.18 18.72 -9.78
C VAL A 566 8.45 18.01 -10.20
N LYS A 567 8.28 16.87 -10.86
CA LYS A 567 9.39 16.01 -11.22
C LYS A 567 9.09 15.38 -12.58
N THR A 568 10.15 15.17 -13.37
CA THR A 568 10.02 14.58 -14.69
C THR A 568 10.03 13.06 -14.59
N LEU A 569 9.89 12.40 -15.75
CA LEU A 569 9.83 10.94 -15.80
C LEU A 569 10.24 10.47 -17.19
N VAL A 570 11.39 9.80 -17.27
CA VAL A 570 11.97 9.34 -18.53
C VAL A 570 12.13 7.83 -18.44
N THR A 571 12.02 7.13 -19.57
CA THR A 571 12.38 5.71 -19.61
C THR A 571 13.88 5.57 -19.38
N PHE A 572 14.25 4.77 -18.37
CA PHE A 572 15.65 4.47 -18.15
C PHE A 572 16.15 3.55 -19.26
N SER A 573 17.27 3.91 -19.86
CA SER A 573 17.80 3.20 -21.01
C SER A 573 19.29 2.98 -20.80
N ASP A 574 19.98 2.56 -21.85
CA ASP A 574 21.42 2.31 -21.75
C ASP A 574 22.24 3.59 -21.89
N GLU A 575 21.69 4.60 -22.56
CA GLU A 575 22.43 5.85 -22.75
C GLU A 575 22.46 6.67 -21.47
N ARG A 576 23.64 7.16 -21.11
CA ARG A 576 23.83 7.95 -19.88
C ARG A 576 23.50 9.42 -20.17
N ARG A 577 22.21 9.65 -20.43
CA ARG A 577 21.72 10.92 -20.92
C ARG A 577 20.24 10.98 -20.56
N THR A 578 19.59 12.11 -20.87
CA THR A 578 18.20 12.49 -20.55
C THR A 578 17.80 12.10 -19.13
N TYR A 579 18.51 12.71 -18.17
CA TYR A 579 18.27 12.47 -16.75
C TYR A 579 16.98 13.09 -16.24
N GLY A 580 16.28 13.87 -17.04
CA GLY A 580 15.08 14.53 -16.59
C GLY A 580 15.37 15.82 -15.85
N ALA A 581 14.45 16.23 -14.95
CA ALA A 581 14.61 17.52 -14.30
C ALA A 581 13.87 17.54 -12.99
N LYS A 582 14.29 18.45 -12.12
CA LYS A 582 13.66 18.67 -10.81
C LYS A 582 13.30 20.14 -10.67
N SER A 583 12.02 20.40 -10.41
CA SER A 583 11.62 21.75 -10.04
C SER A 583 12.03 22.04 -8.60
N ASP A 584 12.35 23.29 -8.34
CA ASP A 584 12.65 23.71 -6.99
C ASP A 584 11.37 23.72 -6.15
N ILE A 585 11.54 23.54 -4.86
CA ILE A 585 10.40 23.61 -3.95
C ILE A 585 10.05 25.07 -3.69
N ILE A 586 8.76 25.34 -3.56
CA ILE A 586 8.23 26.68 -3.33
C ILE A 586 7.19 26.59 -2.22
N TYR A 587 6.58 27.73 -1.92
CA TYR A 587 5.54 27.80 -0.91
C TYR A 587 4.37 28.63 -1.45
N VAL A 588 3.16 28.12 -1.26
CA VAL A 588 1.93 28.82 -1.62
C VAL A 588 0.94 28.68 -0.48
N GLN A 589 -0.04 29.57 -0.47
CA GLN A 589 -1.07 29.60 0.55
C GLN A 589 -2.44 29.76 -0.10
N THR A 590 -3.45 29.13 0.49
CA THR A 590 -4.83 29.36 0.09
C THR A 590 -5.36 30.66 0.67
N ASP A 591 -6.38 31.22 0.02
CA ASP A 591 -6.97 32.46 0.49
C ASP A 591 -7.89 32.21 1.68
N ALA A 592 -8.25 33.31 2.35
CA ALA A 592 -9.24 33.28 3.42
C ALA A 592 -10.65 33.26 2.84
N THR A 593 -11.62 33.04 3.72
CA THR A 593 -13.02 32.90 3.31
C THR A 593 -13.91 33.23 4.50
N ASN A 594 -15.18 32.84 4.42
CA ASN A 594 -16.09 32.94 5.55
C ASN A 594 -15.59 32.06 6.70
N PRO A 595 -15.84 32.47 7.93
CA PRO A 595 -15.55 31.59 9.07
C PRO A 595 -16.60 30.51 9.21
N SER A 596 -16.41 29.63 10.19
CA SER A 596 -17.41 28.61 10.50
C SER A 596 -18.24 29.07 11.69
N VAL A 597 -19.19 28.23 12.08
CA VAL A 597 -20.16 28.57 13.13
C VAL A 597 -19.46 28.48 14.49
N PRO A 598 -19.69 29.43 15.40
CA PRO A 598 -19.18 29.27 16.77
C PRO A 598 -19.90 28.16 17.50
N LEU A 599 -19.30 27.72 18.60
CA LEU A 599 -19.75 26.53 19.30
C LEU A 599 -20.29 26.86 20.68
N ASP A 600 -21.17 25.99 21.16
CA ASP A 600 -21.75 25.88 22.50
C ASP A 600 -22.24 27.20 23.11
N PRO A 601 -23.33 27.79 22.62
CA PRO A 601 -23.86 29.01 23.26
C PRO A 601 -24.58 28.66 24.56
N ILE A 602 -23.99 29.08 25.68
CA ILE A 602 -24.48 28.72 27.01
C ILE A 602 -24.89 29.99 27.74
N SER A 603 -26.18 30.07 28.09
CA SER A 603 -26.72 31.19 28.85
C SER A 603 -27.34 30.68 30.14
N VAL A 604 -27.19 31.47 31.21
CA VAL A 604 -27.71 31.13 32.52
C VAL A 604 -28.61 32.26 33.00
N SER A 605 -29.81 31.92 33.45
CA SER A 605 -30.76 32.90 33.98
C SER A 605 -30.53 33.05 35.47
N ASN A 606 -29.86 34.13 35.87
CA ASN A 606 -29.62 34.41 37.28
C ASN A 606 -30.31 35.68 37.76
N SER A 607 -30.28 36.76 37.00
CA SER A 607 -30.87 38.02 37.39
C SER A 607 -31.83 38.52 36.31
N SER A 608 -32.48 39.64 36.60
CA SER A 608 -33.43 40.23 35.65
C SER A 608 -32.72 41.16 34.68
N SER A 609 -31.78 41.97 35.16
CA SER A 609 -31.01 42.87 34.31
C SER A 609 -29.60 42.34 34.09
N GLN A 610 -29.33 41.10 34.46
CA GLN A 610 -28.09 40.42 34.10
C GLN A 610 -28.46 39.10 33.44
N ILE A 611 -28.27 39.01 32.13
CA ILE A 611 -28.46 37.78 31.38
C ILE A 611 -27.11 37.40 30.79
N ILE A 612 -26.45 36.46 31.42
CA ILE A 612 -25.12 36.04 30.99
C ILE A 612 -25.28 35.08 29.82
N LEU A 613 -24.30 35.09 28.93
CA LEU A 613 -24.25 34.18 27.80
C LEU A 613 -22.81 33.98 27.39
N LYS A 614 -22.37 32.73 27.33
CA LYS A 614 -21.02 32.40 26.90
C LYS A 614 -21.10 31.43 25.74
N TRP A 615 -19.99 31.33 25.01
CA TRP A 615 -19.91 30.47 23.84
C TRP A 615 -18.51 29.88 23.78
N LYS A 616 -18.21 29.22 22.66
CA LYS A 616 -16.89 28.67 22.39
C LYS A 616 -16.38 29.24 21.09
N PRO A 617 -15.06 29.33 20.92
CA PRO A 617 -14.51 29.76 19.63
C PRO A 617 -14.82 28.72 18.55
N PRO A 618 -14.92 29.14 17.29
CA PRO A 618 -15.33 28.21 16.24
C PRO A 618 -14.26 27.20 15.91
N SER A 619 -14.68 26.14 15.21
CA SER A 619 -13.77 25.07 14.82
C SER A 619 -12.81 25.54 13.74
N ASP A 620 -13.35 26.03 12.63
CA ASP A 620 -12.53 26.51 11.53
C ASP A 620 -12.33 28.01 11.70
N PRO A 621 -11.11 28.49 11.94
CA PRO A 621 -10.91 29.94 12.11
C PRO A 621 -10.89 30.68 10.79
N ASN A 622 -10.36 30.00 9.74
CA ASN A 622 -10.17 30.57 8.40
C ASN A 622 -9.36 31.86 8.44
N GLY A 623 -8.28 31.84 9.21
CA GLY A 623 -7.52 33.04 9.50
C GLY A 623 -7.90 33.62 10.83
N ASN A 624 -7.28 34.76 11.14
CA ASN A 624 -7.59 35.47 12.37
C ASN A 624 -8.97 36.10 12.26
N ILE A 625 -9.88 35.70 13.14
CA ILE A 625 -11.18 36.37 13.23
C ILE A 625 -10.97 37.68 13.95
N THR A 626 -11.93 38.59 13.83
CA THR A 626 -11.81 39.93 14.39
C THR A 626 -12.79 40.20 15.53
N HIS A 627 -14.04 39.83 15.37
CA HIS A 627 -15.05 40.18 16.36
C HIS A 627 -16.21 39.20 16.27
N TYR A 628 -17.31 39.54 16.92
CA TYR A 628 -18.51 38.74 16.93
C TYR A 628 -19.72 39.59 16.61
N LEU A 629 -20.78 38.95 16.13
CA LEU A 629 -22.03 39.62 15.78
C LEU A 629 -23.15 39.05 16.63
N VAL A 630 -23.55 39.80 17.66
CA VAL A 630 -24.61 39.39 18.56
C VAL A 630 -25.87 40.16 18.16
N PHE A 631 -27.04 39.58 18.44
CA PHE A 631 -28.32 40.22 18.19
C PHE A 631 -29.32 39.71 19.21
N TRP A 632 -30.29 40.56 19.56
CA TRP A 632 -31.36 40.11 20.46
C TRP A 632 -32.63 40.87 20.12
N GLU A 633 -33.74 40.32 20.61
CA GLU A 633 -35.07 40.78 20.21
C GLU A 633 -36.15 40.32 21.21
N ARG A 634 -37.12 41.20 21.49
CA ARG A 634 -38.21 40.87 22.39
C ARG A 634 -39.38 40.30 21.60
N GLN A 635 -40.40 39.75 22.28
CA GLN A 635 -41.48 39.09 21.55
C GLN A 635 -42.79 39.05 22.34
N ALA A 636 -43.90 39.08 21.60
CA ALA A 636 -45.25 39.30 22.13
C ALA A 636 -45.87 38.12 22.86
N GLU A 637 -45.16 36.98 22.93
CA GLU A 637 -45.52 35.79 23.71
C GLU A 637 -46.86 35.19 23.23
N ASP A 638 -46.84 34.66 21.99
CA ASP A 638 -47.71 33.57 21.48
C ASP A 638 -49.20 33.73 21.83
N SER A 639 -49.87 34.65 21.12
CA SER A 639 -51.24 35.07 21.43
C SER A 639 -52.31 34.01 21.12
N GLU A 640 -51.95 32.76 20.81
CA GLU A 640 -52.93 31.68 20.76
C GLU A 640 -53.39 31.27 22.14
N LEU A 641 -52.62 31.57 23.19
CA LEU A 641 -52.95 31.23 24.55
C LEU A 641 -53.98 32.17 25.17
N PHE A 642 -54.33 33.25 24.48
CA PHE A 642 -55.25 34.26 25.01
C PHE A 642 -56.71 33.82 24.96
N GLU A 643 -57.02 32.71 24.31
CA GLU A 643 -58.39 32.27 24.10
C GLU A 643 -58.61 30.88 24.68
N LEU A 644 -57.84 30.52 25.69
CA LEU A 644 -58.03 29.28 26.42
C LEU A 644 -58.75 29.57 27.72
N ASP A 645 -59.83 28.83 27.97
CA ASP A 645 -60.37 28.73 29.32
C ASP A 645 -59.37 27.94 30.15
N TYR A 646 -58.73 28.62 31.11
CA TYR A 646 -57.65 28.05 31.91
C TYR A 646 -58.15 27.26 33.11
N CYS A 647 -59.33 26.65 33.00
CA CYS A 647 -60.01 25.92 34.06
C CYS A 647 -60.19 24.46 33.70
N LEU A 648 -59.85 24.10 32.45
CA LEU A 648 -59.91 22.73 31.97
C LEU A 648 -58.53 22.09 32.10
N LYS A 649 -58.37 20.92 31.51
CA LYS A 649 -57.15 20.13 31.72
C LYS A 649 -56.01 20.70 30.88
N GLY A 650 -54.94 21.12 31.56
CA GLY A 650 -53.74 21.57 30.88
C GLY A 650 -53.35 23.02 31.16
N LEU A 651 -52.31 23.19 31.98
CA LEU A 651 -51.70 24.49 32.23
C LEU A 651 -50.20 24.36 31.99
N LYS A 652 -49.57 25.48 31.62
CA LYS A 652 -48.19 25.48 31.15
C LYS A 652 -47.30 26.25 32.13
N LEU A 653 -46.05 25.80 32.25
CA LEU A 653 -45.09 26.40 33.17
C LEU A 653 -43.81 26.73 32.40
N PRO A 654 -43.42 28.00 32.30
CA PRO A 654 -42.15 28.34 31.66
C PRO A 654 -40.99 28.17 32.63
N SER A 655 -39.79 28.40 32.12
CA SER A 655 -38.58 28.28 32.93
C SER A 655 -38.18 29.62 33.52
N CYS A 683 -6.17 -0.68 0.05
CA CYS A 683 -7.03 0.40 0.50
C CYS A 683 -6.83 1.59 -0.45
N SER A 684 -5.59 1.75 -0.92
CA SER A 684 -5.23 2.79 -1.86
C SER A 684 -4.30 2.21 -2.92
N CYS A 685 -3.71 3.12 -3.71
CA CYS A 685 -2.76 2.78 -4.78
C CYS A 685 -1.58 3.73 -4.76
N PRO A 686 -0.54 3.45 -3.96
CA PRO A 686 0.70 4.24 -4.04
C PRO A 686 1.45 3.95 -5.33
N LYS A 687 1.54 2.68 -5.68
CA LYS A 687 2.19 2.25 -6.91
C LYS A 687 1.58 0.94 -7.37
N THR A 688 1.35 0.85 -8.67
CA THR A 688 0.81 -0.35 -9.31
C THR A 688 1.84 -0.92 -10.29
N ASP A 689 3.09 -1.05 -9.82
CA ASP A 689 4.35 -1.13 -10.57
C ASP A 689 4.34 -2.01 -11.82
N SER A 690 3.55 -3.09 -11.79
CA SER A 690 3.38 -3.90 -12.99
C SER A 690 2.70 -3.10 -14.09
N GLN A 691 1.67 -2.32 -13.74
CA GLN A 691 1.01 -1.49 -14.74
C GLN A 691 1.90 -0.34 -15.17
N ILE A 692 2.72 0.18 -14.24
CA ILE A 692 3.80 1.09 -14.62
C ILE A 692 4.77 0.41 -15.58
N LEU A 693 5.09 -0.85 -15.31
CA LEU A 693 5.85 -1.62 -16.29
C LEU A 693 5.04 -1.86 -17.56
N LYS A 694 3.72 -2.00 -17.45
CA LYS A 694 2.89 -2.06 -18.65
C LYS A 694 2.80 -0.70 -19.34
N GLU A 695 2.83 0.38 -18.57
CA GLU A 695 2.71 1.70 -19.18
C GLU A 695 3.98 2.06 -19.95
N LEU A 696 5.15 1.70 -19.41
CA LEU A 696 6.38 1.94 -20.14
C LEU A 696 6.53 0.98 -21.31
N GLU A 697 5.89 -0.19 -21.24
CA GLU A 697 6.02 -1.18 -22.31
C GLU A 697 5.31 -0.72 -23.57
N GLU A 698 4.01 -0.45 -23.46
CA GLU A 698 3.22 -0.16 -24.65
C GLU A 698 3.54 1.23 -25.21
N SER A 699 4.06 2.12 -24.37
CA SER A 699 4.50 3.42 -24.87
C SER A 699 5.76 3.27 -25.72
N SER A 700 6.73 2.50 -25.23
CA SER A 700 7.93 2.27 -26.04
C SER A 700 7.65 1.29 -27.16
N PHE A 701 6.57 0.51 -27.08
CA PHE A 701 6.13 -0.27 -28.21
C PHE A 701 5.71 0.64 -29.36
N ARG A 702 5.15 1.80 -29.03
CA ARG A 702 4.87 2.81 -30.06
C ARG A 702 6.14 3.45 -30.57
N LYS A 703 7.19 3.48 -29.75
CA LYS A 703 8.46 4.03 -30.23
C LYS A 703 9.12 3.10 -31.23
N THR A 704 9.12 1.80 -30.96
CA THR A 704 9.81 0.90 -31.86
C THR A 704 9.02 0.62 -33.12
N PHE A 705 7.72 0.92 -33.13
CA PHE A 705 6.92 0.68 -34.33
C PHE A 705 7.26 1.69 -35.42
N GLU A 706 7.26 2.98 -35.08
CA GLU A 706 7.63 3.97 -36.09
C GLU A 706 9.11 3.94 -36.37
N ASP A 707 9.90 3.36 -35.46
CA ASP A 707 11.33 3.17 -35.72
C ASP A 707 11.55 2.19 -36.85
N TYR A 708 10.67 1.20 -36.99
CA TYR A 708 10.80 0.29 -38.12
C TYR A 708 10.21 0.88 -39.39
N LEU A 709 9.25 1.81 -39.27
CA LEU A 709 8.60 2.35 -40.45
C LEU A 709 9.52 3.29 -41.20
N HIS A 710 10.27 4.11 -40.49
CA HIS A 710 11.18 5.05 -41.13
C HIS A 710 12.32 4.35 -41.83
N ASN A 711 12.78 3.21 -41.31
CA ASN A 711 13.94 2.56 -41.88
C ASN A 711 13.61 1.72 -43.11
N VAL A 712 12.38 1.75 -43.60
CA VAL A 712 12.00 1.04 -44.82
C VAL A 712 11.55 2.01 -45.90
N VAL A 713 10.75 3.02 -45.53
CA VAL A 713 10.20 3.94 -46.52
C VAL A 713 11.19 4.99 -47.02
N PHE A 714 12.35 5.11 -46.40
CA PHE A 714 13.35 6.08 -46.82
C PHE A 714 14.62 5.34 -47.19
N VAL A 715 15.11 5.59 -48.40
CA VAL A 715 16.25 4.85 -48.93
C VAL A 715 17.33 5.82 -49.37
N PRO A 716 18.59 5.65 -48.94
CA PRO A 716 19.67 6.53 -49.39
C PRO A 716 19.94 6.38 -50.87
N ARG A 717 20.51 7.41 -51.45
CA ARG A 717 20.84 7.28 -52.86
C ARG A 717 22.31 6.91 -53.02
N PRO A 718 22.65 5.86 -53.78
CA PRO A 718 24.02 5.40 -53.94
C PRO A 718 24.87 6.33 -54.80
N HIS A 756 -34.48 48.12 13.28
CA HIS A 756 -33.58 46.99 13.45
C HIS A 756 -33.59 46.50 14.90
N ARG A 757 -32.74 45.52 15.19
CA ARG A 757 -32.70 44.94 16.52
C ARG A 757 -31.55 45.53 17.32
N PRO A 758 -31.70 45.64 18.64
CA PRO A 758 -30.58 46.11 19.48
C PRO A 758 -29.46 45.10 19.51
N PHE A 759 -28.24 45.59 19.36
CA PHE A 759 -27.08 44.73 19.12
C PHE A 759 -25.81 45.50 19.44
N GLU A 760 -24.69 44.80 19.36
CA GLU A 760 -23.36 45.39 19.49
C GLU A 760 -22.36 44.46 18.81
N LYS A 761 -21.10 44.85 18.85
CA LYS A 761 -20.00 44.07 18.31
C LYS A 761 -18.97 43.88 19.42
N VAL A 762 -18.74 42.63 19.80
CA VAL A 762 -17.88 42.31 20.94
C VAL A 762 -16.60 41.67 20.43
N VAL A 763 -15.51 41.90 21.18
CA VAL A 763 -14.15 41.62 20.72
C VAL A 763 -13.39 41.08 21.93
N ASN A 764 -12.51 40.10 21.70
CA ASN A 764 -11.56 39.56 22.69
C ASN A 764 -12.25 38.90 23.88
N LYS A 765 -13.43 38.33 23.70
CA LYS A 765 -14.13 37.74 24.84
C LYS A 765 -14.80 36.43 24.45
N GLU A 766 -15.28 35.72 25.46
CA GLU A 766 -16.00 34.48 25.28
C GLU A 766 -17.31 34.43 26.05
N SER A 767 -17.66 35.50 26.78
CA SER A 767 -18.93 35.58 27.48
C SER A 767 -19.43 37.01 27.40
N LEU A 768 -20.75 37.17 27.55
CA LEU A 768 -21.35 38.50 27.44
C LEU A 768 -22.63 38.55 28.25
N VAL A 769 -22.85 39.69 28.91
CA VAL A 769 -24.05 39.98 29.66
C VAL A 769 -24.74 41.18 29.03
N ILE A 770 -26.07 41.17 29.03
CA ILE A 770 -26.89 42.22 28.43
C ILE A 770 -27.82 42.76 29.52
N SER A 771 -27.84 44.08 29.68
CA SER A 771 -28.57 44.75 30.74
C SER A 771 -29.64 45.67 30.16
N GLY A 772 -30.57 46.09 31.03
CA GLY A 772 -31.59 47.04 30.65
C GLY A 772 -32.66 46.44 29.76
N LEU A 773 -33.44 45.50 30.29
CA LEU A 773 -34.26 44.63 29.46
C LEU A 773 -35.38 44.04 30.31
N ARG A 774 -36.48 43.69 29.65
CA ARG A 774 -37.75 43.45 30.34
C ARG A 774 -37.74 42.13 31.10
N HIS A 775 -38.40 42.14 32.25
CA HIS A 775 -38.56 40.95 33.07
C HIS A 775 -39.61 40.01 32.46
N PHE A 776 -39.26 38.72 32.47
CA PHE A 776 -40.10 37.61 31.96
C PHE A 776 -40.52 37.84 30.50
N THR A 777 -39.53 37.75 29.63
CA THR A 777 -39.82 37.53 28.22
C THR A 777 -38.68 36.72 27.62
N GLY A 778 -38.95 36.14 26.45
CA GLY A 778 -37.92 35.44 25.72
C GLY A 778 -37.17 36.35 24.78
N TYR A 779 -35.85 36.18 24.78
CA TYR A 779 -34.98 36.88 23.84
C TYR A 779 -34.26 35.81 23.04
N ARG A 780 -34.59 35.69 21.75
CA ARG A 780 -33.81 34.81 20.89
C ARG A 780 -32.51 35.52 20.54
N ILE A 781 -31.41 35.01 21.08
CA ILE A 781 -30.11 35.62 20.89
C ILE A 781 -29.30 34.70 19.97
N GLU A 782 -28.83 35.25 18.87
CA GLU A 782 -27.99 34.53 17.92
C GLU A 782 -26.63 35.20 17.83
N LEU A 783 -25.64 34.44 17.39
CA LEU A 783 -24.27 34.93 17.46
C LEU A 783 -23.50 34.42 16.25
N GLN A 784 -22.81 35.33 15.58
CA GLN A 784 -21.90 35.01 14.49
C GLN A 784 -20.48 35.39 14.88
N ALA A 785 -19.52 34.63 14.38
CA ALA A 785 -18.13 35.03 14.38
C ALA A 785 -17.76 35.50 12.99
N CYS A 786 -16.70 36.31 12.89
CA CYS A 786 -16.49 37.03 11.64
C CYS A 786 -15.04 37.46 11.51
N ASN A 787 -14.58 37.51 10.26
CA ASN A 787 -13.26 38.02 9.89
C ASN A 787 -13.34 39.53 9.69
N GLN A 788 -12.37 40.10 8.95
CA GLN A 788 -12.25 41.53 8.69
C GLN A 788 -13.54 42.12 8.09
N ASP A 789 -13.77 43.39 8.39
CA ASP A 789 -15.11 43.95 8.38
C ASP A 789 -15.36 45.04 7.34
N THR A 790 -14.51 46.08 7.27
CA THR A 790 -14.92 47.30 6.58
C THR A 790 -14.91 47.15 5.05
N PRO A 791 -13.88 46.52 4.40
CA PRO A 791 -14.15 46.04 3.04
C PRO A 791 -14.67 44.61 3.05
N GLU A 792 -15.89 44.42 2.51
CA GLU A 792 -16.53 43.11 2.33
C GLU A 792 -16.66 42.36 3.66
N GLU A 793 -17.55 42.90 4.50
CA GLU A 793 -18.00 42.22 5.72
C GLU A 793 -18.53 40.85 5.36
N ARG A 794 -17.79 39.80 5.74
CA ARG A 794 -18.19 38.43 5.42
C ARG A 794 -18.07 37.61 6.71
N CYS A 795 -19.21 37.09 7.17
CA CYS A 795 -19.22 36.36 8.42
C CYS A 795 -19.91 35.02 8.23
N SER A 796 -20.06 34.25 9.30
CA SER A 796 -20.60 32.91 9.24
C SER A 796 -22.11 32.94 9.50
N VAL A 797 -22.69 31.77 9.70
CA VAL A 797 -24.09 31.67 10.07
C VAL A 797 -24.19 31.66 11.59
N ALA A 798 -25.40 31.91 12.09
CA ALA A 798 -25.62 32.07 13.52
C ALA A 798 -26.28 30.81 14.11
N ALA A 799 -26.61 30.89 15.40
CA ALA A 799 -27.31 29.83 16.11
C ALA A 799 -28.13 30.47 17.22
N TYR A 800 -29.42 30.14 17.28
CA TYR A 800 -30.37 30.90 18.08
C TYR A 800 -30.61 30.22 19.43
N VAL A 801 -30.69 31.03 20.49
CA VAL A 801 -30.91 30.58 21.86
C VAL A 801 -31.90 31.52 22.54
N SER A 802 -32.92 30.97 23.18
CA SER A 802 -33.84 31.79 23.94
C SER A 802 -33.25 32.14 25.31
N ALA A 803 -33.68 33.28 25.85
CA ALA A 803 -33.13 33.78 27.10
C ALA A 803 -34.24 34.39 27.95
N ARG A 804 -34.16 34.17 29.27
CA ARG A 804 -35.20 34.57 30.21
C ARG A 804 -34.56 35.12 31.48
N THR A 805 -35.34 35.90 32.24
CA THR A 805 -34.90 36.54 33.47
C THR A 805 -35.19 35.65 34.69
N MET A 806 -35.00 36.24 35.86
CA MET A 806 -35.37 35.56 37.09
C MET A 806 -36.90 35.54 37.22
N PRO A 807 -37.46 34.59 37.98
CA PRO A 807 -38.92 34.57 38.18
C PRO A 807 -39.44 35.80 38.90
N GLU A 808 -40.67 36.21 38.55
CA GLU A 808 -41.23 37.48 38.98
C GLU A 808 -41.53 37.59 40.48
N ALA A 809 -41.63 38.84 40.92
CA ALA A 809 -41.86 39.24 42.30
C ALA A 809 -43.36 39.38 42.59
N LYS A 810 -43.66 40.12 43.67
CA LYS A 810 -45.02 40.40 44.17
C LYS A 810 -45.98 40.94 43.11
N ALA A 811 -45.48 41.55 42.03
CA ALA A 811 -46.31 42.16 40.99
C ALA A 811 -47.18 41.16 40.22
N ASP A 812 -47.00 39.86 40.40
CA ASP A 812 -47.92 38.88 39.83
C ASP A 812 -49.27 38.87 40.55
N ASP A 813 -49.32 39.34 41.79
CA ASP A 813 -50.56 39.53 42.52
C ASP A 813 -50.87 41.03 42.65
N ILE A 814 -52.15 41.35 42.75
CA ILE A 814 -52.60 42.73 42.74
C ILE A 814 -53.27 43.05 44.09
N VAL A 815 -53.13 44.31 44.51
CA VAL A 815 -53.86 44.86 45.64
C VAL A 815 -54.94 45.79 45.10
N GLY A 816 -56.13 45.71 45.68
CA GLY A 816 -57.23 46.51 45.22
C GLY A 816 -58.46 46.42 46.10
N PRO A 817 -59.41 47.36 45.92
CA PRO A 817 -60.66 47.31 46.69
C PRO A 817 -61.59 46.21 46.24
N VAL A 818 -61.79 45.20 47.09
CA VAL A 818 -62.70 44.10 46.77
C VAL A 818 -64.14 44.49 47.13
N THR A 819 -64.82 45.14 46.18
CA THR A 819 -66.17 45.62 46.37
C THR A 819 -67.17 44.69 45.68
N HIS A 820 -68.38 44.65 46.23
CA HIS A 820 -69.40 43.72 45.78
C HIS A 820 -70.72 44.45 45.59
N GLU A 821 -71.59 43.88 44.75
CA GLU A 821 -72.92 44.42 44.49
C GLU A 821 -73.93 43.30 44.61
N ILE A 822 -74.88 43.44 45.52
CA ILE A 822 -75.89 42.42 45.79
C ILE A 822 -77.10 42.71 44.92
N PHE A 823 -77.49 41.75 44.09
CA PHE A 823 -78.74 41.84 43.34
C PHE A 823 -79.86 41.12 44.08
N GLU A 824 -81.09 41.42 43.67
CA GLU A 824 -82.26 40.93 44.38
C GLU A 824 -82.51 39.43 44.18
N ASN A 825 -81.94 38.84 43.13
CA ASN A 825 -82.06 37.40 42.87
C ASN A 825 -80.91 36.60 43.48
N ASN A 826 -80.26 37.14 44.52
CA ASN A 826 -79.17 36.49 45.27
C ASN A 826 -77.98 36.16 44.38
N VAL A 827 -77.69 37.04 43.43
CA VAL A 827 -76.47 36.97 42.63
C VAL A 827 -75.62 38.18 42.99
N VAL A 828 -74.42 37.94 43.49
CA VAL A 828 -73.53 39.00 43.94
C VAL A 828 -72.43 39.21 42.89
N HIS A 829 -72.31 40.43 42.40
CA HIS A 829 -71.32 40.81 41.42
C HIS A 829 -70.16 41.50 42.12
N LEU A 830 -68.94 41.01 41.88
CA LEU A 830 -67.74 41.53 42.52
C LEU A 830 -66.98 42.41 41.54
N MET A 831 -66.61 43.61 42.01
CA MET A 831 -65.78 44.52 41.23
C MET A 831 -64.41 44.63 41.91
N TRP A 832 -63.35 44.59 41.11
CA TRP A 832 -61.99 44.70 41.62
C TRP A 832 -61.12 45.28 40.51
N GLN A 833 -59.81 45.23 40.72
CA GLN A 833 -58.85 45.66 39.71
C GLN A 833 -57.90 44.50 39.40
N GLU A 834 -57.50 44.41 38.14
CA GLU A 834 -56.61 43.36 37.65
C GLU A 834 -55.16 43.74 37.89
N PRO A 835 -54.24 42.78 37.80
CA PRO A 835 -52.81 43.14 37.76
C PRO A 835 -52.50 43.95 36.51
N LYS A 836 -51.68 44.99 36.68
CA LYS A 836 -51.41 45.95 35.63
C LYS A 836 -50.19 45.57 34.80
N GLU A 837 -49.06 45.31 35.47
CA GLU A 837 -47.86 44.79 34.83
C GLU A 837 -47.74 43.37 35.36
N PRO A 838 -48.38 42.40 34.70
CA PRO A 838 -48.47 41.05 35.28
C PRO A 838 -47.21 40.24 35.07
N ASN A 839 -47.27 38.95 35.43
CA ASN A 839 -46.23 37.98 35.11
C ASN A 839 -46.36 37.56 33.65
N GLY A 840 -46.13 38.51 32.75
CA GLY A 840 -46.33 38.30 31.33
C GLY A 840 -47.80 38.27 30.94
N LEU A 841 -48.50 37.23 31.36
CA LEU A 841 -49.93 37.09 31.12
C LEU A 841 -50.56 36.43 32.33
N ILE A 842 -51.45 37.14 33.00
CA ILE A 842 -52.28 36.53 34.04
C ILE A 842 -53.31 35.62 33.38
N VAL A 843 -53.45 34.40 33.90
CA VAL A 843 -54.27 33.40 33.26
C VAL A 843 -55.48 33.00 34.08
N LEU A 844 -55.47 33.20 35.40
CA LEU A 844 -56.55 32.71 36.24
C LEU A 844 -56.62 33.51 37.53
N TYR A 845 -57.81 34.02 37.84
CA TYR A 845 -58.10 34.58 39.16
C TYR A 845 -58.72 33.47 39.98
N GLU A 846 -57.93 32.87 40.86
CA GLU A 846 -58.40 31.77 41.70
C GLU A 846 -59.19 32.39 42.84
N VAL A 847 -60.46 32.66 42.59
CA VAL A 847 -61.35 33.23 43.58
C VAL A 847 -61.86 32.10 44.48
N SER A 848 -62.17 32.44 45.72
CA SER A 848 -62.53 31.44 46.70
C SER A 848 -63.40 32.08 47.78
N TYR A 849 -64.58 31.49 48.03
CA TYR A 849 -65.53 32.02 48.99
C TYR A 849 -65.73 30.99 50.10
N ARG A 850 -65.97 31.47 51.31
CA ARG A 850 -65.93 30.62 52.50
C ARG A 850 -67.04 31.03 53.45
N ARG A 851 -67.89 30.08 53.82
CA ARG A 851 -68.91 30.28 54.85
C ARG A 851 -68.39 29.76 56.19
N TYR A 852 -68.94 30.30 57.28
CA TYR A 852 -68.57 29.86 58.63
C TYR A 852 -68.94 28.39 58.84
N GLY A 853 -67.96 27.59 59.25
CA GLY A 853 -68.12 26.16 59.33
C GLY A 853 -67.97 25.41 58.02
N ASP A 854 -67.90 26.13 56.90
CA ASP A 854 -67.75 25.52 55.58
C ASP A 854 -66.33 25.77 55.08
N GLU A 855 -65.85 24.88 54.23
CA GLU A 855 -64.50 24.96 53.72
C GLU A 855 -64.37 26.10 52.70
N GLU A 856 -63.12 26.41 52.38
CA GLU A 856 -62.80 27.45 51.39
C GLU A 856 -63.19 26.91 50.02
N LEU A 857 -64.44 27.16 49.62
CA LEU A 857 -64.93 26.72 48.33
C LEU A 857 -64.36 27.61 47.24
N HIS A 858 -63.65 26.99 46.30
CA HIS A 858 -63.01 27.74 45.23
C HIS A 858 -63.91 27.83 44.01
N LEU A 859 -63.80 28.94 43.30
CA LEU A 859 -64.50 29.13 42.05
C LEU A 859 -63.53 29.63 41.01
N CYS A 860 -64.02 29.66 39.77
CA CYS A 860 -63.17 29.79 38.61
C CYS A 860 -63.65 30.93 37.72
N VAL A 861 -62.70 31.71 37.21
CA VAL A 861 -62.98 32.75 36.22
C VAL A 861 -61.77 32.91 35.29
N SER A 862 -62.02 32.81 33.98
CA SER A 862 -60.93 32.76 33.02
C SER A 862 -60.57 34.18 32.56
N ARG A 863 -59.64 34.26 31.61
CA ARG A 863 -59.16 35.54 31.11
C ARG A 863 -60.24 36.25 30.30
N LYS A 864 -60.91 35.51 29.41
CA LYS A 864 -61.97 36.12 28.61
C LYS A 864 -63.20 36.42 29.43
N HIS A 865 -63.42 35.65 30.51
CA HIS A 865 -64.59 35.88 31.36
C HIS A 865 -64.47 37.18 32.15
N PHE A 866 -63.25 37.49 32.62
CA PHE A 866 -63.03 38.77 33.27
C PHE A 866 -63.03 39.92 32.26
N ALA A 867 -62.62 39.63 31.02
CA ALA A 867 -62.52 40.67 30.01
C ALA A 867 -63.89 41.14 29.54
N LEU A 868 -64.87 40.24 29.47
CA LEU A 868 -66.20 40.62 29.05
C LEU A 868 -67.03 41.20 30.19
N GLU A 869 -66.81 40.71 31.41
CA GLU A 869 -67.68 41.06 32.53
C GLU A 869 -67.16 42.26 33.31
N ARG A 870 -65.84 42.45 33.34
CA ARG A 870 -65.14 43.32 34.28
C ARG A 870 -65.56 43.00 35.72
N GLY A 871 -65.30 41.76 36.09
CA GLY A 871 -65.70 41.25 37.39
C GLY A 871 -66.16 39.81 37.24
N CYS A 872 -66.76 39.31 38.32
CA CYS A 872 -67.31 37.95 38.34
C CYS A 872 -68.61 37.95 39.11
N ARG A 873 -69.28 36.80 39.11
CA ARG A 873 -70.54 36.63 39.82
C ARG A 873 -70.57 35.26 40.46
N LEU A 874 -71.54 35.07 41.36
CA LEU A 874 -71.81 33.79 42.01
C LEU A 874 -73.32 33.63 42.08
N ARG A 875 -73.82 32.46 41.69
CA ARG A 875 -75.25 32.24 41.54
C ARG A 875 -75.74 31.17 42.51
N GLY A 876 -76.89 31.42 43.13
CA GLY A 876 -77.47 30.49 44.08
C GLY A 876 -76.78 30.44 45.42
N LEU A 877 -76.99 31.46 46.25
CA LEU A 877 -76.32 31.59 47.54
C LEU A 877 -77.33 31.48 48.69
N SER A 878 -76.97 30.73 49.73
CA SER A 878 -77.75 30.70 50.94
C SER A 878 -77.55 32.00 51.72
N PRO A 879 -78.56 32.45 52.46
CA PRO A 879 -78.42 33.69 53.25
C PRO A 879 -77.47 33.50 54.43
N GLY A 880 -76.44 34.35 54.48
CA GLY A 880 -75.47 34.28 55.58
C GLY A 880 -74.31 35.24 55.37
N ASN A 881 -73.23 34.97 56.09
CA ASN A 881 -72.02 35.78 56.03
C ASN A 881 -70.90 34.96 55.43
N TYR A 882 -70.25 35.50 54.40
CA TYR A 882 -69.25 34.75 53.65
C TYR A 882 -67.92 35.49 53.65
N SER A 883 -66.86 34.73 53.35
CA SER A 883 -65.50 35.23 53.30
C SER A 883 -64.92 34.90 51.94
N VAL A 884 -64.83 35.90 51.07
CA VAL A 884 -64.43 35.71 49.67
C VAL A 884 -63.00 36.19 49.49
N ARG A 885 -62.18 35.40 48.81
CA ARG A 885 -60.78 35.70 48.62
C ARG A 885 -60.35 35.29 47.22
N ILE A 886 -59.41 36.07 46.65
CA ILE A 886 -58.96 35.91 45.27
C ILE A 886 -57.46 35.63 45.27
N ARG A 887 -57.03 34.68 44.44
CA ARG A 887 -55.61 34.46 44.19
C ARG A 887 -55.35 34.67 42.70
N ALA A 888 -54.37 35.51 42.38
CA ALA A 888 -53.97 35.75 41.00
C ALA A 888 -52.94 34.69 40.61
N THR A 889 -53.40 33.62 39.98
CA THR A 889 -52.53 32.55 39.50
C THR A 889 -52.17 32.83 38.04
N SER A 890 -50.91 33.12 37.78
CA SER A 890 -50.44 33.38 36.44
C SER A 890 -49.89 32.08 35.85
N LEU A 891 -49.35 32.17 34.64
CA LEU A 891 -48.79 30.99 33.99
C LEU A 891 -47.42 30.65 34.52
N ALA A 892 -46.70 31.60 35.10
CA ALA A 892 -45.42 31.30 35.74
C ALA A 892 -45.57 30.85 37.19
N GLY A 893 -46.78 30.84 37.72
CA GLY A 893 -47.00 30.39 39.08
C GLY A 893 -48.17 31.09 39.76
N ASN A 894 -48.44 30.74 41.00
CA ASN A 894 -49.52 31.37 41.75
C ASN A 894 -48.98 32.55 42.54
N GLY A 895 -49.80 33.58 42.66
CA GLY A 895 -49.50 34.72 43.49
C GLY A 895 -49.96 34.51 44.91
N SER A 896 -50.07 35.61 45.64
CA SER A 896 -50.59 35.57 46.99
C SER A 896 -52.12 35.69 46.93
N TRP A 897 -52.75 35.81 48.09
CA TRP A 897 -54.19 36.01 48.15
C TRP A 897 -54.50 37.45 48.50
N THR A 898 -55.72 37.87 48.19
CA THR A 898 -56.19 39.19 48.54
C THR A 898 -56.76 39.18 49.96
N GLU A 899 -57.44 40.24 50.33
CA GLU A 899 -58.06 40.30 51.65
C GLU A 899 -59.37 39.50 51.65
N PRO A 900 -59.56 38.58 52.60
CA PRO A 900 -60.86 37.92 52.72
C PRO A 900 -61.92 38.87 53.26
N THR A 901 -62.81 39.32 52.38
CA THR A 901 -63.77 40.35 52.74
C THR A 901 -65.00 39.74 53.39
N TYR A 902 -65.69 40.55 54.18
CA TYR A 902 -66.88 40.12 54.93
C TYR A 902 -68.09 40.83 54.37
N PHE A 903 -68.87 40.12 53.54
CA PHE A 903 -70.16 40.60 53.11
C PHE A 903 -71.23 39.63 53.62
N TYR A 904 -72.38 40.17 53.97
CA TYR A 904 -73.44 39.40 54.62
C TYR A 904 -74.76 39.62 53.90
N VAL A 905 -75.47 38.53 53.64
CA VAL A 905 -76.83 38.56 53.12
C VAL A 905 -77.74 37.88 54.14
N THR A 906 -78.95 38.40 54.28
CA THR A 906 -79.85 38.01 55.36
C THR A 906 -81.16 37.46 54.79
N ASP A 907 -81.95 36.88 55.68
CA ASP A 907 -83.26 36.33 55.32
C ASP A 907 -84.33 37.42 55.34
N GLY B 1 39.25 -18.34 15.11
CA GLY B 1 39.43 -19.10 13.88
C GLY B 1 38.60 -20.35 13.86
N ILE B 2 37.82 -20.56 14.92
CA ILE B 2 37.06 -21.78 15.04
C ILE B 2 35.76 -21.75 14.25
N VAL B 3 35.34 -20.58 13.78
CA VAL B 3 34.08 -20.53 13.02
C VAL B 3 34.29 -21.00 11.59
N GLU B 4 35.22 -20.38 10.86
CA GLU B 4 35.42 -20.70 9.46
C GLU B 4 36.01 -22.08 9.25
N GLN B 5 36.55 -22.71 10.29
CA GLN B 5 36.98 -24.09 10.22
C GLN B 5 35.86 -25.05 10.60
N CYS B 6 34.80 -24.57 11.26
CA CYS B 6 33.81 -25.51 11.79
C CYS B 6 32.37 -25.00 11.60
N CYS B 7 32.16 -23.94 10.82
CA CYS B 7 30.82 -23.54 10.41
C CYS B 7 30.67 -23.39 8.91
N THR B 8 31.75 -23.15 8.16
CA THR B 8 31.62 -22.98 6.73
C THR B 8 31.71 -24.29 5.99
N SER B 9 32.58 -25.19 6.41
CA SER B 9 32.67 -26.53 5.87
C SER B 9 32.36 -27.53 6.97
N ILE B 10 32.46 -28.81 6.64
CA ILE B 10 32.20 -29.85 7.63
C ILE B 10 33.41 -29.94 8.55
N CYS B 11 33.17 -30.48 9.75
CA CYS B 11 34.11 -30.36 10.85
C CYS B 11 34.35 -31.73 11.46
N SER B 12 35.60 -32.01 11.80
CA SER B 12 35.98 -33.35 12.24
C SER B 12 36.32 -33.34 13.72
N LEU B 13 36.19 -34.53 14.33
CA LEU B 13 36.46 -34.69 15.75
C LEU B 13 37.94 -34.59 16.07
N TYR B 14 38.81 -34.85 15.09
CA TYR B 14 40.24 -34.67 15.32
C TYR B 14 40.65 -33.21 15.21
N GLN B 15 39.86 -32.39 14.51
CA GLN B 15 40.18 -30.97 14.40
C GLN B 15 39.93 -30.26 15.73
N LEU B 16 38.71 -30.33 16.24
CA LEU B 16 38.32 -29.56 17.40
C LEU B 16 38.87 -30.11 18.70
N GLU B 17 39.46 -31.31 18.71
CA GLU B 17 40.09 -31.77 19.94
C GLU B 17 41.42 -31.08 20.20
N ASN B 18 42.01 -30.45 19.18
CA ASN B 18 43.18 -29.61 19.40
C ASN B 18 42.84 -28.38 20.23
N TYR B 19 41.59 -27.91 20.14
CA TYR B 19 41.19 -26.71 20.85
C TYR B 19 41.09 -26.95 22.35
N CYS B 20 40.87 -28.19 22.77
CA CYS B 20 40.89 -28.54 24.19
C CYS B 20 42.22 -29.22 24.53
N ASN B 21 43.23 -28.37 24.65
CA ASN B 21 44.64 -28.75 24.90
C ASN B 21 45.19 -29.78 23.91
N ASN C 1 23.55 -33.05 10.93
CA ASN C 1 24.09 -31.82 10.34
C ASN C 1 25.59 -31.74 10.54
N GLN C 2 26.00 -31.73 11.81
CA GLN C 2 27.38 -31.55 12.26
C GLN C 2 27.98 -30.23 11.75
N HIS C 3 27.14 -29.21 11.57
CA HIS C 3 27.61 -27.83 11.39
C HIS C 3 27.46 -27.14 12.73
N LEU C 4 28.46 -27.38 13.58
CA LEU C 4 28.40 -27.04 15.00
C LEU C 4 28.58 -25.52 15.14
N CYS C 5 27.53 -24.79 14.83
CA CYS C 5 27.66 -23.35 14.80
C CYS C 5 26.68 -22.73 15.78
N GLY C 6 26.97 -21.49 16.18
CA GLY C 6 26.16 -20.86 17.21
C GLY C 6 26.32 -21.55 18.54
N SER C 7 25.21 -21.75 19.24
CA SER C 7 25.27 -22.28 20.60
C SER C 7 25.51 -23.79 20.65
N HIS C 8 25.61 -24.49 19.53
CA HIS C 8 26.07 -25.88 19.59
C HIS C 8 27.52 -25.96 20.01
N LEU C 9 28.35 -25.05 19.47
CA LEU C 9 29.78 -25.15 19.66
C LEU C 9 30.20 -24.85 21.09
N VAL C 10 29.42 -24.04 21.81
CA VAL C 10 29.76 -23.83 23.21
C VAL C 10 29.38 -25.03 24.07
N GLU C 11 28.45 -25.87 23.62
CA GLU C 11 28.07 -27.06 24.36
C GLU C 11 28.87 -28.29 23.97
N ALA C 12 28.98 -28.54 22.66
CA ALA C 12 29.58 -29.79 22.21
C ALA C 12 31.09 -29.80 22.40
N LEU C 13 31.73 -28.63 22.46
CA LEU C 13 33.13 -28.61 22.84
C LEU C 13 33.32 -29.00 24.28
N TYR C 14 32.43 -28.56 25.16
CA TYR C 14 32.47 -29.01 26.54
C TYR C 14 32.09 -30.48 26.64
N LEU C 15 31.23 -30.97 25.75
CA LEU C 15 30.80 -32.36 25.81
C LEU C 15 31.92 -33.31 25.43
N VAL C 16 32.89 -32.87 24.63
CA VAL C 16 34.00 -33.72 24.30
C VAL C 16 35.24 -33.47 25.16
N CYS C 17 35.33 -32.32 25.83
CA CYS C 17 36.55 -31.98 26.55
C CYS C 17 36.23 -31.27 27.87
N GLY C 18 35.28 -31.83 28.63
CA GLY C 18 34.83 -31.17 29.84
C GLY C 18 35.71 -31.21 31.06
N GLU C 19 36.93 -31.76 30.95
CA GLU C 19 37.82 -31.86 32.09
C GLU C 19 39.22 -31.33 31.84
N ARG C 20 39.70 -31.31 30.60
CA ARG C 20 41.04 -30.77 30.35
C ARG C 20 41.02 -29.26 30.32
N GLY C 21 39.91 -28.66 29.94
CA GLY C 21 39.86 -27.23 29.69
C GLY C 21 40.36 -26.92 28.30
N PHE C 22 40.24 -25.64 27.95
CA PHE C 22 40.63 -25.20 26.62
C PHE C 22 42.07 -24.69 26.67
N PHE C 23 42.61 -24.31 25.53
CA PHE C 23 44.01 -23.94 25.43
C PHE C 23 44.14 -22.43 25.28
N TYR C 24 45.21 -21.89 25.86
N TYR C 24 45.20 -21.89 25.86
CA TYR C 24 45.45 -20.45 25.80
CA TYR C 24 45.46 -20.47 25.79
C TYR C 24 46.96 -20.22 25.75
C TYR C 24 46.96 -20.23 25.73
N THR C 25 47.36 -19.15 25.06
CA THR C 25 48.75 -18.75 24.96
C THR C 25 49.35 -18.38 26.32
N GLY D 1 17.53 3.12 -42.54
CA GLY D 1 18.85 3.47 -42.04
C GLY D 1 18.93 4.93 -41.64
N ILE D 2 17.82 5.63 -41.80
CA ILE D 2 17.83 7.07 -41.56
C ILE D 2 17.69 7.41 -40.08
N VAL D 3 17.35 6.46 -39.23
CA VAL D 3 17.20 6.78 -37.81
C VAL D 3 18.55 6.83 -37.12
N GLU D 4 19.33 5.75 -37.22
CA GLU D 4 20.61 5.68 -36.53
C GLU D 4 21.65 6.63 -37.09
N GLN D 5 21.42 7.17 -38.29
CA GLN D 5 22.27 8.21 -38.84
C GLN D 5 21.79 9.61 -38.44
N CYS D 6 20.54 9.74 -37.99
CA CYS D 6 20.00 11.07 -37.79
C CYS D 6 19.16 11.19 -36.50
N CYS D 7 19.18 10.17 -35.64
CA CYS D 7 18.60 10.28 -34.31
C CYS D 7 19.58 9.92 -33.19
N THR D 8 20.59 9.12 -33.46
CA THR D 8 21.52 8.72 -32.41
C THR D 8 22.65 9.73 -32.24
N SER D 9 23.17 10.25 -33.34
CA SER D 9 24.18 11.29 -33.32
C SER D 9 23.60 12.53 -34.00
N ILE D 10 24.43 13.57 -34.11
CA ILE D 10 23.98 14.78 -34.76
C ILE D 10 23.98 14.56 -36.27
N CYS D 11 23.20 15.37 -36.98
CA CYS D 11 22.83 15.09 -38.36
C CYS D 11 23.07 16.34 -39.20
N SER D 12 23.61 16.14 -40.40
CA SER D 12 24.04 17.26 -41.22
C SER D 12 23.13 17.42 -42.43
N LEU D 13 23.11 18.64 -42.95
CA LEU D 13 22.26 18.95 -44.10
C LEU D 13 22.79 18.32 -45.39
N TYR D 14 24.08 18.01 -45.45
CA TYR D 14 24.61 17.30 -46.61
C TYR D 14 24.31 15.81 -46.55
N GLN D 15 24.06 15.26 -45.36
CA GLN D 15 23.73 13.85 -45.25
C GLN D 15 22.34 13.58 -45.79
N LEU D 16 21.34 14.24 -45.23
CA LEU D 16 19.94 13.94 -45.53
C LEU D 16 19.50 14.46 -46.90
N GLU D 17 20.31 15.29 -47.58
CA GLU D 17 19.94 15.69 -48.92
C GLU D 17 20.18 14.58 -49.93
N ASN D 18 20.98 13.57 -49.58
CA ASN D 18 21.10 12.40 -50.43
C ASN D 18 19.81 11.60 -50.46
N TYR D 19 19.01 11.67 -49.39
CA TYR D 19 17.77 10.91 -49.32
C TYR D 19 16.72 11.45 -50.27
N CYS D 20 16.80 12.72 -50.63
CA CYS D 20 15.91 13.30 -51.62
C CYS D 20 16.65 13.44 -52.95
N ASN D 21 16.76 12.30 -53.61
CA ASN D 21 17.48 12.11 -54.89
C ASN D 21 18.93 12.59 -54.85
N ASN E 1 18.63 22.81 -32.04
CA ASN E 1 18.31 21.47 -31.54
C ASN E 1 18.83 20.49 -32.56
N GLN E 2 18.12 20.41 -33.69
CA GLN E 2 18.46 19.60 -34.85
C GLN E 2 18.62 18.12 -34.52
N HIS E 3 17.86 17.63 -33.54
CA HIS E 3 17.71 16.20 -33.34
C HIS E 3 16.41 15.79 -34.03
N LEU E 4 16.49 15.73 -35.35
CA LEU E 4 15.33 15.50 -36.20
C LEU E 4 14.86 14.06 -36.04
N CYS E 5 14.13 13.78 -34.96
CA CYS E 5 13.71 12.41 -34.72
C CYS E 5 12.24 12.42 -34.36
N GLY E 6 11.60 11.26 -34.50
CA GLY E 6 10.17 11.21 -34.32
C GLY E 6 9.45 11.95 -35.44
N SER E 7 8.35 12.62 -35.09
CA SER E 7 7.53 13.27 -36.09
C SER E 7 8.04 14.64 -36.52
N HIS E 8 9.24 15.06 -36.08
CA HIS E 8 9.88 16.20 -36.72
C HIS E 8 10.26 15.87 -38.15
N LEU E 9 10.87 14.70 -38.34
CA LEU E 9 11.61 14.45 -39.57
C LEU E 9 10.69 14.22 -40.76
N VAL E 10 9.46 13.76 -40.49
CA VAL E 10 8.50 13.60 -41.56
C VAL E 10 8.07 14.96 -42.10
N GLU E 11 8.13 16.00 -41.27
CA GLU E 11 7.89 17.35 -41.76
C GLU E 11 9.17 18.05 -42.16
N ALA E 12 10.28 17.75 -41.48
CA ALA E 12 11.51 18.48 -41.75
C ALA E 12 12.14 18.06 -43.06
N LEU E 13 12.00 16.79 -43.45
CA LEU E 13 12.62 16.34 -44.69
C LEU E 13 11.85 16.80 -45.91
N TYR E 14 10.52 16.93 -45.79
CA TYR E 14 9.75 17.48 -46.89
C TYR E 14 10.09 18.94 -47.11
N LEU E 15 10.40 19.66 -46.03
CA LEU E 15 10.64 21.09 -46.12
C LEU E 15 11.92 21.40 -46.89
N VAL E 16 12.90 20.50 -46.85
CA VAL E 16 14.12 20.76 -47.59
C VAL E 16 14.08 20.18 -49.01
N CYS E 17 13.19 19.23 -49.30
CA CYS E 17 13.20 18.59 -50.61
C CYS E 17 11.78 18.34 -51.12
N GLY E 18 10.91 19.34 -51.01
CA GLY E 18 9.54 19.15 -51.42
C GLY E 18 9.24 19.27 -52.90
N GLU E 19 10.27 19.24 -53.74
CA GLU E 19 10.04 19.35 -55.18
C GLU E 19 10.71 18.26 -56.01
N ARG E 20 11.82 17.66 -55.56
CA ARG E 20 12.38 16.55 -56.30
C ARG E 20 11.75 15.23 -55.89
N GLY E 21 11.23 15.17 -54.67
CA GLY E 21 10.76 13.91 -54.11
C GLY E 21 11.90 13.13 -53.50
N PHE E 22 11.53 12.02 -52.87
CA PHE E 22 12.51 11.14 -52.25
C PHE E 22 13.02 10.15 -53.29
N PHE E 23 13.86 9.22 -52.86
CA PHE E 23 14.53 8.32 -53.77
C PHE E 23 14.16 6.88 -53.46
N TYR E 24 14.02 6.07 -54.49
N TYR E 24 14.03 6.07 -54.50
CA TYR E 24 13.74 4.65 -54.33
CA TYR E 24 13.74 4.65 -54.35
C TYR E 24 14.39 3.89 -55.47
C TYR E 24 14.41 3.89 -55.48
N THR E 25 14.89 2.70 -55.17
CA THR E 25 15.47 1.83 -56.18
C THR E 25 14.38 1.25 -57.07
N HIS F 1 -16.77 -13.87 -64.16
CA HIS F 1 -15.69 -14.82 -63.91
C HIS F 1 -15.21 -14.76 -62.47
N LEU F 2 -14.31 -15.68 -62.12
CA LEU F 2 -13.73 -15.69 -60.78
C LEU F 2 -12.75 -14.54 -60.60
N TYR F 3 -11.65 -14.54 -61.37
CA TYR F 3 -10.64 -13.48 -61.35
C TYR F 3 -10.46 -13.00 -62.78
N PRO F 4 -11.34 -12.12 -63.26
CA PRO F 4 -11.31 -11.77 -64.68
C PRO F 4 -10.20 -10.82 -65.09
N GLY F 5 -9.56 -10.14 -64.14
CA GLY F 5 -8.52 -9.19 -64.46
C GLY F 5 -7.16 -9.85 -64.66
N GLU F 6 -6.14 -9.00 -64.67
CA GLU F 6 -4.77 -9.43 -64.95
C GLU F 6 -4.01 -9.68 -63.66
N VAL F 7 -3.05 -10.60 -63.72
CA VAL F 7 -2.07 -10.71 -62.66
C VAL F 7 -1.10 -9.54 -62.74
N CYS F 8 -0.78 -8.97 -61.59
CA CYS F 8 -0.26 -7.61 -61.61
C CYS F 8 0.68 -7.41 -60.43
N PRO F 9 1.95 -7.10 -60.67
CA PRO F 9 2.97 -7.21 -59.63
C PRO F 9 2.87 -6.08 -58.60
N GLY F 10 3.70 -6.21 -57.55
CA GLY F 10 3.70 -5.22 -56.50
C GLY F 10 4.32 -3.92 -56.93
N MET F 11 3.94 -2.86 -56.23
CA MET F 11 4.28 -1.52 -56.69
C MET F 11 4.22 -0.56 -55.51
N ASP F 12 4.90 0.57 -55.67
CA ASP F 12 4.94 1.63 -54.69
C ASP F 12 4.47 2.94 -55.32
N ILE F 13 3.95 3.84 -54.50
CA ILE F 13 3.36 5.07 -54.96
C ILE F 13 3.90 6.20 -54.10
N ARG F 14 4.58 7.16 -54.71
CA ARG F 14 5.17 8.24 -53.96
C ARG F 14 5.32 9.50 -54.80
N ASN F 15 5.12 10.65 -54.15
CA ASN F 15 5.45 12.02 -54.55
C ASN F 15 4.57 12.58 -55.65
N ASN F 16 3.68 11.80 -56.26
CA ASN F 16 2.80 12.30 -57.31
C ASN F 16 1.56 11.42 -57.34
N LEU F 17 0.74 11.58 -58.36
CA LEU F 17 -0.42 10.73 -58.53
C LEU F 17 -0.44 10.02 -59.87
N THR F 18 0.48 10.35 -60.77
CA THR F 18 0.42 9.83 -62.12
C THR F 18 0.86 8.37 -62.22
N ARG F 19 1.48 7.83 -61.18
CA ARG F 19 1.91 6.44 -61.25
C ARG F 19 0.82 5.46 -60.84
N LEU F 20 -0.34 5.94 -60.40
CA LEU F 20 -1.51 5.09 -60.23
C LEU F 20 -2.26 4.84 -61.54
N HIS F 21 -1.76 5.35 -62.67
CA HIS F 21 -2.40 5.08 -63.95
C HIS F 21 -2.23 3.63 -64.36
N GLU F 22 -1.12 3.01 -64.02
CA GLU F 22 -0.82 1.66 -64.48
C GLU F 22 -1.50 0.56 -63.65
N LEU F 23 -2.50 0.91 -62.85
CA LEU F 23 -3.43 -0.06 -62.26
C LEU F 23 -4.71 -0.15 -63.07
N GLU F 24 -4.61 -0.05 -64.39
CA GLU F 24 -5.79 0.08 -65.25
C GLU F 24 -6.58 -1.22 -65.34
N ASN F 25 -5.90 -2.35 -65.37
CA ASN F 25 -6.54 -3.59 -65.75
C ASN F 25 -6.10 -4.74 -64.84
N CYS F 26 -5.82 -4.43 -63.57
CA CYS F 26 -5.34 -5.41 -62.61
C CYS F 26 -6.49 -5.85 -61.74
N SER F 27 -6.36 -7.06 -61.20
CA SER F 27 -7.32 -7.57 -60.23
C SER F 27 -6.66 -8.17 -59.00
N VAL F 28 -5.70 -9.04 -59.19
CA VAL F 28 -4.88 -9.58 -58.10
C VAL F 28 -3.58 -8.81 -58.08
N ILE F 29 -3.04 -8.58 -56.89
CA ILE F 29 -1.74 -7.95 -56.72
C ILE F 29 -0.86 -8.86 -55.87
N GLU F 30 0.16 -9.43 -56.51
CA GLU F 30 1.18 -10.15 -55.79
C GLU F 30 2.11 -9.15 -55.12
N GLY F 31 2.65 -9.52 -53.97
CA GLY F 31 3.45 -8.58 -53.21
C GLY F 31 2.60 -7.61 -52.42
N HIS F 32 2.97 -6.34 -52.41
CA HIS F 32 2.30 -5.37 -51.55
C HIS F 32 2.07 -4.08 -52.32
N LEU F 33 1.30 -3.17 -51.72
CA LEU F 33 0.85 -1.95 -52.39
C LEU F 33 1.01 -0.78 -51.41
N GLN F 34 2.02 0.04 -51.66
CA GLN F 34 2.37 1.15 -50.77
C GLN F 34 2.02 2.47 -51.42
N ILE F 35 1.14 3.23 -50.77
CA ILE F 35 0.79 4.58 -51.18
C ILE F 35 1.32 5.52 -50.11
N LEU F 36 2.16 6.46 -50.52
CA LEU F 36 3.05 7.08 -49.55
C LEU F 36 3.40 8.50 -49.96
N LEU F 37 3.21 9.46 -49.04
CA LEU F 37 3.85 10.77 -49.05
C LEU F 37 3.50 11.58 -50.30
N MET F 38 2.23 11.96 -50.39
CA MET F 38 1.79 13.04 -51.26
C MET F 38 1.36 14.20 -50.39
N PHE F 39 2.01 15.35 -50.57
CA PHE F 39 1.76 16.54 -49.77
C PHE F 39 1.06 17.62 -50.57
N LYS F 40 1.57 17.92 -51.77
CA LYS F 40 0.92 18.88 -52.69
C LYS F 40 -0.21 18.17 -53.43
N THR F 41 -1.28 17.92 -52.71
CA THR F 41 -2.42 17.20 -53.27
C THR F 41 -3.72 17.77 -52.73
N ARG F 42 -4.55 18.25 -53.63
CA ARG F 42 -5.86 18.77 -53.28
C ARG F 42 -6.83 17.61 -53.03
N PRO F 43 -7.88 17.83 -52.24
CA PRO F 43 -8.92 16.80 -52.07
C PRO F 43 -9.87 16.65 -53.24
N GLU F 44 -9.64 17.34 -54.36
CA GLU F 44 -10.58 17.33 -55.46
C GLU F 44 -10.37 16.14 -56.40
N ASP F 45 -9.11 15.84 -56.71
CA ASP F 45 -8.79 14.86 -57.74
C ASP F 45 -8.88 13.40 -57.28
N PHE F 46 -9.49 13.13 -56.13
CA PHE F 46 -9.78 11.76 -55.72
C PHE F 46 -11.21 11.34 -56.05
N ARG F 47 -12.05 12.26 -56.54
CA ARG F 47 -13.45 11.99 -56.75
C ARG F 47 -13.78 11.62 -58.19
N ASP F 48 -12.78 11.27 -58.99
CA ASP F 48 -13.01 10.92 -60.38
C ASP F 48 -12.37 9.61 -60.81
N LEU F 49 -11.50 9.01 -60.00
CA LEU F 49 -10.85 7.76 -60.35
C LEU F 49 -11.24 6.70 -59.34
N SER F 50 -11.14 5.44 -59.77
CA SER F 50 -11.44 4.31 -58.91
C SER F 50 -10.59 3.13 -59.35
N PHE F 51 -10.69 2.04 -58.59
CA PHE F 51 -10.07 0.77 -58.94
C PHE F 51 -11.08 -0.32 -58.62
N PRO F 52 -12.07 -0.53 -59.51
CA PRO F 52 -13.19 -1.41 -59.17
C PRO F 52 -12.87 -2.88 -59.24
N LYS F 53 -11.86 -3.28 -60.01
CA LYS F 53 -11.62 -4.69 -60.29
C LYS F 53 -10.58 -5.33 -59.39
N LEU F 54 -10.00 -4.58 -58.46
CA LEU F 54 -8.96 -5.10 -57.58
C LEU F 54 -9.63 -5.89 -56.45
N ILE F 55 -9.30 -7.18 -56.35
CA ILE F 55 -10.02 -8.11 -55.48
C ILE F 55 -9.10 -8.71 -54.43
N MET F 56 -7.98 -9.27 -54.86
CA MET F 56 -7.07 -10.03 -53.99
C MET F 56 -5.79 -9.26 -53.76
N ILE F 57 -5.39 -9.17 -52.50
CA ILE F 57 -4.13 -8.56 -52.08
C ILE F 57 -3.35 -9.61 -51.32
N THR F 58 -2.13 -9.91 -51.78
CA THR F 58 -1.37 -10.99 -51.18
C THR F 58 -0.86 -10.62 -49.79
N ASP F 59 0.04 -9.64 -49.70
CA ASP F 59 0.82 -9.48 -48.48
C ASP F 59 0.34 -8.37 -47.55
N TYR F 60 0.41 -7.11 -47.97
CA TYR F 60 0.00 -6.04 -47.08
C TYR F 60 -0.34 -4.78 -47.85
N LEU F 61 -1.21 -3.97 -47.26
CA LEU F 61 -1.63 -2.69 -47.81
C LEU F 61 -1.30 -1.60 -46.81
N LEU F 62 -0.56 -0.58 -47.25
CA LEU F 62 0.04 0.39 -46.37
C LEU F 62 -0.31 1.81 -46.79
N LEU F 63 -0.89 2.58 -45.87
CA LEU F 63 -1.20 3.98 -46.10
C LEU F 63 -0.57 4.81 -45.00
N PHE F 64 0.24 5.80 -45.37
CA PHE F 64 0.94 6.60 -44.37
C PHE F 64 1.22 7.99 -44.92
N ARG F 65 0.59 8.99 -44.30
CA ARG F 65 0.83 10.42 -44.53
C ARG F 65 0.56 10.79 -46.00
N VAL F 66 -0.71 10.73 -46.37
CA VAL F 66 -1.20 11.26 -47.63
C VAL F 66 -2.15 12.40 -47.32
N TYR F 67 -1.92 13.56 -47.95
CA TYR F 67 -2.71 14.76 -47.71
C TYR F 67 -3.81 14.86 -48.76
N GLY F 68 -5.03 14.45 -48.39
CA GLY F 68 -6.15 14.75 -49.26
C GLY F 68 -7.22 13.71 -49.42
N LEU F 69 -6.99 12.50 -48.91
CA LEU F 69 -8.00 11.46 -49.01
C LEU F 69 -8.86 11.43 -47.75
N GLU F 70 -10.17 11.32 -47.96
CA GLU F 70 -11.13 11.31 -46.88
C GLU F 70 -11.79 9.96 -46.69
N SER F 71 -11.93 9.18 -47.75
CA SER F 71 -12.37 7.80 -47.65
C SER F 71 -11.80 7.00 -48.81
N LEU F 72 -11.74 5.69 -48.63
CA LEU F 72 -11.26 4.80 -49.67
C LEU F 72 -12.36 4.19 -50.51
N LYS F 73 -13.63 4.51 -50.21
CA LYS F 73 -14.74 3.83 -50.86
C LYS F 73 -14.89 4.25 -52.33
N ASP F 74 -14.32 5.38 -52.72
CA ASP F 74 -14.30 5.77 -54.12
C ASP F 74 -13.09 5.23 -54.85
N LEU F 75 -12.22 4.47 -54.19
CA LEU F 75 -11.05 3.88 -54.81
C LEU F 75 -11.09 2.37 -54.82
N PHE F 76 -11.38 1.75 -53.67
CA PHE F 76 -11.32 0.29 -53.50
C PHE F 76 -12.69 -0.20 -53.07
N PRO F 77 -13.57 -0.51 -54.02
CA PRO F 77 -14.94 -0.93 -53.64
C PRO F 77 -15.10 -2.42 -53.42
N ASN F 78 -14.26 -3.24 -54.05
CA ASN F 78 -14.56 -4.66 -54.21
C ASN F 78 -13.46 -5.59 -53.68
N LEU F 79 -12.41 -5.05 -53.08
CA LEU F 79 -11.37 -5.87 -52.44
C LEU F 79 -11.97 -6.64 -51.27
N THR F 80 -11.63 -7.92 -51.16
CA THR F 80 -12.30 -8.77 -50.19
C THR F 80 -11.36 -9.54 -49.28
N VAL F 81 -10.20 -9.92 -49.78
CA VAL F 81 -9.34 -10.88 -49.10
C VAL F 81 -7.94 -10.30 -48.97
N ILE F 82 -7.35 -10.50 -47.80
CA ILE F 82 -5.96 -10.13 -47.50
C ILE F 82 -5.24 -11.43 -47.16
N ARG F 83 -4.40 -11.92 -48.08
CA ARG F 83 -3.90 -13.28 -47.98
C ARG F 83 -2.80 -13.42 -46.92
N GLY F 84 -1.90 -12.44 -46.84
CA GLY F 84 -0.92 -12.44 -45.78
C GLY F 84 0.17 -13.49 -45.85
N SER F 85 0.74 -13.70 -47.04
CA SER F 85 1.89 -14.61 -47.14
C SER F 85 3.12 -13.98 -46.51
N ARG F 86 3.48 -12.78 -46.95
CA ARG F 86 4.44 -11.95 -46.23
C ARG F 86 3.64 -10.92 -45.44
N LEU F 87 4.19 -10.51 -44.30
CA LEU F 87 3.50 -9.52 -43.47
C LEU F 87 4.34 -8.27 -43.35
N PHE F 88 3.86 -7.35 -42.52
CA PHE F 88 4.54 -6.08 -42.27
C PHE F 88 4.44 -5.81 -40.77
N PHE F 89 5.46 -6.26 -40.04
CA PHE F 89 5.64 -6.10 -38.59
C PHE F 89 4.41 -6.62 -37.84
N ASN F 90 4.17 -7.92 -38.04
CA ASN F 90 3.03 -8.71 -37.54
C ASN F 90 1.67 -8.26 -38.04
N TYR F 91 1.60 -7.30 -38.95
CA TYR F 91 0.31 -6.79 -39.38
C TYR F 91 0.15 -7.06 -40.87
N ALA F 92 -1.07 -6.83 -41.35
CA ALA F 92 -1.35 -6.93 -42.78
C ALA F 92 -2.02 -5.69 -43.33
N LEU F 93 -2.50 -4.78 -42.48
CA LEU F 93 -3.15 -3.56 -42.92
C LEU F 93 -2.88 -2.49 -41.87
N VAL F 94 -2.19 -1.43 -42.27
CA VAL F 94 -1.74 -0.40 -41.33
C VAL F 94 -2.07 0.96 -41.90
N ILE F 95 -2.83 1.75 -41.16
CA ILE F 95 -3.13 3.13 -41.50
C ILE F 95 -2.49 4.02 -40.44
N PHE F 96 -1.62 4.92 -40.86
CA PHE F 96 -0.77 5.63 -39.90
C PHE F 96 -0.61 7.08 -40.31
N GLU F 97 -0.97 7.99 -39.40
CA GLU F 97 -0.78 9.44 -39.55
C GLU F 97 -1.48 10.00 -40.78
N MET F 98 -2.80 9.88 -40.79
CA MET F 98 -3.60 10.49 -41.84
C MET F 98 -4.10 11.85 -41.38
N VAL F 99 -4.36 12.73 -42.35
CA VAL F 99 -4.62 14.14 -42.08
C VAL F 99 -6.05 14.48 -42.48
N HIS F 100 -6.58 13.78 -43.48
CA HIS F 100 -7.90 14.10 -43.99
C HIS F 100 -8.89 12.95 -43.92
N LEU F 101 -8.51 11.80 -43.38
CA LEU F 101 -9.32 10.59 -43.47
C LEU F 101 -10.53 10.69 -42.56
N LYS F 102 -11.67 11.07 -43.14
CA LYS F 102 -12.89 11.20 -42.36
C LYS F 102 -13.44 9.85 -41.94
N GLU F 103 -13.63 8.96 -42.91
CA GLU F 103 -14.23 7.67 -42.65
C GLU F 103 -13.53 6.61 -43.49
N LEU F 104 -13.53 5.37 -43.00
CA LEU F 104 -12.77 4.28 -43.63
C LEU F 104 -13.36 3.90 -44.98
N GLY F 105 -14.62 3.46 -44.99
CA GLY F 105 -15.29 3.13 -46.23
C GLY F 105 -15.00 1.76 -46.79
N LEU F 106 -14.55 0.83 -45.95
CA LEU F 106 -14.09 -0.49 -46.40
C LEU F 106 -15.16 -1.55 -46.17
N TYR F 107 -16.25 -1.43 -46.93
CA TYR F 107 -17.43 -2.24 -46.69
C TYR F 107 -17.33 -3.67 -47.22
N ASN F 108 -16.17 -4.11 -47.71
CA ASN F 108 -16.08 -5.43 -48.31
C ASN F 108 -14.97 -6.28 -47.72
N LEU F 109 -14.49 -5.95 -46.52
CA LEU F 109 -13.47 -6.76 -45.87
C LEU F 109 -14.09 -8.05 -45.37
N MET F 110 -13.62 -9.17 -45.90
CA MET F 110 -14.24 -10.46 -45.61
C MET F 110 -13.39 -11.32 -44.66
N ASN F 111 -12.14 -11.59 -45.02
CA ASN F 111 -11.32 -12.51 -44.23
C ASN F 111 -9.88 -12.00 -44.24
N ILE F 112 -9.39 -11.57 -43.08
CA ILE F 112 -7.97 -11.31 -42.89
C ILE F 112 -7.32 -12.62 -42.49
N THR F 113 -6.46 -13.16 -43.35
CA THR F 113 -6.00 -14.52 -43.18
C THR F 113 -4.92 -14.63 -42.11
N ARG F 114 -3.77 -14.00 -42.33
CA ARG F 114 -2.65 -14.11 -41.41
C ARG F 114 -2.19 -12.71 -41.03
N GLY F 115 -2.09 -12.44 -39.74
CA GLY F 115 -1.62 -11.17 -39.25
C GLY F 115 -2.69 -10.44 -38.46
N SER F 116 -2.69 -9.11 -38.57
CA SER F 116 -3.58 -8.29 -37.78
C SER F 116 -3.73 -6.94 -38.47
N VAL F 117 -4.42 -6.03 -37.77
CA VAL F 117 -4.69 -4.70 -38.29
C VAL F 117 -4.42 -3.70 -37.17
N ARG F 118 -4.01 -2.50 -37.56
CA ARG F 118 -3.60 -1.47 -36.61
C ARG F 118 -3.75 -0.10 -37.25
N ILE F 119 -4.45 0.81 -36.59
CA ILE F 119 -4.57 2.19 -37.03
C ILE F 119 -4.30 3.10 -35.85
N GLU F 120 -3.30 3.98 -35.99
CA GLU F 120 -2.98 4.95 -34.97
C GLU F 120 -2.97 6.35 -35.56
N LYS F 121 -2.95 7.33 -34.66
CA LYS F 121 -2.47 8.69 -34.92
C LYS F 121 -3.28 9.40 -36.00
N ASN F 122 -4.58 9.14 -36.02
CA ASN F 122 -5.47 9.75 -37.00
C ASN F 122 -6.56 10.50 -36.26
N ASN F 123 -6.47 11.83 -36.24
CA ASN F 123 -7.40 12.67 -35.51
C ASN F 123 -8.64 13.02 -36.32
N GLU F 124 -9.03 12.18 -37.27
CA GLU F 124 -10.13 12.51 -38.15
C GLU F 124 -11.09 11.36 -38.40
N LEU F 125 -10.85 10.16 -37.86
CA LEU F 125 -11.67 9.01 -38.18
C LEU F 125 -12.89 8.94 -37.27
N CYS F 126 -13.90 8.19 -37.73
CA CYS F 126 -15.05 7.81 -36.90
C CYS F 126 -15.50 6.40 -37.26
N TYR F 127 -16.57 5.97 -36.59
CA TYR F 127 -17.26 4.69 -36.75
C TYR F 127 -16.37 3.49 -36.47
N LEU F 128 -15.29 3.68 -35.70
CA LEU F 128 -14.31 2.61 -35.54
C LEU F 128 -14.76 1.54 -34.56
N ALA F 129 -15.71 1.85 -33.67
CA ALA F 129 -16.29 0.86 -32.78
C ALA F 129 -17.48 0.14 -33.41
N THR F 130 -17.69 0.30 -34.71
CA THR F 130 -18.82 -0.28 -35.43
C THR F 130 -18.34 -1.21 -36.54
N ILE F 131 -17.20 -1.87 -36.34
CA ILE F 131 -16.51 -2.59 -37.40
C ILE F 131 -16.58 -4.11 -37.19
N ASP F 132 -16.50 -4.55 -35.93
CA ASP F 132 -16.62 -5.94 -35.51
C ASP F 132 -15.54 -6.81 -36.18
N TRP F 133 -14.30 -6.57 -35.75
CA TRP F 133 -13.15 -7.28 -36.30
C TRP F 133 -13.24 -8.78 -36.11
N SER F 134 -13.89 -9.24 -35.04
CA SER F 134 -13.98 -10.67 -34.74
C SER F 134 -14.82 -11.44 -35.74
N ARG F 135 -15.54 -10.79 -36.64
CA ARG F 135 -16.21 -11.49 -37.73
C ARG F 135 -15.34 -11.61 -38.98
N ILE F 136 -14.36 -10.72 -39.15
CA ILE F 136 -13.48 -10.76 -40.32
C ILE F 136 -12.17 -11.46 -39.99
N LEU F 137 -11.54 -11.05 -38.89
CA LEU F 137 -10.28 -11.60 -38.46
C LEU F 137 -10.45 -13.03 -37.95
N ASP F 138 -9.32 -13.69 -37.71
CA ASP F 138 -9.29 -14.91 -36.94
C ASP F 138 -8.57 -14.74 -35.61
N SER F 139 -8.19 -13.50 -35.26
CA SER F 139 -7.60 -13.19 -33.97
C SER F 139 -7.87 -11.73 -33.64
N VAL F 140 -7.86 -11.40 -32.36
CA VAL F 140 -8.26 -10.08 -31.92
C VAL F 140 -7.18 -9.51 -31.00
N GLU F 141 -6.27 -10.38 -30.57
CA GLU F 141 -5.37 -10.04 -29.48
C GLU F 141 -4.29 -9.06 -29.91
N ASP F 142 -3.75 -9.24 -31.12
CA ASP F 142 -2.71 -8.37 -31.63
C ASP F 142 -3.25 -7.24 -32.51
N ASN F 143 -4.50 -6.84 -32.32
CA ASN F 143 -4.98 -5.61 -32.91
C ASN F 143 -4.66 -4.44 -32.00
N HIS F 144 -4.68 -3.25 -32.57
CA HIS F 144 -4.28 -2.05 -31.84
CA HIS F 144 -4.28 -2.05 -31.84
C HIS F 144 -4.99 -0.85 -32.45
N ILE F 145 -6.05 -0.40 -31.79
CA ILE F 145 -6.80 0.78 -32.19
C ILE F 145 -6.73 1.74 -31.02
N VAL F 146 -5.70 2.58 -30.99
CA VAL F 146 -5.47 3.53 -29.92
C VAL F 146 -5.19 4.88 -30.60
N LEU F 147 -5.54 5.96 -29.89
CA LEU F 147 -5.06 7.31 -30.15
C LEU F 147 -5.59 7.82 -31.49
N ASN F 148 -6.90 7.97 -31.60
CA ASN F 148 -7.52 8.50 -32.79
C ASN F 148 -8.53 9.57 -32.40
N LYS F 149 -9.38 9.96 -33.35
CA LYS F 149 -10.44 10.91 -33.03
C LYS F 149 -11.50 10.28 -32.13
N ASP F 150 -11.68 8.97 -32.23
CA ASP F 150 -12.63 8.25 -31.38
C ASP F 150 -12.09 7.93 -29.99
N ASP F 151 -11.03 8.60 -29.55
CA ASP F 151 -10.66 8.56 -28.13
C ASP F 151 -11.69 9.29 -27.29
N ASN F 152 -12.39 10.26 -27.88
CA ASN F 152 -13.49 10.97 -27.25
C ASN F 152 -14.72 10.78 -28.12
N GLU F 153 -15.86 10.50 -27.49
CA GLU F 153 -17.11 10.32 -28.23
C GLU F 153 -17.65 11.67 -28.66
N GLU F 154 -17.27 12.14 -29.85
CA GLU F 154 -17.65 13.49 -30.26
C GLU F 154 -18.14 13.63 -31.69
N CYS F 155 -17.86 12.70 -32.60
CA CYS F 155 -18.18 12.89 -34.01
C CYS F 155 -19.39 12.07 -34.48
N GLY F 156 -20.47 12.05 -33.70
CA GLY F 156 -21.72 11.51 -34.18
C GLY F 156 -22.04 10.08 -33.81
N ASP F 157 -21.74 9.16 -34.74
CA ASP F 157 -22.01 7.72 -34.64
C ASP F 157 -23.52 7.43 -34.58
N ILE F 158 -24.25 7.99 -35.54
CA ILE F 158 -25.65 7.65 -35.78
C ILE F 158 -25.73 7.01 -37.16
N CYS F 159 -26.19 5.76 -37.21
CA CYS F 159 -26.00 4.94 -38.40
C CYS F 159 -27.04 3.86 -38.47
N PRO F 160 -27.59 3.56 -39.66
CA PRO F 160 -28.54 2.44 -39.84
C PRO F 160 -27.87 1.08 -39.62
N CYS F 169 -25.66 -6.23 -41.00
CA CYS F 169 -25.83 -5.38 -39.82
C CYS F 169 -26.95 -5.83 -38.89
N PRO F 170 -26.71 -6.90 -38.12
CA PRO F 170 -27.75 -7.44 -37.22
C PRO F 170 -27.75 -6.86 -35.82
N ALA F 171 -26.88 -5.87 -35.54
CA ALA F 171 -26.66 -5.29 -34.22
C ALA F 171 -26.31 -6.37 -33.19
N THR F 172 -25.13 -6.96 -33.41
CA THR F 172 -24.68 -8.15 -32.70
C THR F 172 -24.39 -7.85 -31.23
N VAL F 173 -24.22 -8.94 -30.47
CA VAL F 173 -24.06 -8.89 -29.03
C VAL F 173 -22.71 -9.54 -28.72
N ILE F 174 -21.71 -9.27 -29.57
CA ILE F 174 -20.39 -9.86 -29.34
C ILE F 174 -19.73 -9.31 -28.08
N ASN F 175 -20.05 -8.08 -27.70
CA ASN F 175 -19.64 -7.49 -26.45
C ASN F 175 -20.82 -7.56 -25.48
N GLY F 176 -20.69 -6.88 -24.35
CA GLY F 176 -21.80 -6.85 -23.41
C GLY F 176 -22.95 -5.94 -23.77
N GLN F 177 -22.97 -5.36 -24.98
CA GLN F 177 -23.97 -4.39 -25.40
C GLN F 177 -24.55 -4.79 -26.75
N PHE F 178 -25.64 -4.11 -27.10
CA PHE F 178 -26.36 -4.32 -28.37
C PHE F 178 -25.92 -3.30 -29.41
N VAL F 179 -24.63 -3.30 -29.72
CA VAL F 179 -24.08 -2.31 -30.64
C VAL F 179 -24.36 -2.73 -32.08
N GLU F 180 -24.78 -1.76 -32.88
CA GLU F 180 -25.00 -1.96 -34.31
C GLU F 180 -23.71 -1.68 -35.05
N ARG F 181 -23.34 -2.58 -35.98
CA ARG F 181 -22.04 -2.54 -36.64
C ARG F 181 -22.23 -2.16 -38.10
N CYS F 182 -21.84 -0.94 -38.45
CA CYS F 182 -21.92 -0.45 -39.82
C CYS F 182 -20.60 0.17 -40.23
N TRP F 183 -20.30 0.10 -41.52
CA TRP F 183 -19.05 0.66 -42.00
C TRP F 183 -19.12 2.19 -42.09
N THR F 184 -19.99 2.72 -42.94
CA THR F 184 -20.05 4.15 -43.15
C THR F 184 -21.47 4.67 -43.02
N HIS F 185 -21.70 5.91 -43.46
CA HIS F 185 -23.01 6.54 -43.36
C HIS F 185 -24.05 5.87 -44.26
N SER F 186 -23.62 5.22 -45.34
CA SER F 186 -24.55 4.61 -46.28
C SER F 186 -24.45 3.10 -46.39
N HIS F 187 -23.42 2.49 -45.81
CA HIS F 187 -23.28 1.03 -45.82
C HIS F 187 -23.42 0.51 -44.40
N CYS F 188 -23.89 -0.74 -44.29
CA CYS F 188 -23.81 -1.46 -43.02
C CYS F 188 -23.25 -2.85 -43.29
N GLN F 189 -22.60 -3.40 -42.25
CA GLN F 189 -21.73 -4.56 -42.37
C GLN F 189 -22.54 -5.82 -42.66
N LYS F 190 -22.13 -6.56 -43.69
CA LYS F 190 -22.80 -7.83 -43.96
C LYS F 190 -22.20 -8.91 -43.07
N VAL F 191 -23.07 -9.72 -42.47
CA VAL F 191 -22.67 -10.81 -41.60
C VAL F 191 -23.39 -12.08 -42.06
N CYS F 192 -22.62 -13.17 -42.26
CA CYS F 192 -23.21 -14.45 -42.58
C CYS F 192 -24.00 -15.06 -41.42
N PRO F 193 -24.97 -15.92 -41.73
CA PRO F 193 -25.49 -16.83 -40.71
C PRO F 193 -24.41 -17.81 -40.26
N THR F 194 -24.43 -18.12 -38.97
CA THR F 194 -23.33 -18.78 -38.28
C THR F 194 -23.33 -20.31 -38.45
N ILE F 195 -24.05 -20.87 -39.42
CA ILE F 195 -23.96 -22.30 -39.67
C ILE F 195 -22.79 -22.63 -40.58
N CYS F 196 -22.27 -21.63 -41.30
CA CYS F 196 -21.21 -21.81 -42.31
C CYS F 196 -20.42 -20.50 -42.41
N LYS F 197 -19.29 -20.47 -41.71
CA LYS F 197 -18.63 -19.19 -41.41
C LYS F 197 -17.83 -18.65 -42.59
N SER F 198 -16.80 -19.40 -43.01
CA SER F 198 -15.85 -18.90 -43.99
C SER F 198 -16.21 -19.31 -45.41
N HIS F 199 -17.38 -19.89 -45.63
CA HIS F 199 -17.74 -20.37 -46.96
C HIS F 199 -18.36 -19.30 -47.83
N GLY F 200 -18.73 -18.16 -47.26
CA GLY F 200 -19.32 -17.08 -48.05
C GLY F 200 -20.80 -17.30 -48.33
N CYS F 201 -21.59 -16.22 -48.23
CA CYS F 201 -23.04 -16.33 -48.25
C CYS F 201 -23.61 -15.36 -49.28
N THR F 202 -24.93 -15.46 -49.48
CA THR F 202 -25.67 -14.55 -50.34
C THR F 202 -26.53 -13.63 -49.49
N ALA F 203 -27.35 -12.80 -50.15
CA ALA F 203 -28.25 -11.91 -49.43
C ALA F 203 -29.39 -12.67 -48.77
N GLU F 204 -29.75 -13.83 -49.31
CA GLU F 204 -30.81 -14.66 -48.75
C GLU F 204 -30.31 -15.60 -47.66
N GLY F 205 -29.01 -15.56 -47.34
CA GLY F 205 -28.45 -16.38 -46.30
C GLY F 205 -28.07 -17.79 -46.71
N LEU F 206 -28.41 -18.24 -47.91
CA LEU F 206 -28.04 -19.57 -48.38
C LEU F 206 -26.57 -19.54 -48.79
N CYS F 207 -25.70 -20.07 -47.92
CA CYS F 207 -24.27 -19.91 -48.16
C CYS F 207 -23.79 -20.84 -49.26
N CYS F 208 -22.64 -20.47 -49.82
CA CYS F 208 -22.25 -20.90 -51.15
C CYS F 208 -21.60 -22.28 -51.11
N HIS F 209 -20.95 -22.63 -52.21
CA HIS F 209 -20.05 -23.78 -52.26
C HIS F 209 -18.93 -23.60 -51.24
N SER F 210 -18.46 -24.72 -50.68
CA SER F 210 -17.52 -24.69 -49.57
C SER F 210 -16.17 -24.10 -49.95
N GLU F 211 -15.82 -24.10 -51.22
CA GLU F 211 -14.57 -23.49 -51.68
C GLU F 211 -14.83 -22.09 -52.25
N CYS F 212 -15.45 -21.24 -51.44
CA CYS F 212 -15.60 -19.82 -51.79
C CYS F 212 -15.51 -19.02 -50.50
N LEU F 213 -15.33 -17.71 -50.65
CA LEU F 213 -15.33 -16.80 -49.52
C LEU F 213 -16.04 -15.51 -49.90
N GLY F 214 -16.73 -14.92 -48.92
CA GLY F 214 -17.27 -13.59 -49.07
C GLY F 214 -18.55 -13.50 -49.88
N ASN F 215 -18.59 -12.59 -50.82
CA ASN F 215 -19.74 -12.45 -51.70
C ASN F 215 -19.78 -13.61 -52.70
N CYS F 216 -20.96 -13.88 -53.24
CA CYS F 216 -21.10 -14.81 -54.35
C CYS F 216 -22.17 -14.28 -55.29
N SER F 217 -22.20 -14.85 -56.50
CA SER F 217 -23.31 -14.63 -57.40
C SER F 217 -24.47 -15.56 -57.08
N GLN F 218 -24.23 -16.87 -57.21
CA GLN F 218 -25.21 -17.88 -56.88
C GLN F 218 -24.58 -18.93 -55.99
N PRO F 219 -25.29 -19.41 -54.97
CA PRO F 219 -24.68 -20.33 -54.01
C PRO F 219 -24.52 -21.73 -54.58
N ASP F 220 -23.71 -22.52 -53.84
CA ASP F 220 -23.42 -23.93 -54.12
C ASP F 220 -22.78 -24.12 -55.50
N ASP F 221 -21.97 -23.17 -55.93
CA ASP F 221 -21.32 -23.21 -57.24
C ASP F 221 -19.84 -22.92 -57.06
N PRO F 222 -18.95 -23.80 -57.49
CA PRO F 222 -17.50 -23.50 -57.43
C PRO F 222 -16.97 -22.76 -58.65
N THR F 223 -17.85 -22.27 -59.53
CA THR F 223 -17.42 -21.64 -60.77
C THR F 223 -17.81 -20.17 -60.90
N LYS F 224 -18.64 -19.64 -60.00
CA LYS F 224 -19.13 -18.27 -60.18
C LYS F 224 -19.18 -17.49 -58.87
N CYS F 225 -18.36 -17.83 -57.88
CA CYS F 225 -18.21 -16.96 -56.72
C CYS F 225 -17.13 -15.91 -57.02
N VAL F 226 -16.65 -15.22 -56.01
CA VAL F 226 -15.72 -14.10 -56.20
C VAL F 226 -14.28 -14.50 -55.85
N ALA F 227 -14.09 -15.34 -54.82
CA ALA F 227 -12.75 -15.67 -54.35
C ALA F 227 -12.81 -16.97 -53.56
N CYS F 228 -12.01 -17.95 -53.97
CA CYS F 228 -11.96 -19.24 -53.31
C CYS F 228 -10.96 -19.22 -52.15
N ARG F 229 -10.67 -20.40 -51.63
CA ARG F 229 -9.80 -20.57 -50.48
C ARG F 229 -8.42 -21.09 -50.85
N ASN F 230 -8.35 -22.18 -51.63
CA ASN F 230 -7.08 -22.88 -51.77
C ASN F 230 -6.25 -22.36 -52.94
N PHE F 231 -6.77 -22.49 -54.16
CA PHE F 231 -5.99 -22.18 -55.34
C PHE F 231 -6.93 -21.62 -56.40
N TYR F 232 -6.45 -21.57 -57.63
CA TYR F 232 -7.26 -21.13 -58.77
C TYR F 232 -6.81 -21.90 -60.00
N LEU F 233 -7.79 -22.36 -60.80
CA LEU F 233 -7.46 -23.02 -62.06
C LEU F 233 -8.62 -22.76 -63.04
N ASP F 234 -8.44 -21.71 -63.85
CA ASP F 234 -9.16 -21.51 -65.12
C ASP F 234 -10.68 -21.43 -64.92
N GLY F 235 -11.11 -20.50 -64.09
CA GLY F 235 -12.51 -20.36 -63.75
C GLY F 235 -13.01 -21.32 -62.69
N ARG F 236 -12.15 -22.19 -62.18
CA ARG F 236 -12.51 -23.11 -61.11
C ARG F 236 -11.44 -23.06 -60.03
N CYS F 237 -11.73 -23.74 -58.93
CA CYS F 237 -10.80 -23.83 -57.80
C CYS F 237 -11.00 -25.16 -57.10
N VAL F 238 -9.93 -25.95 -57.04
CA VAL F 238 -9.96 -27.29 -56.47
C VAL F 238 -9.00 -27.27 -55.28
N GLU F 239 -9.24 -28.16 -54.31
CA GLU F 239 -8.49 -28.18 -53.06
C GLU F 239 -7.02 -28.49 -53.30
N THR F 240 -6.74 -29.53 -54.07
CA THR F 240 -5.40 -29.85 -54.53
C THR F 240 -5.45 -29.93 -56.05
N CYS F 241 -4.53 -29.23 -56.71
CA CYS F 241 -4.59 -29.16 -58.17
C CYS F 241 -4.07 -30.46 -58.77
N PRO F 242 -4.72 -30.95 -59.83
CA PRO F 242 -4.25 -32.17 -60.50
C PRO F 242 -2.91 -31.94 -61.18
N PRO F 243 -2.09 -32.98 -61.33
CA PRO F 243 -0.73 -32.78 -61.83
C PRO F 243 -0.60 -32.87 -63.35
N PRO F 244 -1.43 -32.15 -64.13
CA PRO F 244 -0.85 -31.42 -65.26
C PRO F 244 -0.22 -30.10 -64.84
N TYR F 245 -0.41 -29.69 -63.59
CA TYR F 245 0.05 -28.41 -63.11
C TYR F 245 0.70 -28.57 -61.74
N TYR F 246 1.53 -27.60 -61.40
CA TYR F 246 2.20 -27.54 -60.11
C TYR F 246 1.81 -26.25 -59.41
N HIS F 247 1.79 -26.27 -58.08
CA HIS F 247 1.36 -25.11 -57.33
C HIS F 247 2.40 -24.00 -57.36
N PHE F 248 1.95 -22.78 -57.10
CA PHE F 248 2.80 -21.59 -57.24
C PHE F 248 2.22 -20.46 -56.41
N GLN F 249 3.02 -19.93 -55.48
CA GLN F 249 2.70 -18.82 -54.58
C GLN F 249 1.49 -19.09 -53.69
N ASP F 250 1.23 -20.38 -53.41
CA ASP F 250 0.14 -20.92 -52.57
C ASP F 250 -1.25 -20.30 -52.85
N TRP F 251 -1.47 -19.83 -54.07
CA TRP F 251 -2.81 -19.43 -54.47
C TRP F 251 -3.16 -19.82 -55.90
N ARG F 252 -2.24 -20.45 -56.64
CA ARG F 252 -2.50 -20.88 -58.01
C ARG F 252 -1.82 -22.21 -58.26
N CYS F 253 -2.24 -22.87 -59.33
CA CYS F 253 -1.48 -23.98 -59.88
C CYS F 253 -1.34 -23.71 -61.37
N VAL F 254 -0.23 -24.18 -61.95
CA VAL F 254 0.16 -23.77 -63.28
C VAL F 254 1.12 -24.82 -63.83
N ASN F 255 1.19 -24.92 -65.16
CA ASN F 255 2.00 -25.94 -65.81
C ASN F 255 3.49 -25.61 -65.67
N PHE F 256 4.31 -26.65 -65.85
CA PHE F 256 5.76 -26.48 -65.76
C PHE F 256 6.33 -25.73 -66.94
N SER F 257 5.56 -25.56 -68.02
CA SER F 257 5.93 -24.64 -69.07
C SER F 257 6.00 -23.21 -68.56
N PHE F 258 5.20 -22.89 -67.54
CA PHE F 258 5.19 -21.53 -67.02
C PHE F 258 6.40 -21.25 -66.13
N CYS F 259 6.67 -22.11 -65.14
CA CYS F 259 7.81 -21.83 -64.26
C CYS F 259 9.17 -21.97 -64.91
N GLN F 260 9.28 -22.67 -66.04
CA GLN F 260 10.62 -23.01 -66.52
C GLN F 260 11.37 -21.81 -67.08
N ASP F 261 10.70 -20.88 -67.77
CA ASP F 261 11.43 -19.73 -68.29
C ASP F 261 11.72 -18.67 -67.23
N LEU F 262 10.97 -18.66 -66.12
CA LEU F 262 11.34 -17.81 -64.99
C LEU F 262 12.68 -18.20 -64.41
N HIS F 263 13.01 -19.48 -64.42
CA HIS F 263 14.38 -19.89 -64.14
C HIS F 263 15.32 -19.46 -65.26
N HIS F 264 14.83 -19.43 -66.50
CA HIS F 264 15.69 -19.13 -67.65
C HIS F 264 15.88 -17.63 -67.88
N LYS F 265 14.83 -16.83 -67.70
CA LYS F 265 14.95 -15.41 -68.03
C LYS F 265 15.86 -14.67 -67.06
N CYS F 266 16.01 -15.16 -65.84
CA CYS F 266 16.86 -14.51 -64.86
C CYS F 266 17.78 -15.49 -64.12
N LYS F 267 18.13 -16.62 -64.75
CA LYS F 267 19.44 -17.21 -64.47
C LYS F 267 20.56 -16.30 -64.92
N ASN F 268 20.29 -15.43 -65.89
CA ASN F 268 21.12 -14.26 -66.15
C ASN F 268 21.05 -13.36 -64.92
N SER F 269 22.18 -13.22 -64.23
CA SER F 269 22.20 -12.48 -62.95
C SER F 269 22.13 -10.98 -63.23
N ARG F 270 20.92 -10.53 -63.56
CA ARG F 270 20.65 -9.13 -63.80
C ARG F 270 19.81 -8.48 -62.70
N ARG F 271 19.15 -9.29 -61.87
CA ARG F 271 18.41 -8.80 -60.73
C ARG F 271 18.41 -9.90 -59.68
N GLN F 272 18.63 -9.51 -58.42
CA GLN F 272 18.62 -10.44 -57.30
C GLN F 272 17.23 -10.64 -56.72
N GLY F 273 16.19 -10.20 -57.42
CA GLY F 273 14.82 -10.36 -56.95
C GLY F 273 14.17 -11.66 -57.29
N CYS F 274 14.76 -12.43 -58.20
CA CYS F 274 14.28 -13.76 -58.49
C CYS F 274 14.86 -14.74 -57.49
N HIS F 275 14.38 -15.97 -57.57
CA HIS F 275 15.10 -17.13 -57.11
C HIS F 275 14.92 -18.22 -58.15
N GLN F 276 15.91 -19.09 -58.25
CA GLN F 276 15.88 -20.17 -59.24
C GLN F 276 14.84 -21.18 -58.81
N TYR F 277 13.63 -21.06 -59.37
CA TYR F 277 12.50 -21.86 -58.93
C TYR F 277 12.63 -23.31 -59.37
N VAL F 278 12.44 -24.23 -58.44
CA VAL F 278 12.63 -25.66 -58.67
C VAL F 278 11.34 -26.41 -58.38
N ILE F 279 11.13 -27.50 -59.11
CA ILE F 279 9.96 -28.36 -58.90
C ILE F 279 10.25 -29.30 -57.74
N HIS F 280 9.35 -29.31 -56.75
CA HIS F 280 9.43 -30.27 -55.65
C HIS F 280 8.05 -30.40 -55.03
N ASN F 281 7.53 -31.64 -55.00
CA ASN F 281 6.24 -31.98 -54.42
C ASN F 281 5.10 -31.13 -55.01
N ASN F 282 5.13 -30.98 -56.35
CA ASN F 282 4.17 -30.20 -57.14
C ASN F 282 4.13 -28.73 -56.75
N LYS F 283 5.28 -28.18 -56.33
CA LYS F 283 5.37 -26.78 -55.94
C LYS F 283 6.47 -26.08 -56.71
N CYS F 284 6.24 -24.80 -57.01
CA CYS F 284 7.18 -23.96 -57.74
C CYS F 284 7.94 -23.06 -56.76
N ILE F 285 8.61 -23.71 -55.81
CA ILE F 285 9.28 -23.07 -54.67
C ILE F 285 10.54 -22.34 -55.12
N PRO F 286 10.89 -21.18 -54.50
CA PRO F 286 12.20 -20.57 -54.71
C PRO F 286 13.41 -21.45 -54.41
N GLU F 287 13.52 -21.98 -53.21
CA GLU F 287 14.63 -22.86 -52.85
C GLU F 287 14.09 -24.08 -52.11
N CYS F 288 14.41 -25.29 -52.62
CA CYS F 288 14.01 -26.46 -51.86
C CYS F 288 14.98 -26.68 -50.69
N PRO F 289 14.50 -27.20 -49.54
CA PRO F 289 15.33 -27.20 -48.32
C PRO F 289 16.47 -28.19 -48.31
N SER F 290 17.08 -28.35 -47.13
CA SER F 290 18.30 -29.13 -46.94
C SER F 290 18.10 -30.60 -47.30
N GLY F 291 19.22 -31.28 -47.54
CA GLY F 291 19.17 -32.65 -47.97
C GLY F 291 18.75 -32.85 -49.41
N TYR F 292 18.84 -31.80 -50.23
CA TYR F 292 18.39 -31.87 -51.60
C TYR F 292 19.31 -31.00 -52.45
N THR F 293 19.52 -31.41 -53.70
CA THR F 293 20.31 -30.63 -54.64
C THR F 293 19.67 -30.74 -56.02
N MET F 294 19.66 -29.64 -56.74
CA MET F 294 18.96 -29.55 -58.02
C MET F 294 19.69 -30.29 -59.13
N ASN F 295 18.91 -30.86 -60.05
CA ASN F 295 19.46 -31.40 -61.29
C ASN F 295 19.27 -30.40 -62.41
N SER F 296 20.13 -30.50 -63.42
CA SER F 296 20.20 -29.49 -64.47
C SER F 296 19.05 -29.63 -65.46
N SER F 297 18.88 -30.81 -66.03
CA SER F 297 17.89 -30.97 -67.09
C SER F 297 16.47 -31.06 -66.55
N ASN F 298 16.27 -31.88 -65.52
CA ASN F 298 14.92 -32.17 -65.04
C ASN F 298 14.32 -31.03 -64.24
N LEU F 299 15.16 -30.11 -63.74
CA LEU F 299 14.80 -28.91 -62.97
C LEU F 299 14.15 -29.24 -61.61
N LEU F 300 14.17 -30.50 -61.18
CA LEU F 300 13.73 -30.86 -59.85
C LEU F 300 14.92 -30.75 -58.89
N CYS F 301 14.77 -31.25 -57.67
CA CYS F 301 15.92 -31.44 -56.79
C CYS F 301 15.80 -32.81 -56.13
N THR F 302 16.81 -33.65 -56.35
CA THR F 302 16.91 -35.04 -55.94
C THR F 302 17.44 -35.11 -54.51
N PRO F 303 17.19 -36.22 -53.80
CA PRO F 303 17.85 -36.43 -52.50
C PRO F 303 19.38 -36.43 -52.62
N CYS F 304 20.00 -35.54 -51.84
CA CYS F 304 21.42 -35.25 -51.96
C CYS F 304 22.26 -36.37 -51.33
N LEU F 305 23.41 -36.64 -51.94
CA LEU F 305 24.27 -37.72 -51.46
C LEU F 305 24.99 -37.28 -50.19
N GLY F 306 24.88 -38.09 -49.14
CA GLY F 306 25.39 -37.73 -47.85
C GLY F 306 24.58 -36.61 -47.22
N PRO F 307 25.09 -36.02 -46.14
CA PRO F 307 24.49 -34.79 -45.62
C PRO F 307 25.07 -33.57 -46.33
N CYS F 308 24.18 -32.70 -46.81
CA CYS F 308 24.55 -31.41 -47.36
C CYS F 308 23.56 -30.35 -46.88
N PRO F 309 23.91 -29.51 -45.90
CA PRO F 309 22.91 -28.61 -45.30
C PRO F 309 22.72 -27.32 -46.07
N LYS F 310 21.50 -26.80 -46.12
CA LYS F 310 21.24 -25.51 -46.76
C LYS F 310 21.69 -24.41 -45.82
N VAL F 311 22.91 -23.91 -46.05
CA VAL F 311 23.46 -22.86 -45.22
C VAL F 311 22.74 -21.54 -45.53
N CYS F 312 22.74 -20.62 -44.57
CA CYS F 312 22.02 -19.36 -44.68
C CYS F 312 23.02 -18.25 -44.37
N HIS F 313 23.71 -17.77 -45.41
CA HIS F 313 24.84 -16.86 -45.25
C HIS F 313 24.31 -15.48 -44.86
N LEU F 314 24.29 -15.22 -43.56
CA LEU F 314 23.64 -14.05 -43.01
C LEU F 314 24.47 -12.80 -43.29
N LEU F 315 23.80 -11.75 -43.75
CA LEU F 315 24.49 -10.52 -44.10
C LEU F 315 24.87 -9.75 -42.83
N GLU F 316 26.03 -9.09 -42.90
CA GLU F 316 26.68 -8.29 -41.82
C GLU F 316 26.71 -8.99 -40.45
N GLY F 317 26.78 -10.32 -40.43
CA GLY F 317 27.08 -11.05 -39.22
C GLY F 317 26.00 -11.22 -38.16
N GLU F 318 25.04 -10.30 -38.12
CA GLU F 318 23.98 -10.36 -37.14
C GLU F 318 22.74 -9.71 -37.71
N LYS F 319 21.59 -10.29 -37.36
CA LYS F 319 20.30 -9.82 -37.85
C LYS F 319 19.31 -9.91 -36.70
N THR F 320 18.88 -8.76 -36.20
CA THR F 320 17.95 -8.75 -35.09
C THR F 320 16.58 -9.24 -35.52
N ILE F 321 15.92 -9.98 -34.65
CA ILE F 321 14.60 -10.52 -34.90
C ILE F 321 13.65 -9.67 -34.09
N ASP F 322 12.92 -8.77 -34.76
CA ASP F 322 11.95 -7.92 -34.10
C ASP F 322 10.54 -8.47 -34.17
N SER F 323 10.15 -9.01 -35.32
CA SER F 323 8.81 -9.53 -35.49
C SER F 323 8.84 -10.57 -36.59
N VAL F 324 7.65 -11.03 -36.96
CA VAL F 324 7.51 -12.16 -37.85
C VAL F 324 7.99 -11.83 -39.26
N THR F 325 8.01 -10.54 -39.62
CA THR F 325 8.60 -10.17 -40.90
C THR F 325 10.13 -10.30 -40.86
N SER F 326 10.73 -10.08 -39.71
CA SER F 326 12.16 -10.30 -39.58
C SER F 326 12.48 -11.78 -39.52
N ALA F 327 11.56 -12.58 -39.02
CA ALA F 327 11.81 -14.00 -38.85
C ALA F 327 11.57 -14.80 -40.12
N GLN F 328 10.82 -14.25 -41.07
CA GLN F 328 10.44 -15.02 -42.26
C GLN F 328 11.58 -15.08 -43.27
N GLU F 329 12.63 -14.29 -43.08
CA GLU F 329 13.80 -14.39 -43.94
C GLU F 329 14.62 -15.63 -43.61
N LEU F 330 14.47 -16.18 -42.41
CA LEU F 330 15.23 -17.33 -41.97
C LEU F 330 14.49 -18.64 -42.18
N ARG F 331 13.35 -18.61 -42.87
CA ARG F 331 12.56 -19.82 -43.07
C ARG F 331 13.28 -20.77 -44.02
N GLY F 332 13.43 -22.01 -43.58
CA GLY F 332 14.09 -23.04 -44.35
C GLY F 332 15.57 -23.16 -44.08
N CYS F 333 16.21 -22.09 -43.62
CA CYS F 333 17.63 -22.12 -43.33
C CYS F 333 17.90 -22.98 -42.11
N THR F 334 19.09 -23.56 -42.04
CA THR F 334 19.45 -24.39 -40.91
C THR F 334 20.86 -24.17 -40.38
N VAL F 335 21.73 -23.50 -41.11
CA VAL F 335 23.07 -23.17 -40.64
C VAL F 335 23.22 -21.65 -40.66
N ILE F 336 23.33 -21.06 -39.48
CA ILE F 336 23.43 -19.61 -39.36
C ILE F 336 24.91 -19.27 -39.37
N ASN F 337 25.38 -18.64 -40.44
CA ASN F 337 26.79 -18.28 -40.58
C ASN F 337 27.10 -16.91 -39.97
N GLY F 338 26.33 -16.49 -38.98
CA GLY F 338 26.58 -15.25 -38.27
C GLY F 338 26.13 -15.40 -36.84
N SER F 339 25.62 -14.31 -36.27
CA SER F 339 25.04 -14.30 -34.93
C SER F 339 23.56 -13.93 -35.01
N LEU F 340 22.88 -14.08 -33.89
CA LEU F 340 21.42 -13.97 -33.86
C LEU F 340 20.98 -13.30 -32.58
N ILE F 341 20.14 -12.27 -32.69
CA ILE F 341 19.61 -11.53 -31.55
C ILE F 341 18.10 -11.49 -31.67
N ILE F 342 17.40 -12.02 -30.67
CA ILE F 342 15.95 -11.92 -30.63
C ILE F 342 15.57 -10.78 -29.70
N ASN F 343 14.60 -9.98 -30.14
CA ASN F 343 14.18 -8.81 -29.38
C ASN F 343 12.73 -8.53 -29.75
N ILE F 344 11.81 -9.02 -28.93
CA ILE F 344 10.39 -8.82 -29.15
C ILE F 344 9.91 -7.82 -28.10
N ARG F 345 9.56 -6.62 -28.54
CA ARG F 345 9.20 -5.55 -27.63
C ARG F 345 7.69 -5.56 -27.42
N GLY F 346 7.27 -5.62 -26.17
CA GLY F 346 5.89 -5.40 -25.79
C GLY F 346 4.96 -6.47 -26.33
N GLY F 347 3.70 -6.07 -26.48
CA GLY F 347 2.73 -6.91 -27.14
C GLY F 347 2.28 -8.10 -26.31
N ASN F 348 1.66 -9.03 -27.02
CA ASN F 348 1.00 -10.17 -26.40
C ASN F 348 1.88 -11.42 -26.35
N ASN F 349 2.27 -11.95 -27.52
CA ASN F 349 3.03 -13.19 -27.68
C ASN F 349 3.34 -13.38 -29.16
N LEU F 350 4.48 -13.99 -29.48
CA LEU F 350 4.75 -14.44 -30.82
C LEU F 350 5.13 -15.92 -30.88
N ALA F 351 4.97 -16.65 -29.77
CA ALA F 351 5.46 -18.01 -29.68
C ALA F 351 4.58 -19.03 -30.39
N ALA F 352 3.59 -18.59 -31.16
CA ALA F 352 2.82 -19.48 -32.01
C ALA F 352 3.29 -19.47 -33.45
N GLU F 353 4.15 -18.52 -33.82
CA GLU F 353 4.66 -18.45 -35.18
C GLU F 353 6.16 -18.69 -35.28
N LEU F 354 6.91 -18.54 -34.18
CA LEU F 354 8.34 -18.75 -34.26
C LEU F 354 8.70 -20.21 -34.46
N GLU F 355 7.82 -21.13 -34.03
CA GLU F 355 8.07 -22.55 -34.29
C GLU F 355 7.95 -22.87 -35.77
N ALA F 356 6.93 -22.31 -36.43
CA ALA F 356 6.74 -22.57 -37.85
C ALA F 356 7.56 -21.65 -38.73
N ASN F 357 8.45 -20.86 -38.17
CA ASN F 357 9.23 -19.98 -39.03
C ASN F 357 10.73 -20.23 -38.95
N LEU F 358 11.28 -20.40 -37.75
CA LEU F 358 12.69 -20.71 -37.61
C LEU F 358 12.93 -21.93 -36.73
N GLY F 359 11.92 -22.78 -36.58
CA GLY F 359 12.06 -24.01 -35.84
C GLY F 359 12.85 -25.11 -36.51
N LEU F 360 13.47 -24.83 -37.66
CA LEU F 360 14.22 -25.81 -38.42
C LEU F 360 15.70 -25.45 -38.50
N ILE F 361 16.23 -24.78 -37.48
CA ILE F 361 17.63 -24.41 -37.46
C ILE F 361 18.40 -25.35 -36.54
N GLU F 362 19.63 -25.61 -36.89
CA GLU F 362 20.48 -26.49 -36.11
C GLU F 362 21.80 -25.84 -35.69
N GLU F 363 22.41 -25.06 -36.56
CA GLU F 363 23.77 -24.59 -36.35
C GLU F 363 23.77 -23.06 -36.36
N ILE F 364 24.09 -22.47 -35.23
CA ILE F 364 24.40 -21.05 -35.14
C ILE F 364 25.91 -20.91 -34.96
N SER F 365 26.50 -19.94 -35.64
CA SER F 365 27.93 -19.76 -35.56
C SER F 365 28.34 -18.74 -34.50
N GLY F 366 27.64 -17.62 -34.41
CA GLY F 366 28.01 -16.59 -33.46
C GLY F 366 27.41 -16.82 -32.09
N TYR F 367 26.79 -15.78 -31.53
CA TYR F 367 26.23 -15.84 -30.20
C TYR F 367 24.74 -15.60 -30.27
N LEU F 368 24.02 -16.06 -29.25
CA LEU F 368 22.59 -15.87 -29.13
C LEU F 368 22.33 -15.00 -27.93
N LYS F 369 21.66 -13.87 -28.14
CA LYS F 369 21.45 -12.89 -27.08
C LYS F 369 19.98 -12.52 -27.01
N ILE F 370 19.42 -12.61 -25.81
CA ILE F 370 18.00 -12.32 -25.57
C ILE F 370 17.94 -11.11 -24.67
N ARG F 371 17.70 -9.93 -25.24
CA ARG F 371 17.59 -8.71 -24.47
C ARG F 371 16.22 -8.08 -24.63
N ARG F 372 15.78 -7.41 -23.58
CA ARG F 372 14.65 -6.48 -23.56
C ARG F 372 13.31 -7.13 -23.91
N SER F 373 13.21 -8.45 -23.91
CA SER F 373 11.93 -9.07 -24.19
C SER F 373 11.01 -8.95 -23.00
N TYR F 374 9.70 -8.97 -23.27
CA TYR F 374 8.72 -8.75 -22.23
C TYR F 374 7.73 -9.88 -22.14
N ALA F 375 7.44 -10.54 -23.25
CA ALA F 375 6.31 -11.45 -23.24
C ALA F 375 6.68 -12.83 -23.78
N LEU F 376 7.95 -13.20 -23.74
CA LEU F 376 8.27 -14.59 -23.98
C LEU F 376 7.95 -15.40 -22.74
N VAL F 377 7.67 -16.69 -22.93
CA VAL F 377 7.36 -17.53 -21.79
C VAL F 377 8.37 -18.68 -21.76
N SER F 378 8.89 -19.05 -22.92
CA SER F 378 9.86 -20.13 -22.99
C SER F 378 10.66 -19.99 -24.26
N LEU F 379 11.85 -20.57 -24.26
CA LEU F 379 12.67 -20.63 -25.47
C LEU F 379 12.45 -21.91 -26.24
N SER F 380 11.31 -22.57 -26.03
CA SER F 380 11.06 -23.85 -26.69
C SER F 380 10.74 -23.73 -28.16
N PHE F 381 10.60 -22.51 -28.69
CA PHE F 381 10.43 -22.34 -30.14
C PHE F 381 11.69 -22.77 -30.89
N PHE F 382 12.86 -22.60 -30.29
CA PHE F 382 14.08 -23.17 -30.83
C PHE F 382 14.00 -24.68 -30.66
N ARG F 383 13.62 -25.38 -31.73
CA ARG F 383 13.39 -26.81 -31.61
C ARG F 383 14.69 -27.60 -31.60
N LYS F 384 15.64 -27.24 -32.45
CA LYS F 384 16.76 -28.12 -32.71
C LYS F 384 18.12 -27.44 -32.51
N LEU F 385 18.30 -26.76 -31.38
CA LEU F 385 19.63 -26.28 -31.04
C LEU F 385 20.44 -27.40 -30.42
N ARG F 386 21.65 -27.60 -30.94
CA ARG F 386 22.59 -28.50 -30.28
C ARG F 386 24.01 -27.96 -30.19
N LEU F 387 24.42 -27.02 -31.04
CA LEU F 387 25.82 -26.64 -31.14
C LEU F 387 25.92 -25.15 -31.41
N ILE F 388 26.58 -24.44 -30.52
CA ILE F 388 26.88 -23.02 -30.69
C ILE F 388 28.38 -22.88 -30.86
N ARG F 389 28.80 -22.38 -32.02
CA ARG F 389 30.22 -22.41 -32.37
C ARG F 389 31.02 -21.32 -31.67
N GLY F 390 30.73 -20.06 -31.98
CA GLY F 390 31.50 -18.98 -31.42
C GLY F 390 32.84 -18.77 -32.09
N GLU F 391 32.87 -18.67 -33.43
CA GLU F 391 34.07 -18.13 -34.07
C GLU F 391 34.28 -16.68 -33.70
N THR F 392 33.21 -15.90 -33.68
CA THR F 392 33.21 -14.60 -33.05
C THR F 392 32.38 -14.67 -31.78
N LEU F 393 32.69 -13.75 -30.87
CA LEU F 393 31.99 -13.66 -29.60
C LEU F 393 31.54 -12.23 -29.38
N GLU F 394 30.64 -12.04 -28.43
CA GLU F 394 30.27 -10.70 -28.03
C GLU F 394 31.35 -10.09 -27.16
N ILE F 395 31.24 -8.78 -26.93
CA ILE F 395 32.25 -8.08 -26.15
C ILE F 395 32.21 -8.53 -24.70
N GLY F 396 33.38 -8.59 -24.08
CA GLY F 396 33.54 -9.31 -22.84
C GLY F 396 33.74 -10.80 -22.99
N ASN F 397 33.89 -11.29 -24.23
CA ASN F 397 34.07 -12.70 -24.59
C ASN F 397 32.91 -13.56 -24.06
N TYR F 398 31.72 -13.28 -24.59
CA TYR F 398 30.50 -13.96 -24.18
C TYR F 398 29.89 -14.71 -25.35
N SER F 399 29.01 -15.67 -25.02
CA SER F 399 28.33 -16.47 -26.03
C SER F 399 26.83 -16.61 -25.81
N PHE F 400 26.32 -16.38 -24.61
CA PHE F 400 24.90 -16.50 -24.32
C PHE F 400 24.55 -15.40 -23.33
N TYR F 401 23.53 -14.62 -23.67
CA TYR F 401 23.34 -13.33 -23.00
C TYR F 401 21.84 -13.10 -22.83
N ALA F 402 21.36 -13.24 -21.59
CA ALA F 402 19.97 -12.98 -21.26
C ALA F 402 19.88 -11.80 -20.31
N LEU F 403 19.06 -10.82 -20.67
CA LEU F 403 18.99 -9.57 -19.91
C LEU F 403 17.61 -8.95 -20.07
N ASP F 404 16.99 -8.63 -18.93
CA ASP F 404 15.71 -7.90 -18.84
C ASP F 404 14.60 -8.64 -19.60
N ASN F 405 14.28 -9.82 -19.09
CA ASN F 405 13.23 -10.66 -19.64
C ASN F 405 12.17 -10.84 -18.56
N GLN F 406 11.10 -10.06 -18.66
CA GLN F 406 10.15 -9.95 -17.56
C GLN F 406 9.33 -11.20 -17.32
N ASN F 407 9.26 -12.13 -18.28
CA ASN F 407 8.42 -13.30 -18.07
C ASN F 407 9.05 -14.58 -18.60
N LEU F 408 10.35 -14.61 -18.82
CA LEU F 408 11.01 -15.82 -19.29
C LEU F 408 11.07 -16.83 -18.16
N ARG F 409 10.45 -18.00 -18.35
CA ARG F 409 10.23 -18.93 -17.25
C ARG F 409 11.00 -20.23 -17.36
N GLN F 410 10.92 -20.91 -18.51
CA GLN F 410 11.62 -22.18 -18.71
C GLN F 410 12.48 -22.07 -19.95
N LEU F 411 13.78 -22.34 -19.82
CA LEU F 411 14.65 -22.36 -20.99
C LEU F 411 14.35 -23.56 -21.87
N TRP F 412 14.57 -24.77 -21.36
CA TRP F 412 14.28 -25.98 -22.12
C TRP F 412 13.94 -27.10 -21.16
N ASP F 413 13.20 -28.09 -21.66
CA ASP F 413 13.00 -29.34 -20.97
C ASP F 413 14.20 -30.23 -21.25
N TRP F 414 15.08 -30.37 -20.25
CA TRP F 414 16.39 -30.99 -20.45
C TRP F 414 16.31 -32.49 -20.69
N SER F 415 15.19 -33.12 -20.33
CA SER F 415 15.07 -34.56 -20.48
C SER F 415 14.96 -35.00 -21.94
N LYS F 416 14.56 -34.10 -22.83
CA LYS F 416 14.46 -34.39 -24.25
C LYS F 416 15.21 -33.35 -25.06
N HIS F 417 16.38 -32.94 -24.59
CA HIS F 417 17.08 -31.86 -25.25
C HIS F 417 18.57 -32.00 -25.03
N ASN F 418 19.34 -31.44 -25.96
CA ASN F 418 20.78 -31.42 -25.87
C ASN F 418 21.26 -30.03 -26.22
N LEU F 419 22.44 -29.67 -25.71
CA LEU F 419 23.02 -28.36 -26.00
C LEU F 419 24.52 -28.45 -25.76
N THR F 420 25.31 -28.04 -26.74
CA THR F 420 26.75 -27.92 -26.56
C THR F 420 27.19 -26.49 -26.83
N THR F 421 28.19 -26.05 -26.08
CA THR F 421 28.85 -24.77 -26.30
C THR F 421 30.34 -25.04 -26.38
N THR F 422 30.92 -24.77 -27.56
CA THR F 422 32.34 -25.07 -27.79
C THR F 422 33.24 -24.20 -26.93
N GLN F 423 33.03 -22.89 -26.96
CA GLN F 423 33.78 -21.97 -26.14
C GLN F 423 32.81 -20.90 -25.65
N GLY F 424 33.35 -19.83 -25.09
CA GLY F 424 32.53 -18.72 -24.66
C GLY F 424 32.20 -18.73 -23.19
N LYS F 425 31.35 -17.77 -22.83
CA LYS F 425 30.99 -17.51 -21.45
C LYS F 425 29.55 -17.04 -21.40
N LEU F 426 28.77 -17.58 -20.47
CA LEU F 426 27.36 -17.21 -20.39
C LEU F 426 27.16 -16.05 -19.41
N PHE F 427 25.92 -15.57 -19.33
CA PHE F 427 25.64 -14.30 -18.68
C PHE F 427 24.15 -14.22 -18.36
N PHE F 428 23.81 -13.74 -17.17
CA PHE F 428 22.42 -13.61 -16.76
C PHE F 428 22.27 -12.44 -15.81
N HIS F 429 21.22 -11.65 -16.02
CA HIS F 429 20.91 -10.52 -15.17
C HIS F 429 19.45 -10.13 -15.37
N TYR F 430 18.77 -9.77 -14.28
CA TYR F 430 17.43 -9.20 -14.27
C TYR F 430 16.40 -10.09 -14.97
N ASN F 431 16.27 -11.30 -14.45
CA ASN F 431 15.35 -12.28 -15.00
C ASN F 431 14.42 -12.70 -13.88
N PRO F 432 13.41 -11.88 -13.57
CA PRO F 432 12.66 -12.05 -12.33
C PRO F 432 11.77 -13.27 -12.26
N LYS F 433 11.60 -14.02 -13.34
CA LYS F 433 10.85 -15.26 -13.29
C LYS F 433 11.71 -16.42 -13.75
N LEU F 434 12.98 -16.41 -13.35
CA LEU F 434 13.93 -17.41 -13.81
C LEU F 434 14.74 -17.93 -12.63
N CYS F 435 14.67 -19.24 -12.42
CA CYS F 435 15.15 -19.89 -11.22
C CYS F 435 16.67 -20.06 -11.25
N LEU F 436 17.28 -20.14 -10.06
CA LEU F 436 18.71 -20.43 -10.01
C LEU F 436 19.03 -21.90 -10.25
N SER F 437 18.02 -22.77 -10.20
CA SER F 437 18.25 -24.17 -10.50
C SER F 437 18.44 -24.40 -11.99
N GLU F 438 17.72 -23.65 -12.83
CA GLU F 438 17.74 -23.88 -14.27
C GLU F 438 19.08 -23.48 -14.87
N ILE F 439 19.65 -22.36 -14.42
CA ILE F 439 20.92 -21.91 -14.97
C ILE F 439 22.05 -22.84 -14.55
N HIS F 440 21.95 -23.43 -13.35
CA HIS F 440 22.93 -24.43 -12.96
C HIS F 440 22.71 -25.72 -13.74
N LYS F 441 21.45 -26.08 -14.00
CA LYS F 441 21.15 -27.20 -14.87
C LYS F 441 21.55 -26.91 -16.30
N MET F 442 21.51 -25.64 -16.71
CA MET F 442 22.00 -25.24 -18.02
C MET F 442 23.50 -25.49 -18.14
N GLU F 443 24.22 -25.32 -17.03
CA GLU F 443 25.66 -25.58 -17.03
C GLU F 443 25.96 -27.07 -17.18
N GLU F 444 25.10 -27.94 -16.64
CA GLU F 444 25.36 -29.37 -16.64
C GLU F 444 25.04 -30.04 -17.96
N VAL F 445 24.47 -29.32 -18.92
CA VAL F 445 24.29 -29.87 -20.27
C VAL F 445 25.35 -29.22 -21.13
N SER F 446 25.76 -28.02 -20.74
CA SER F 446 26.76 -27.25 -21.45
C SER F 446 28.14 -27.92 -21.38
N GLY F 447 28.99 -27.54 -22.33
CA GLY F 447 30.37 -27.99 -22.30
C GLY F 447 31.17 -27.36 -21.19
N THR F 448 30.77 -26.17 -20.74
CA THR F 448 31.45 -25.52 -19.63
C THR F 448 30.89 -25.96 -18.29
N LYS F 449 31.76 -25.97 -17.30
CA LYS F 449 31.42 -26.31 -15.92
C LYS F 449 31.85 -25.25 -14.93
N GLY F 450 33.01 -24.62 -15.15
CA GLY F 450 33.52 -23.63 -14.22
C GLY F 450 34.23 -22.48 -14.90
N ARG F 451 34.00 -22.30 -16.20
CA ARG F 451 34.52 -21.15 -16.91
C ARG F 451 33.72 -19.93 -16.48
N GLN F 452 34.24 -19.17 -15.52
CA GLN F 452 33.56 -18.03 -14.94
C GLN F 452 34.45 -16.79 -15.10
N GLU F 453 33.93 -15.64 -14.71
CA GLU F 453 34.68 -14.40 -14.89
C GLU F 453 34.93 -13.64 -13.59
N ARG F 454 34.02 -13.76 -12.61
CA ARG F 454 34.13 -13.11 -11.29
C ARG F 454 34.25 -11.58 -11.42
N ASN F 455 33.15 -10.95 -11.82
CA ASN F 455 31.78 -11.48 -11.67
C ASN F 455 31.19 -12.05 -12.95
N ASP F 456 30.87 -13.34 -12.84
CA ASP F 456 30.09 -14.14 -13.77
C ASP F 456 28.59 -13.87 -13.59
N ILE F 457 27.75 -14.84 -13.96
CA ILE F 457 26.30 -14.71 -13.87
C ILE F 457 25.83 -14.31 -12.47
N ALA F 458 24.70 -13.64 -12.43
CA ALA F 458 24.21 -13.07 -11.19
C ALA F 458 23.66 -14.15 -10.29
N LEU F 459 23.46 -13.79 -9.02
CA LEU F 459 23.01 -14.72 -8.02
C LEU F 459 21.91 -14.19 -7.14
N LYS F 460 21.63 -12.89 -7.17
CA LYS F 460 20.69 -12.26 -6.26
C LYS F 460 19.41 -11.81 -6.93
N THR F 461 19.52 -11.20 -8.11
CA THR F 461 18.34 -10.66 -8.78
C THR F 461 17.73 -11.62 -9.80
N ASN F 462 18.38 -12.73 -10.11
CA ASN F 462 17.86 -13.67 -11.10
C ASN F 462 16.73 -14.47 -10.46
N GLY F 463 15.50 -14.04 -10.67
CA GLY F 463 14.38 -14.74 -10.08
C GLY F 463 14.13 -14.37 -8.64
N ASP F 464 14.43 -13.13 -8.26
CA ASP F 464 14.20 -12.68 -6.91
C ASP F 464 12.71 -12.53 -6.60
N LYS F 465 11.86 -12.44 -7.61
CA LYS F 465 10.42 -12.27 -7.41
C LYS F 465 9.62 -13.49 -7.84
N ALA F 466 10.27 -14.63 -8.01
CA ALA F 466 9.61 -15.89 -8.33
C ALA F 466 10.31 -17.00 -7.57
N SER F 467 9.54 -17.79 -6.84
CA SER F 467 10.11 -18.71 -5.87
C SER F 467 10.45 -20.07 -6.49
N CYS F 468 11.56 -20.65 -6.01
CA CYS F 468 11.83 -22.08 -6.12
C CYS F 468 12.49 -22.50 -4.83
N GLU F 469 12.10 -23.68 -4.33
CA GLU F 469 12.79 -24.35 -3.25
C GLU F 469 12.80 -25.85 -3.53
N ASN F 470 13.84 -26.49 -3.04
CA ASN F 470 14.01 -27.94 -3.17
C ASN F 470 13.98 -28.58 -1.78
N GLU F 471 13.13 -28.01 -0.92
CA GLU F 471 12.80 -28.54 0.38
C GLU F 471 11.32 -28.28 0.62
N LEU F 472 10.65 -29.26 1.18
CA LEU F 472 9.20 -29.21 1.35
C LEU F 472 8.84 -29.41 2.81
N LEU F 473 7.69 -28.87 3.20
CA LEU F 473 7.20 -28.95 4.56
C LEU F 473 5.88 -29.70 4.56
N LYS F 474 5.73 -30.65 5.49
CA LYS F 474 4.49 -31.39 5.66
C LYS F 474 3.79 -30.91 6.92
N PHE F 475 2.48 -30.81 6.86
CA PHE F 475 1.73 -30.47 8.05
C PHE F 475 1.61 -31.70 8.95
N SER F 476 1.39 -31.44 10.23
CA SER F 476 1.28 -32.52 11.20
C SER F 476 -0.08 -32.57 11.88
N TYR F 477 -0.55 -31.46 12.42
CA TYR F 477 -1.78 -31.43 13.19
C TYR F 477 -2.65 -30.27 12.74
N ILE F 478 -3.91 -30.57 12.44
CA ILE F 478 -4.89 -29.58 12.04
C ILE F 478 -6.03 -29.64 13.05
N ARG F 479 -6.53 -28.47 13.47
CA ARG F 479 -7.59 -28.39 14.46
C ARG F 479 -8.72 -27.52 13.93
N THR F 480 -9.93 -28.05 13.96
CA THR F 480 -11.10 -27.42 13.37
C THR F 480 -12.00 -26.85 14.44
N SER F 481 -12.42 -25.61 14.26
CA SER F 481 -13.52 -25.01 15.02
C SER F 481 -14.39 -24.21 14.06
N PHE F 482 -15.42 -23.58 14.60
CA PHE F 482 -16.30 -22.78 13.76
C PHE F 482 -15.76 -21.38 13.51
N ASP F 483 -14.94 -20.85 14.42
CA ASP F 483 -14.40 -19.50 14.29
C ASP F 483 -12.88 -19.50 14.17
N LYS F 484 -12.19 -20.23 15.04
CA LYS F 484 -10.74 -20.28 15.00
C LYS F 484 -10.28 -21.53 14.26
N ILE F 485 -8.99 -21.55 13.95
CA ILE F 485 -8.32 -22.74 13.41
C ILE F 485 -6.88 -22.72 13.89
N LEU F 486 -6.44 -23.84 14.47
CA LEU F 486 -5.11 -23.95 15.02
C LEU F 486 -4.28 -24.83 14.09
N LEU F 487 -3.08 -24.38 13.78
CA LEU F 487 -2.24 -25.00 12.77
C LEU F 487 -0.91 -25.37 13.39
N ARG F 488 -0.35 -26.51 12.98
CA ARG F 488 0.92 -26.97 13.53
C ARG F 488 1.60 -27.86 12.51
N TRP F 489 2.79 -27.47 12.07
CA TRP F 489 3.56 -28.21 11.09
C TRP F 489 4.91 -28.62 11.68
N GLU F 490 5.72 -29.29 10.85
CA GLU F 490 6.91 -29.96 11.33
C GLU F 490 8.02 -28.95 11.61
N PRO F 491 8.97 -29.30 12.48
CA PRO F 491 10.15 -28.45 12.65
C PRO F 491 11.12 -28.60 11.49
N TYR F 492 11.95 -27.58 11.33
CA TYR F 492 12.85 -27.48 10.19
C TYR F 492 13.95 -26.47 10.51
N TRP F 493 15.17 -26.76 10.08
CA TRP F 493 16.29 -25.86 10.25
C TRP F 493 17.14 -25.84 9.00
N PRO F 494 17.72 -24.69 8.65
CA PRO F 494 18.81 -24.65 7.68
C PRO F 494 20.08 -25.21 8.28
N PRO F 495 21.14 -25.43 7.49
CA PRO F 495 22.40 -25.92 8.07
C PRO F 495 23.10 -24.96 9.03
N ASP F 496 22.71 -23.69 9.06
CA ASP F 496 23.16 -22.75 10.09
C ASP F 496 21.89 -22.15 10.67
N PHE F 497 21.55 -22.51 11.91
CA PHE F 497 20.23 -22.17 12.41
C PHE F 497 20.10 -20.73 12.87
N ARG F 498 21.21 -20.00 12.99
CA ARG F 498 21.12 -18.57 13.27
C ARG F 498 20.48 -17.83 12.12
N ASP F 499 20.68 -18.31 10.90
CA ASP F 499 20.01 -17.74 9.74
C ASP F 499 18.61 -18.35 9.67
N LEU F 500 17.68 -17.73 10.40
CA LEU F 500 16.26 -18.07 10.26
C LEU F 500 15.45 -16.88 10.74
N LEU F 501 14.50 -16.45 9.93
CA LEU F 501 13.75 -15.24 10.23
C LEU F 501 12.33 -15.53 10.71
N GLY F 502 11.90 -16.78 10.67
CA GLY F 502 10.53 -17.14 10.99
C GLY F 502 9.85 -17.79 9.81
N PHE F 503 8.54 -17.56 9.71
CA PHE F 503 7.78 -18.11 8.61
C PHE F 503 6.77 -17.09 8.11
N MET F 504 6.36 -17.28 6.86
CA MET F 504 5.31 -16.49 6.25
C MET F 504 4.13 -17.40 5.98
N LEU F 505 2.98 -17.07 6.54
CA LEU F 505 1.75 -17.82 6.34
C LEU F 505 0.84 -17.00 5.44
N PHE F 506 0.73 -17.41 4.18
CA PHE F 506 -0.23 -16.85 3.26
C PHE F 506 -1.52 -17.66 3.34
N TYR F 507 -2.65 -16.97 3.35
CA TYR F 507 -3.92 -17.66 3.37
C TYR F 507 -4.99 -16.77 2.76
N LYS F 508 -5.98 -17.41 2.16
CA LYS F 508 -7.17 -16.75 1.62
C LYS F 508 -8.24 -17.82 1.48
N GLU F 509 -9.45 -17.38 1.15
CA GLU F 509 -10.55 -18.31 0.95
C GLU F 509 -10.67 -18.65 -0.52
N ALA F 510 -11.56 -19.60 -0.81
CA ALA F 510 -11.83 -20.02 -2.18
C ALA F 510 -13.19 -20.70 -2.21
N PRO F 511 -13.98 -20.51 -3.25
CA PRO F 511 -15.24 -21.27 -3.34
C PRO F 511 -15.04 -22.70 -3.75
N TYR F 512 -13.96 -23.01 -4.46
CA TYR F 512 -13.69 -24.37 -4.92
C TYR F 512 -12.20 -24.65 -4.77
N GLN F 513 -11.82 -25.87 -5.13
CA GLN F 513 -10.42 -26.29 -5.04
C GLN F 513 -9.67 -26.07 -6.35
N ASN F 514 -10.14 -25.16 -7.21
CA ASN F 514 -9.39 -24.73 -8.38
C ASN F 514 -8.49 -23.54 -8.08
N VAL F 515 -7.71 -23.66 -7.02
CA VAL F 515 -6.85 -22.58 -6.57
C VAL F 515 -5.59 -22.55 -7.42
N THR F 516 -5.28 -21.39 -7.97
CA THR F 516 -4.07 -21.23 -8.76
C THR F 516 -2.83 -21.32 -7.87
N GLU F 517 -1.71 -21.67 -8.51
CA GLU F 517 -0.41 -21.59 -7.85
C GLU F 517 -0.09 -20.14 -7.55
N PHE F 518 0.32 -19.85 -6.33
CA PHE F 518 0.66 -18.49 -5.93
C PHE F 518 1.91 -18.05 -6.66
N ASP F 519 1.71 -17.21 -7.68
CA ASP F 519 2.81 -16.71 -8.50
C ASP F 519 3.61 -15.62 -7.81
N GLY F 520 3.00 -14.93 -6.85
CA GLY F 520 3.61 -13.77 -6.24
C GLY F 520 2.92 -12.50 -6.68
N GLN F 521 2.02 -11.97 -5.85
CA GLN F 521 1.29 -10.75 -6.14
C GLN F 521 0.78 -10.15 -4.84
N ASP F 522 0.99 -8.85 -4.68
CA ASP F 522 0.59 -8.11 -3.48
C ASP F 522 -0.24 -6.91 -3.91
N ALA F 523 -0.94 -6.34 -2.94
CA ALA F 523 -1.62 -5.07 -3.12
C ALA F 523 -1.81 -4.44 -1.75
N CYS F 524 -2.07 -3.15 -1.75
CA CYS F 524 -2.74 -2.59 -0.59
C CYS F 524 -4.20 -2.97 -0.51
N GLY F 525 -4.82 -3.37 -1.62
CA GLY F 525 -6.26 -3.53 -1.64
C GLY F 525 -6.70 -4.87 -1.10
N SER F 526 -7.80 -5.41 -1.57
CA SER F 526 -8.15 -6.78 -1.22
C SER F 526 -8.65 -7.46 -2.49
N ASN F 527 -7.71 -8.02 -3.25
CA ASN F 527 -8.04 -8.79 -4.44
C ASN F 527 -7.17 -10.05 -4.50
N SER F 528 -6.36 -10.30 -3.48
CA SER F 528 -5.39 -11.39 -3.48
C SER F 528 -5.20 -11.87 -2.04
N TRP F 529 -4.12 -12.59 -1.81
CA TRP F 529 -3.87 -13.25 -0.53
C TRP F 529 -3.55 -12.25 0.56
N THR F 530 -3.96 -12.57 1.78
CA THR F 530 -3.47 -11.89 2.96
C THR F 530 -2.48 -12.78 3.71
N VAL F 531 -1.64 -12.15 4.52
CA VAL F 531 -0.46 -12.83 5.06
C VAL F 531 -0.21 -12.35 6.49
N VAL F 532 0.14 -13.31 7.36
CA VAL F 532 0.52 -13.03 8.73
C VAL F 532 1.96 -13.51 8.91
N ASP F 533 2.69 -12.85 9.81
CA ASP F 533 4.10 -13.15 10.03
C ASP F 533 4.29 -13.79 11.41
N ILE F 534 5.22 -14.73 11.48
CA ILE F 534 5.36 -15.61 12.63
C ILE F 534 6.78 -15.50 13.16
N ASP F 535 6.93 -15.34 14.46
CA ASP F 535 8.23 -15.42 15.10
C ASP F 535 8.79 -16.84 14.98
N PRO F 536 10.10 -17.00 14.77
CA PRO F 536 10.66 -18.35 14.66
C PRO F 536 10.58 -19.08 15.98
N PRO F 537 10.48 -20.40 15.96
CA PRO F 537 10.43 -21.16 17.21
C PRO F 537 11.77 -21.15 17.91
N LEU F 538 11.72 -21.26 19.23
CA LEU F 538 12.92 -21.10 20.04
C LEU F 538 13.82 -22.31 19.88
N ARG F 539 15.12 -22.08 20.06
CA ARG F 539 16.07 -23.16 19.91
C ARG F 539 16.07 -24.04 21.15
N SER F 540 16.06 -25.35 20.93
CA SER F 540 16.20 -26.32 22.00
C SER F 540 17.58 -26.96 22.09
N ASN F 541 18.34 -26.97 20.97
CA ASN F 541 19.60 -27.70 20.82
C ASN F 541 19.45 -29.18 21.16
N ASP F 542 18.28 -29.73 20.85
CA ASP F 542 17.84 -31.06 21.18
C ASP F 542 17.12 -31.60 19.95
N PRO F 543 17.52 -32.76 19.42
CA PRO F 543 16.84 -33.29 18.22
C PRO F 543 15.40 -33.75 18.48
N LYS F 544 15.00 -33.89 19.73
CA LYS F 544 13.60 -34.14 20.09
C LYS F 544 13.12 -32.88 20.81
N SER F 545 12.31 -32.07 20.12
CA SER F 545 12.13 -30.68 20.51
C SER F 545 10.66 -30.31 20.59
N GLN F 546 10.41 -29.27 21.40
CA GLN F 546 9.13 -28.59 21.47
C GLN F 546 8.89 -27.70 20.26
N ASN F 547 9.90 -27.48 19.43
CA ASN F 547 9.98 -26.46 18.39
C ASN F 547 8.99 -26.66 17.23
N HIS F 548 8.04 -27.60 17.27
CA HIS F 548 6.91 -27.62 16.34
C HIS F 548 6.20 -26.28 16.42
N PRO F 549 6.30 -25.44 15.39
CA PRO F 549 5.73 -24.10 15.46
C PRO F 549 4.23 -24.14 15.22
N GLY F 550 3.59 -23.01 15.50
CA GLY F 550 2.16 -22.95 15.34
C GLY F 550 1.65 -21.53 15.43
N TRP F 551 0.44 -21.35 14.91
CA TRP F 551 -0.23 -20.06 14.93
C TRP F 551 -1.71 -20.30 14.78
N LEU F 552 -2.50 -19.44 15.41
CA LEU F 552 -3.95 -19.63 15.50
C LEU F 552 -4.65 -18.47 14.82
N MET F 553 -5.42 -18.78 13.79
CA MET F 553 -6.20 -17.75 13.09
C MET F 553 -7.49 -17.48 13.84
N ARG F 554 -7.98 -16.24 13.74
CA ARG F 554 -9.07 -15.81 14.60
C ARG F 554 -10.36 -15.50 13.84
N GLY F 555 -10.33 -14.56 12.90
CA GLY F 555 -11.56 -14.00 12.35
C GLY F 555 -12.06 -14.66 11.09
N LEU F 556 -12.62 -15.87 11.21
CA LEU F 556 -13.03 -16.65 10.07
C LEU F 556 -14.54 -16.83 10.04
N LYS F 557 -15.11 -16.79 8.85
CA LYS F 557 -16.52 -17.07 8.73
C LYS F 557 -16.76 -18.58 8.82
N PRO F 558 -17.76 -19.01 9.57
CA PRO F 558 -18.02 -20.45 9.71
C PRO F 558 -18.63 -21.03 8.44
N TRP F 559 -18.36 -22.33 8.25
CA TRP F 559 -18.73 -23.12 7.06
C TRP F 559 -18.20 -22.47 5.78
N THR F 560 -16.88 -22.29 5.72
CA THR F 560 -16.23 -21.72 4.55
C THR F 560 -15.00 -22.54 4.19
N GLN F 561 -14.80 -22.72 2.88
CA GLN F 561 -13.63 -23.40 2.38
C GLN F 561 -12.41 -22.49 2.46
N TYR F 562 -11.26 -23.06 2.81
CA TYR F 562 -10.03 -22.29 2.98
C TYR F 562 -8.86 -23.02 2.35
N ALA F 563 -7.80 -22.27 2.09
CA ALA F 563 -6.56 -22.81 1.54
C ALA F 563 -5.38 -22.11 2.18
N ILE F 564 -4.43 -22.89 2.71
CA ILE F 564 -3.30 -22.37 3.45
C ILE F 564 -2.02 -23.06 3.00
N PHE F 565 -0.91 -22.32 3.14
CA PHE F 565 0.45 -22.85 2.98
C PHE F 565 1.41 -21.87 3.62
N VAL F 566 2.59 -22.37 3.99
CA VAL F 566 3.57 -21.56 4.70
C VAL F 566 4.87 -21.55 3.91
N LYS F 567 5.72 -20.58 4.25
CA LYS F 567 6.95 -20.36 3.51
C LYS F 567 8.05 -19.95 4.48
N THR F 568 9.28 -20.32 4.15
CA THR F 568 10.43 -20.01 5.01
C THR F 568 11.02 -18.64 4.64
N LEU F 569 12.08 -18.26 5.35
CA LEU F 569 12.68 -16.93 5.16
C LEU F 569 14.12 -16.97 5.64
N VAL F 570 15.06 -16.84 4.71
CA VAL F 570 16.49 -16.92 4.97
C VAL F 570 17.12 -15.62 4.46
N THR F 571 18.19 -15.16 5.13
CA THR F 571 18.97 -14.06 4.58
C THR F 571 19.69 -14.50 3.32
N PHE F 572 19.47 -13.76 2.24
CA PHE F 572 20.22 -14.02 1.01
C PHE F 572 21.67 -13.63 1.20
N SER F 573 22.58 -14.50 0.79
CA SER F 573 24.00 -14.30 1.02
C SER F 573 24.74 -14.64 -0.26
N ASP F 574 26.07 -14.68 -0.18
CA ASP F 574 26.88 -14.98 -1.35
C ASP F 574 26.92 -16.47 -1.65
N GLU F 575 26.68 -17.32 -0.66
CA GLU F 575 26.70 -18.76 -0.87
C GLU F 575 25.43 -19.20 -1.59
N ARG F 576 25.59 -20.11 -2.55
CA ARG F 576 24.46 -20.65 -3.32
C ARG F 576 23.88 -21.86 -2.58
N ARG F 577 23.35 -21.57 -1.39
CA ARG F 577 22.86 -22.59 -0.48
C ARG F 577 21.74 -21.97 0.34
N THR F 578 21.21 -22.75 1.28
CA THR F 578 20.11 -22.39 2.19
C THR F 578 18.94 -21.75 1.44
N TYR F 579 18.38 -22.51 0.50
CA TYR F 579 17.29 -22.01 -0.33
C TYR F 579 15.96 -21.94 0.40
N GLY F 580 15.87 -22.43 1.63
CA GLY F 580 14.63 -22.39 2.36
C GLY F 580 13.70 -23.52 2.01
N ALA F 581 12.40 -23.36 2.28
CA ALA F 581 11.46 -24.45 2.07
C ALA F 581 10.06 -23.90 1.82
N LYS F 582 9.28 -24.68 1.08
CA LYS F 582 7.90 -24.33 0.75
C LYS F 582 6.99 -25.47 1.17
N SER F 583 6.00 -25.16 1.99
CA SER F 583 4.96 -26.13 2.29
C SER F 583 4.00 -26.28 1.12
N ASP F 584 3.44 -27.47 0.99
CA ASP F 584 2.44 -27.70 -0.03
C ASP F 584 1.15 -27.00 0.33
N ILE F 585 0.34 -26.74 -0.69
CA ILE F 585 -0.98 -26.14 -0.48
C ILE F 585 -1.96 -27.24 -0.09
N ILE F 586 -2.88 -26.91 0.81
CA ILE F 586 -3.88 -27.84 1.29
C ILE F 586 -5.22 -27.12 1.34
N TYR F 587 -6.24 -27.83 1.80
CA TYR F 587 -7.57 -27.27 1.94
C TYR F 587 -8.15 -27.66 3.30
N VAL F 588 -8.71 -26.69 4.00
CA VAL F 588 -9.37 -26.89 5.28
C VAL F 588 -10.68 -26.13 5.27
N GLN F 589 -11.56 -26.48 6.19
CA GLN F 589 -12.88 -25.87 6.29
C GLN F 589 -13.21 -25.55 7.74
N THR F 590 -13.86 -24.42 7.95
CA THR F 590 -14.40 -24.08 9.26
C THR F 590 -15.63 -24.93 9.57
N ASP F 591 -15.93 -25.05 10.86
CA ASP F 591 -17.06 -25.86 11.28
C ASP F 591 -18.37 -25.07 11.18
N ALA F 592 -19.48 -25.80 11.24
CA ALA F 592 -20.80 -25.19 11.25
C ALA F 592 -21.16 -24.68 12.65
N THR F 593 -22.24 -23.91 12.72
CA THR F 593 -22.65 -23.26 13.96
C THR F 593 -24.14 -22.92 13.88
N ASN F 594 -24.61 -22.07 14.78
CA ASN F 594 -25.96 -21.56 14.74
C ASN F 594 -26.21 -20.78 13.45
N PRO F 595 -27.43 -20.79 12.94
CA PRO F 595 -27.78 -19.93 11.80
C PRO F 595 -27.98 -18.48 12.22
N SER F 596 -28.27 -17.62 11.25
CA SER F 596 -28.60 -16.24 11.52
C SER F 596 -30.11 -16.07 11.55
N VAL F 597 -30.56 -14.86 11.84
CA VAL F 597 -31.98 -14.55 11.94
C VAL F 597 -32.58 -14.48 10.55
N PRO F 598 -33.75 -15.07 10.30
CA PRO F 598 -34.42 -14.88 9.01
C PRO F 598 -34.89 -13.46 8.83
N LEU F 599 -35.14 -13.09 7.58
CA LEU F 599 -35.39 -11.70 7.22
C LEU F 599 -36.83 -11.51 6.78
N ASP F 600 -37.30 -10.26 6.91
CA ASP F 600 -38.56 -9.68 6.45
C ASP F 600 -39.80 -10.54 6.68
N PRO F 601 -40.26 -10.73 7.93
CA PRO F 601 -41.51 -11.47 8.13
C PRO F 601 -42.72 -10.61 7.80
N ILE F 602 -43.40 -10.94 6.70
CA ILE F 602 -44.51 -10.16 6.18
C ILE F 602 -45.78 -11.00 6.29
N SER F 603 -46.75 -10.49 7.04
CA SER F 603 -48.07 -11.11 7.17
C SER F 603 -49.14 -10.15 6.68
N VAL F 604 -50.14 -10.70 5.98
CA VAL F 604 -51.24 -9.92 5.43
C VAL F 604 -52.55 -10.48 6.01
N SER F 605 -53.40 -9.58 6.50
CA SER F 605 -54.70 -9.96 7.06
C SER F 605 -55.75 -9.89 5.96
N ASN F 606 -56.17 -11.06 5.46
CA ASN F 606 -57.20 -11.14 4.44
C ASN F 606 -58.46 -11.87 4.90
N SER F 607 -58.32 -12.97 5.64
CA SER F 607 -59.46 -13.75 6.09
C SER F 607 -59.42 -13.96 7.59
N SER F 608 -60.47 -14.62 8.09
CA SER F 608 -60.51 -15.00 9.50
C SER F 608 -59.72 -16.28 9.76
N SER F 609 -59.90 -17.28 8.90
CA SER F 609 -59.25 -18.58 9.08
C SER F 609 -58.11 -18.77 8.08
N GLN F 610 -57.71 -17.70 7.39
CA GLN F 610 -56.49 -17.72 6.58
C GLN F 610 -55.66 -16.51 7.02
N ILE F 611 -54.57 -16.78 7.72
CA ILE F 611 -53.61 -15.75 8.11
C ILE F 611 -52.29 -16.08 7.42
N ILE F 612 -52.01 -15.39 6.34
CA ILE F 612 -50.82 -15.65 5.55
C ILE F 612 -49.64 -14.96 6.21
N LEU F 613 -48.46 -15.56 6.06
CA LEU F 613 -47.23 -15.00 6.58
C LEU F 613 -46.07 -15.50 5.73
N LYS F 614 -45.29 -14.57 5.20
CA LYS F 614 -44.12 -14.92 4.41
C LYS F 614 -42.89 -14.26 5.02
N TRP F 615 -41.72 -14.76 4.65
CA TRP F 615 -40.47 -14.26 5.18
C TRP F 615 -39.42 -14.33 4.08
N LYS F 616 -38.16 -14.08 4.46
CA LYS F 616 -37.02 -14.17 3.56
C LYS F 616 -36.01 -15.13 4.17
N PRO F 617 -35.19 -15.79 3.33
CA PRO F 617 -34.13 -16.64 3.87
C PRO F 617 -33.09 -15.79 4.60
N PRO F 618 -32.40 -16.37 5.57
CA PRO F 618 -31.43 -15.59 6.36
C PRO F 618 -30.19 -15.23 5.56
N SER F 619 -29.47 -14.23 6.08
CA SER F 619 -28.27 -13.74 5.41
C SER F 619 -27.14 -14.75 5.49
N ASP F 620 -26.80 -15.17 6.71
CA ASP F 620 -25.76 -16.16 6.91
C ASP F 620 -26.40 -17.54 7.01
N PRO F 621 -26.19 -18.43 6.05
CA PRO F 621 -26.82 -19.75 6.12
C PRO F 621 -26.15 -20.67 7.13
N ASN F 622 -24.82 -20.50 7.27
CA ASN F 622 -23.97 -21.32 8.14
C ASN F 622 -24.10 -22.81 7.81
N GLY F 623 -24.00 -23.12 6.54
CA GLY F 623 -24.29 -24.45 6.04
C GLY F 623 -25.71 -24.55 5.51
N ASN F 624 -26.05 -25.76 5.08
CA ASN F 624 -27.41 -26.04 4.62
C ASN F 624 -28.35 -26.05 5.81
N ILE F 625 -29.29 -25.12 5.84
CA ILE F 625 -30.31 -25.09 6.87
C ILE F 625 -31.29 -26.23 6.58
N THR F 626 -32.04 -26.65 7.59
CA THR F 626 -32.90 -27.81 7.47
C THR F 626 -34.37 -27.47 7.41
N HIS F 627 -34.85 -26.66 8.34
CA HIS F 627 -36.27 -26.38 8.44
C HIS F 627 -36.46 -25.03 9.14
N TYR F 628 -37.68 -24.76 9.56
CA TYR F 628 -38.01 -23.55 10.28
C TYR F 628 -38.76 -23.89 11.57
N LEU F 629 -38.73 -22.96 12.51
CA LEU F 629 -39.41 -23.10 13.80
C LEU F 629 -40.40 -21.96 13.96
N VAL F 630 -41.67 -22.25 13.76
CA VAL F 630 -42.74 -21.27 13.89
C VAL F 630 -43.40 -21.48 15.25
N PHE F 631 -44.02 -20.43 15.77
CA PHE F 631 -44.77 -20.50 17.01
C PHE F 631 -45.87 -19.45 16.99
N TRP F 632 -46.99 -19.74 17.64
CA TRP F 632 -48.05 -18.74 17.75
C TRP F 632 -48.80 -18.95 19.05
N GLU F 633 -49.53 -17.91 19.45
CA GLU F 633 -50.13 -17.84 20.78
C GLU F 633 -51.23 -16.78 20.84
N ARG F 634 -52.34 -17.09 21.52
CA ARG F 634 -53.45 -16.16 21.68
C ARG F 634 -53.25 -15.32 22.95
N GLN F 635 -54.07 -14.28 23.15
CA GLN F 635 -53.83 -13.38 24.28
C GLN F 635 -55.09 -12.66 24.72
N ALA F 636 -55.15 -12.34 26.02
CA ALA F 636 -56.34 -11.87 26.72
C ALA F 636 -56.73 -10.42 26.46
N GLU F 637 -55.95 -9.71 25.65
CA GLU F 637 -56.23 -8.34 25.18
C GLU F 637 -56.35 -7.34 26.33
N ASP F 638 -55.22 -7.10 27.01
CA ASP F 638 -54.88 -5.88 27.76
C ASP F 638 -55.99 -5.32 28.65
N SER F 639 -56.22 -5.98 29.78
CA SER F 639 -57.35 -5.71 30.66
C SER F 639 -57.27 -4.39 31.43
N GLU F 640 -56.33 -3.50 31.11
CA GLU F 640 -56.37 -2.14 31.64
C GLU F 640 -57.46 -1.30 30.98
N LEU F 641 -57.94 -1.71 29.80
CA LEU F 641 -59.02 -1.01 29.11
C LEU F 641 -60.40 -1.34 29.66
N PHE F 642 -60.50 -2.29 30.60
CA PHE F 642 -61.78 -2.69 31.17
C PHE F 642 -62.33 -1.69 32.17
N GLU F 643 -61.55 -0.70 32.58
CA GLU F 643 -61.94 0.24 33.62
C GLU F 643 -61.92 1.66 33.10
N LEU F 644 -62.14 1.81 31.79
CA LEU F 644 -62.21 3.11 31.16
C LEU F 644 -63.68 3.46 30.93
N ASP F 645 -64.07 4.64 31.39
CA ASP F 645 -65.32 5.22 30.93
C ASP F 645 -65.12 5.65 29.48
N TYR F 646 -65.80 4.98 28.55
CA TYR F 646 -65.61 5.16 27.13
C TYR F 646 -66.44 6.31 26.56
N CYS F 647 -66.76 7.31 27.40
CA CYS F 647 -67.62 8.44 27.07
C CYS F 647 -66.85 9.75 27.15
N LEU F 648 -65.62 9.71 27.65
CA LEU F 648 -64.74 10.86 27.71
C LEU F 648 -63.84 10.86 26.49
N LYS F 649 -62.83 11.72 26.50
CA LYS F 649 -62.01 11.93 25.31
C LYS F 649 -61.01 10.79 25.14
N GLY F 650 -61.08 10.10 24.00
CA GLY F 650 -60.14 9.06 23.67
C GLY F 650 -60.73 7.68 23.43
N LEU F 651 -60.78 7.26 22.17
CA LEU F 651 -61.17 5.92 21.77
C LEU F 651 -60.10 5.35 20.84
N LYS F 652 -60.03 4.02 20.80
CA LYS F 652 -58.95 3.32 20.11
C LYS F 652 -59.54 2.52 18.96
N LEU F 653 -58.79 2.43 17.86
CA LEU F 653 -59.19 1.67 16.68
C LEU F 653 -58.08 0.70 16.33
N PRO F 654 -58.31 -0.60 16.38
CA PRO F 654 -57.30 -1.57 15.93
C PRO F 654 -57.30 -1.68 14.41
N SER F 655 -56.35 -2.47 13.90
CA SER F 655 -56.18 -2.64 12.46
C SER F 655 -56.91 -3.88 11.95
N CYS F 683 -3.43 3.13 5.60
CA CYS F 683 -4.68 2.39 5.77
C CYS F 683 -4.28 0.95 5.93
N SER F 684 -3.36 0.47 5.09
CA SER F 684 -2.74 -0.83 5.26
C SER F 684 -1.23 -0.68 5.16
N CYS F 685 -0.52 -1.78 5.40
CA CYS F 685 0.94 -1.88 5.29
C CYS F 685 1.29 -3.22 4.66
N PRO F 686 1.39 -3.29 3.33
CA PRO F 686 1.79 -4.55 2.67
C PRO F 686 3.23 -4.90 2.96
N LYS F 687 4.11 -3.92 2.79
CA LYS F 687 5.54 -4.11 3.06
C LYS F 687 6.13 -2.79 3.55
N THR F 688 6.98 -2.89 4.56
CA THR F 688 7.66 -1.75 5.15
C THR F 688 9.18 -1.87 4.95
N ASP F 689 9.57 -2.17 3.70
CA ASP F 689 10.83 -2.79 3.28
C ASP F 689 12.10 -2.26 3.93
N SER F 690 12.13 -0.97 4.25
CA SER F 690 13.25 -0.42 5.00
C SER F 690 13.34 -1.05 6.39
N GLN F 691 12.20 -1.24 7.04
CA GLN F 691 12.19 -1.92 8.33
C GLN F 691 12.50 -3.41 8.17
N ILE F 692 12.08 -4.01 7.06
CA ILE F 692 12.55 -5.34 6.71
C ILE F 692 14.05 -5.33 6.49
N LEU F 693 14.57 -4.30 5.81
CA LEU F 693 16.02 -4.13 5.76
C LEU F 693 16.58 -3.80 7.13
N LYS F 694 15.82 -3.14 8.00
CA LYS F 694 16.27 -2.97 9.37
C LYS F 694 16.17 -4.28 10.15
N GLU F 695 15.18 -5.12 9.84
CA GLU F 695 15.02 -6.37 10.58
C GLU F 695 16.13 -7.35 10.23
N LEU F 696 16.52 -7.41 8.97
CA LEU F 696 17.62 -8.28 8.61
C LEU F 696 18.96 -7.73 9.06
N GLU F 697 19.05 -6.42 9.27
CA GLU F 697 20.33 -5.82 9.65
C GLU F 697 20.68 -6.16 11.09
N GLU F 698 19.78 -5.88 12.03
CA GLU F 698 20.12 -6.05 13.43
C GLU F 698 20.13 -7.53 13.82
N SER F 699 19.43 -8.38 13.07
CA SER F 699 19.49 -9.81 13.34
C SER F 699 20.86 -10.37 12.95
N SER F 700 21.36 -9.99 11.78
CA SER F 700 22.70 -10.43 11.41
C SER F 700 23.76 -9.68 12.19
N PHE F 701 23.42 -8.54 12.79
CA PHE F 701 24.34 -7.88 13.71
C PHE F 701 24.61 -8.75 14.92
N ARG F 702 23.60 -9.49 15.36
CA ARG F 702 23.80 -10.48 16.42
C ARG F 702 24.59 -11.67 15.91
N LYS F 703 24.47 -11.99 14.63
CA LYS F 703 25.26 -13.08 14.07
C LYS F 703 26.73 -12.71 13.98
N THR F 704 27.03 -11.49 13.56
CA THR F 704 28.44 -11.12 13.40
C THR F 704 29.08 -10.77 14.74
N PHE F 705 28.27 -10.58 15.80
CA PHE F 705 28.86 -10.27 17.10
C PHE F 705 29.52 -11.50 17.69
N GLU F 706 28.80 -12.61 17.79
CA GLU F 706 29.37 -13.79 18.40
C GLU F 706 30.43 -14.43 17.52
N ASP F 707 30.42 -14.15 16.22
CA ASP F 707 31.49 -14.60 15.36
C ASP F 707 32.81 -13.97 15.74
N TYR F 708 32.80 -12.73 16.21
CA TYR F 708 34.03 -12.15 16.71
C TYR F 708 34.35 -12.66 18.10
N LEU F 709 33.36 -13.12 18.86
CA LEU F 709 33.63 -13.58 20.21
C LEU F 709 34.32 -14.94 20.19
N HIS F 710 33.86 -15.84 19.33
CA HIS F 710 34.44 -17.18 19.28
C HIS F 710 35.87 -17.16 18.76
N ASN F 711 36.18 -16.26 17.83
CA ASN F 711 37.49 -16.25 17.22
C ASN F 711 38.57 -15.61 18.08
N VAL F 712 38.23 -15.14 19.27
CA VAL F 712 39.20 -14.59 20.20
C VAL F 712 39.37 -15.50 21.41
N VAL F 713 38.27 -16.04 21.93
CA VAL F 713 38.33 -16.79 23.18
C VAL F 713 38.81 -18.23 23.01
N PHE F 714 38.92 -18.73 21.79
CA PHE F 714 39.38 -20.09 21.55
C PHE F 714 40.65 -20.05 20.72
N VAL F 715 41.74 -20.57 21.27
CA VAL F 715 43.01 -20.56 20.56
C VAL F 715 43.41 -21.99 20.24
N PRO F 716 43.75 -22.30 18.98
CA PRO F 716 44.26 -23.63 18.66
C PRO F 716 45.61 -23.88 19.31
N ARG F 717 45.88 -25.14 19.53
CA ARG F 717 47.17 -25.50 20.12
C ARG F 717 48.20 -25.74 19.03
N PRO F 718 49.37 -25.08 19.08
CA PRO F 718 50.41 -25.26 18.07
C PRO F 718 51.09 -26.62 18.14
N HIS F 756 -47.75 -25.99 26.26
CA HIS F 756 -46.92 -25.30 25.28
C HIS F 756 -47.77 -24.55 24.27
N ARG F 757 -47.12 -23.98 23.27
CA ARG F 757 -47.81 -23.21 22.25
C ARG F 757 -48.02 -24.05 20.99
N PRO F 758 -49.14 -23.84 20.28
CA PRO F 758 -49.34 -24.57 19.02
C PRO F 758 -48.35 -24.12 17.96
N PHE F 759 -47.79 -25.09 17.25
CA PHE F 759 -46.64 -24.84 16.38
C PHE F 759 -46.52 -25.99 15.39
N GLU F 760 -45.58 -25.84 14.47
CA GLU F 760 -45.22 -26.90 13.53
C GLU F 760 -43.81 -26.62 13.04
N LYS F 761 -43.31 -27.50 12.18
CA LYS F 761 -42.00 -27.36 11.55
C LYS F 761 -42.20 -27.42 10.04
N VAL F 762 -41.85 -26.33 9.37
CA VAL F 762 -42.10 -26.20 7.94
C VAL F 762 -40.76 -26.26 7.19
N VAL F 763 -40.83 -26.77 5.95
CA VAL F 763 -39.65 -27.17 5.20
C VAL F 763 -39.91 -26.78 3.75
N ASN F 764 -38.86 -26.30 3.06
CA ASN F 764 -38.85 -26.00 1.61
C ASN F 764 -39.84 -24.91 1.22
N LYS F 765 -40.05 -23.91 2.08
CA LYS F 765 -41.02 -22.88 1.75
C LYS F 765 -40.55 -21.52 2.25
N GLU F 766 -41.27 -20.49 1.79
CA GLU F 766 -41.01 -19.13 2.20
C GLU F 766 -42.27 -18.40 2.65
N SER F 767 -43.42 -19.06 2.64
CA SER F 767 -44.68 -18.47 3.09
C SER F 767 -45.48 -19.55 3.81
N LEU F 768 -46.35 -19.12 4.72
CA LEU F 768 -47.13 -20.08 5.49
C LEU F 768 -48.43 -19.44 5.95
N VAL F 769 -49.50 -20.23 5.89
CA VAL F 769 -50.82 -19.84 6.38
C VAL F 769 -51.19 -20.76 7.54
N ILE F 770 -51.96 -20.22 8.48
CA ILE F 770 -52.41 -20.93 9.67
C ILE F 770 -53.92 -20.81 9.75
N SER F 771 -54.60 -21.94 9.92
CA SER F 771 -56.06 -22.00 9.93
C SER F 771 -56.57 -22.48 11.29
N GLY F 772 -57.88 -22.30 11.49
CA GLY F 772 -58.55 -22.79 12.68
C GLY F 772 -58.22 -21.99 13.92
N LEU F 773 -58.64 -20.73 13.96
CA LEU F 773 -58.10 -19.79 14.94
C LEU F 773 -59.08 -18.63 15.12
N ARG F 774 -59.01 -18.01 16.30
CA ARG F 774 -60.10 -17.17 16.79
C ARG F 774 -60.10 -15.82 16.08
N HIS F 775 -61.30 -15.27 15.88
CA HIS F 775 -61.49 -14.03 15.15
C HIS F 775 -61.28 -12.81 16.03
N PHE F 776 -60.54 -11.83 15.48
CA PHE F 776 -60.13 -10.60 16.15
C PHE F 776 -59.39 -10.87 17.46
N THR F 777 -58.18 -11.38 17.30
CA THR F 777 -57.21 -11.32 18.38
C THR F 777 -55.82 -11.20 17.77
N GLY F 778 -54.87 -10.82 18.60
CA GLY F 778 -53.49 -10.80 18.19
C GLY F 778 -52.77 -12.10 18.46
N TYR F 779 -52.00 -12.54 17.47
CA TYR F 779 -51.14 -13.71 17.61
C TYR F 779 -49.71 -13.21 17.38
N ARG F 780 -48.90 -13.20 18.44
CA ARG F 780 -47.49 -12.90 18.25
C ARG F 780 -46.82 -14.13 17.65
N ILE F 781 -46.44 -14.04 16.39
CA ILE F 781 -45.85 -15.16 15.67
C ILE F 781 -44.37 -14.85 15.46
N GLU F 782 -43.52 -15.74 15.94
CA GLU F 782 -42.08 -15.63 15.78
C GLU F 782 -41.57 -16.83 15.00
N LEU F 783 -40.41 -16.66 14.39
CA LEU F 783 -39.92 -17.65 13.45
C LEU F 783 -38.41 -17.76 13.56
N GLN F 784 -37.93 -18.99 13.67
CA GLN F 784 -36.51 -19.30 13.63
C GLN F 784 -36.20 -20.18 12.43
N ALA F 785 -35.04 -19.96 11.83
CA ALA F 785 -34.45 -20.90 10.90
C ALA F 785 -33.41 -21.72 11.64
N CYS F 786 -33.08 -22.89 11.10
CA CYS F 786 -32.33 -23.84 11.90
C CYS F 786 -31.61 -24.85 11.01
N ASN F 787 -30.46 -25.32 11.49
CA ASN F 787 -29.68 -26.37 10.85
C ASN F 787 -30.21 -27.73 11.31
N GLN F 788 -29.39 -28.77 11.14
CA GLN F 788 -29.73 -30.15 11.50
C GLN F 788 -30.15 -30.27 12.96
N ASP F 789 -31.02 -31.24 13.23
CA ASP F 789 -31.91 -31.17 14.38
C ASP F 789 -31.67 -32.25 15.44
N THR F 790 -31.68 -33.53 15.09
CA THR F 790 -31.86 -34.54 16.14
C THR F 790 -30.62 -34.80 17.02
N PRO F 791 -29.35 -34.67 16.55
CA PRO F 791 -28.30 -34.38 17.53
C PRO F 791 -28.04 -32.89 17.67
N GLU F 792 -28.24 -32.35 18.89
CA GLU F 792 -27.93 -30.97 19.26
C GLU F 792 -28.67 -29.97 18.36
N GLU F 793 -30.00 -29.95 18.55
CA GLU F 793 -30.86 -28.95 17.94
C GLU F 793 -30.37 -27.55 18.26
N ARG F 794 -29.82 -26.86 17.26
CA ARG F 794 -29.25 -25.54 17.47
C ARG F 794 -29.81 -24.60 16.40
N CYS F 795 -30.58 -23.62 16.84
CA CYS F 795 -31.21 -22.72 15.88
C CYS F 795 -30.88 -21.27 16.26
N SER F 796 -31.41 -20.32 15.51
CA SER F 796 -31.10 -18.91 15.70
C SER F 796 -32.11 -18.27 16.63
N VAL F 797 -32.07 -16.94 16.72
CA VAL F 797 -33.06 -16.19 17.47
C VAL F 797 -34.22 -15.84 16.55
N ALA F 798 -35.35 -15.49 17.15
CA ALA F 798 -36.58 -15.26 16.42
C ALA F 798 -36.86 -13.76 16.27
N ALA F 799 -38.02 -13.44 15.72
CA ALA F 799 -38.48 -12.06 15.55
C ALA F 799 -40.00 -12.07 15.54
N TYR F 800 -40.61 -11.22 16.37
CA TYR F 800 -42.03 -11.35 16.70
C TYR F 800 -42.87 -10.40 15.88
N VAL F 801 -43.99 -10.90 15.36
CA VAL F 801 -44.96 -10.12 14.57
C VAL F 801 -46.36 -10.45 15.09
N SER F 802 -47.17 -9.42 15.32
CA SER F 802 -48.58 -9.66 15.64
C SER F 802 -49.37 -9.96 14.37
N ALA F 803 -50.52 -10.62 14.55
CA ALA F 803 -51.37 -11.00 13.43
C ALA F 803 -52.83 -10.91 13.83
N ARG F 804 -53.66 -10.43 12.90
CA ARG F 804 -55.09 -10.22 13.14
C ARG F 804 -55.89 -10.82 11.98
N THR F 805 -57.13 -11.19 12.27
CA THR F 805 -58.06 -11.71 11.27
C THR F 805 -58.75 -10.57 10.54
N MET F 806 -59.67 -10.92 9.65
CA MET F 806 -60.47 -9.92 8.98
C MET F 806 -61.43 -9.29 9.97
N PRO F 807 -61.85 -8.04 9.76
CA PRO F 807 -62.78 -7.38 10.70
C PRO F 807 -64.13 -8.09 10.80
N GLU F 808 -64.73 -7.98 11.99
CA GLU F 808 -65.89 -8.79 12.38
C GLU F 808 -67.19 -8.44 11.67
N ALA F 809 -68.11 -9.40 11.69
CA ALA F 809 -69.43 -9.36 11.07
C ALA F 809 -70.49 -8.83 12.01
N LYS F 810 -71.76 -9.15 11.70
CA LYS F 810 -72.96 -8.74 12.44
C LYS F 810 -72.90 -9.02 13.95
N ALA F 811 -72.08 -9.97 14.40
CA ALA F 811 -71.99 -10.37 15.80
C ALA F 811 -71.52 -9.28 16.75
N ASP F 812 -71.02 -8.15 16.24
CA ASP F 812 -70.71 -7.01 17.09
C ASP F 812 -71.96 -6.30 17.60
N ASP F 813 -73.10 -6.47 16.92
CA ASP F 813 -74.38 -5.96 17.39
C ASP F 813 -75.25 -7.13 17.84
N ILE F 814 -76.13 -6.86 18.80
CA ILE F 814 -76.93 -7.91 19.43
C ILE F 814 -78.40 -7.67 19.13
N VAL F 815 -79.15 -8.77 19.04
CA VAL F 815 -80.61 -8.74 18.94
C VAL F 815 -81.19 -9.25 20.26
N GLY F 816 -82.20 -8.55 20.76
CA GLY F 816 -82.79 -8.89 22.03
C GLY F 816 -84.06 -8.14 22.34
N PRO F 817 -84.83 -8.63 23.33
CA PRO F 817 -86.06 -7.93 23.73
C PRO F 817 -85.80 -6.64 24.49
N VAL F 818 -86.11 -5.50 23.87
CA VAL F 818 -85.95 -4.21 24.53
C VAL F 818 -87.15 -3.93 25.43
N THR F 819 -87.07 -4.37 26.67
CA THR F 819 -88.12 -4.20 27.66
C THR F 819 -87.76 -3.08 28.63
N HIS F 820 -88.80 -2.43 29.16
CA HIS F 820 -88.63 -1.28 30.03
C HIS F 820 -89.51 -1.42 31.27
N GLU F 821 -89.11 -0.71 32.33
CA GLU F 821 -89.86 -0.69 33.58
C GLU F 821 -90.02 0.76 34.02
N ILE F 822 -91.26 1.20 34.19
CA ILE F 822 -91.57 2.58 34.55
C ILE F 822 -91.70 2.66 36.07
N PHE F 823 -90.89 3.52 36.68
CA PHE F 823 -91.02 3.82 38.09
C PHE F 823 -91.85 5.10 38.27
N GLU F 824 -92.37 5.27 39.48
CA GLU F 824 -93.32 6.35 39.75
C GLU F 824 -92.67 7.73 39.75
N ASN F 825 -91.36 7.81 39.97
CA ASN F 825 -90.63 9.07 39.93
C ASN F 825 -90.11 9.40 38.53
N ASN F 826 -90.75 8.84 37.49
CA ASN F 826 -90.47 9.12 36.07
C ASN F 826 -89.03 8.75 35.69
N VAL F 827 -88.54 7.65 36.24
CA VAL F 827 -87.27 7.06 35.84
C VAL F 827 -87.58 5.70 35.23
N VAL F 828 -87.20 5.51 33.97
CA VAL F 828 -87.50 4.28 33.25
C VAL F 828 -86.23 3.44 33.16
N HIS F 829 -86.31 2.21 33.68
CA HIS F 829 -85.21 1.26 33.64
C HIS F 829 -85.40 0.30 32.48
N LEU F 830 -84.39 0.19 31.64
CA LEU F 830 -84.43 -0.65 30.44
C LEU F 830 -83.66 -1.93 30.71
N MET F 831 -84.27 -3.07 30.40
CA MET F 831 -83.62 -4.36 30.48
C MET F 831 -83.44 -4.93 29.08
N TRP F 832 -82.26 -5.47 28.82
CA TRP F 832 -81.95 -6.04 27.51
C TRP F 832 -80.92 -7.15 27.70
N GLN F 833 -80.33 -7.60 26.59
CA GLN F 833 -79.24 -8.56 26.62
C GLN F 833 -78.03 -7.98 25.89
N GLU F 834 -76.85 -8.30 26.39
CA GLU F 834 -75.59 -7.83 25.85
C GLU F 834 -75.15 -8.71 24.69
N PRO F 835 -74.19 -8.24 23.87
CA PRO F 835 -73.53 -9.16 22.95
C PRO F 835 -72.76 -10.23 23.69
N LYS F 836 -72.88 -11.47 23.21
CA LYS F 836 -72.33 -12.63 23.91
C LYS F 836 -70.91 -12.94 23.45
N GLU F 837 -70.70 -13.03 22.14
CA GLU F 837 -69.39 -13.25 21.54
C GLU F 837 -69.05 -11.98 20.77
N PRO F 838 -68.54 -10.96 21.46
CA PRO F 838 -68.45 -9.63 20.84
C PRO F 838 -67.25 -9.46 19.93
N ASN F 839 -67.05 -8.22 19.46
CA ASN F 839 -65.87 -7.84 18.68
C ASN F 839 -64.68 -7.65 19.61
N GLY F 840 -64.25 -8.75 20.22
CA GLY F 840 -63.23 -8.72 21.25
C GLY F 840 -63.75 -8.20 22.57
N LEU F 841 -64.08 -6.91 22.61
CA LEU F 841 -64.64 -6.28 23.80
C LEU F 841 -65.59 -5.18 23.36
N ILE F 842 -66.87 -5.30 23.74
CA ILE F 842 -67.81 -4.22 23.55
C ILE F 842 -67.50 -3.11 24.56
N VAL F 843 -67.45 -1.87 24.08
CA VAL F 843 -67.01 -0.76 24.91
C VAL F 843 -68.12 0.23 25.20
N LEU F 844 -69.15 0.32 24.37
CA LEU F 844 -70.15 1.37 24.51
C LEU F 844 -71.46 0.93 23.89
N TYR F 845 -72.54 1.01 24.67
CA TYR F 845 -73.89 0.87 24.15
C TYR F 845 -74.41 2.27 23.85
N GLU F 846 -74.39 2.65 22.58
CA GLU F 846 -74.83 3.98 22.16
C GLU F 846 -76.35 3.95 22.12
N VAL F 847 -76.96 4.20 23.28
CA VAL F 847 -78.41 4.26 23.38
C VAL F 847 -78.87 5.66 22.99
N SER F 848 -80.08 5.77 22.48
CA SER F 848 -80.62 7.05 22.04
C SER F 848 -82.13 7.02 22.09
N TYR F 849 -82.73 8.06 22.63
CA TYR F 849 -84.18 8.17 22.80
C TYR F 849 -84.68 9.37 22.01
N ARG F 850 -85.88 9.24 21.44
CA ARG F 850 -86.37 10.21 20.46
C ARG F 850 -87.84 10.49 20.71
N ARG F 851 -88.18 11.76 20.91
CA ARG F 851 -89.56 12.21 21.02
C ARG F 851 -90.05 12.73 19.67
N TYR F 852 -91.37 12.70 19.48
CA TYR F 852 -91.98 13.19 18.25
C TYR F 852 -91.74 14.69 18.11
N GLY F 853 -91.19 15.08 16.95
CA GLY F 853 -90.75 16.44 16.73
C GLY F 853 -89.39 16.77 17.31
N ASP F 854 -88.82 15.89 18.12
CA ASP F 854 -87.52 16.09 18.74
C ASP F 854 -86.49 15.21 18.04
N GLU F 855 -85.25 15.69 17.98
CA GLU F 855 -84.18 14.93 17.35
C GLU F 855 -83.78 13.74 18.22
N GLU F 856 -83.00 12.84 17.62
CA GLU F 856 -82.54 11.61 18.27
C GLU F 856 -81.52 11.99 19.33
N LEU F 857 -81.99 12.20 20.56
CA LEU F 857 -81.11 12.53 21.66
C LEU F 857 -80.37 11.28 22.12
N HIS F 858 -79.05 11.33 22.04
CA HIS F 858 -78.22 10.18 22.39
C HIS F 858 -77.83 10.23 23.87
N LEU F 859 -77.71 9.05 24.47
CA LEU F 859 -77.24 8.92 25.83
C LEU F 859 -76.14 7.90 25.90
N CYS F 860 -75.51 7.86 27.07
CA CYS F 860 -74.24 7.17 27.25
C CYS F 860 -74.33 6.19 28.42
N VAL F 861 -73.72 5.02 28.24
CA VAL F 861 -73.60 4.02 29.30
C VAL F 861 -72.30 3.23 29.10
N SER F 862 -71.53 3.09 30.17
CA SER F 862 -70.20 2.50 30.05
C SER F 862 -70.25 0.99 30.19
N ARG F 863 -69.08 0.36 30.08
CA ARG F 863 -68.97 -1.08 30.32
C ARG F 863 -69.20 -1.41 31.79
N LYS F 864 -68.57 -0.64 32.68
CA LYS F 864 -68.79 -0.85 34.11
C LYS F 864 -70.18 -0.43 34.54
N HIS F 865 -70.80 0.51 33.83
CA HIS F 865 -72.14 0.96 34.18
C HIS F 865 -73.18 -0.10 33.86
N PHE F 866 -73.03 -0.80 32.73
CA PHE F 866 -73.93 -1.90 32.42
C PHE F 866 -73.66 -3.11 33.32
N ALA F 867 -72.39 -3.28 33.74
CA ALA F 867 -72.03 -4.46 34.53
C ALA F 867 -72.60 -4.38 35.94
N LEU F 868 -72.71 -3.17 36.50
CA LEU F 868 -73.26 -3.02 37.84
C LEU F 868 -74.78 -2.98 37.84
N GLU F 869 -75.37 -2.42 36.78
CA GLU F 869 -76.81 -2.16 36.77
C GLU F 869 -77.60 -3.30 36.14
N ARG F 870 -77.00 -4.01 35.17
CA ARG F 870 -77.69 -4.89 34.23
C ARG F 870 -78.86 -4.15 33.57
N GLY F 871 -78.50 -3.09 32.88
CA GLY F 871 -79.46 -2.20 32.28
C GLY F 871 -79.00 -0.76 32.40
N CYS F 872 -79.90 0.16 32.04
CA CYS F 872 -79.62 1.58 32.14
C CYS F 872 -80.90 2.29 32.58
N ARG F 873 -80.78 3.59 32.84
CA ARG F 873 -81.90 4.40 33.28
C ARG F 873 -81.85 5.76 32.60
N LEU F 874 -82.97 6.49 32.71
CA LEU F 874 -83.12 7.83 32.18
C LEU F 874 -83.91 8.66 33.18
N ARG F 875 -83.38 9.82 33.54
CA ARG F 875 -83.91 10.61 34.65
C ARG F 875 -84.46 11.95 34.16
N GLY F 876 -85.63 12.32 34.68
CA GLY F 876 -86.26 13.58 34.32
C GLY F 876 -86.86 13.60 32.93
N LEU F 877 -87.99 12.92 32.74
CA LEU F 877 -88.63 12.79 31.44
C LEU F 877 -89.99 13.49 31.43
N SER F 878 -90.26 14.22 30.35
CA SER F 878 -91.58 14.79 30.14
C SER F 878 -92.55 13.68 29.76
N PRO F 879 -93.84 13.84 30.11
CA PRO F 879 -94.84 12.82 29.73
C PRO F 879 -95.10 12.81 28.24
N GLY F 880 -94.93 11.63 27.62
CA GLY F 880 -95.18 11.51 26.19
C GLY F 880 -94.81 10.14 25.68
N ASN F 881 -94.66 10.06 24.35
CA ASN F 881 -94.30 8.82 23.67
C ASN F 881 -92.92 8.97 23.06
N TYR F 882 -92.04 8.02 23.37
CA TYR F 882 -90.65 8.13 22.97
C TYR F 882 -90.23 6.91 22.16
N SER F 883 -89.14 7.09 21.40
CA SER F 883 -88.58 6.05 20.54
C SER F 883 -87.13 5.85 20.94
N VAL F 884 -86.85 4.75 21.65
CA VAL F 884 -85.54 4.49 22.23
C VAL F 884 -84.83 3.42 21.41
N ARG F 885 -83.56 3.67 21.07
CA ARG F 885 -82.79 2.77 20.22
C ARG F 885 -81.36 2.69 20.71
N ILE F 886 -80.75 1.52 20.55
CA ILE F 886 -79.43 1.20 21.09
C ILE F 886 -78.51 0.82 19.93
N ARG F 887 -77.28 1.33 19.95
CA ARG F 887 -76.22 0.88 19.05
C ARG F 887 -75.09 0.30 19.88
N ALA F 888 -74.65 -0.91 19.51
CA ALA F 888 -73.52 -1.56 20.16
C ALA F 888 -72.25 -1.13 19.45
N THR F 889 -71.62 -0.07 19.95
CA THR F 889 -70.37 0.44 19.39
C THR F 889 -69.21 -0.24 20.12
N SER F 890 -68.46 -1.05 19.39
CA SER F 890 -67.32 -1.75 19.96
C SER F 890 -66.05 -0.95 19.66
N LEU F 891 -64.92 -1.46 20.12
CA LEU F 891 -63.65 -0.78 19.91
C LEU F 891 -63.15 -0.91 18.48
N ALA F 892 -63.59 -1.95 17.75
CA ALA F 892 -63.24 -2.09 16.34
C ALA F 892 -64.21 -1.35 15.42
N GLY F 893 -65.25 -0.73 15.97
CA GLY F 893 -66.19 0.02 15.16
C GLY F 893 -67.59 0.01 15.73
N ASN F 894 -68.53 0.66 15.05
CA ASN F 894 -69.91 0.69 15.50
C ASN F 894 -70.70 -0.43 14.84
N GLY F 895 -71.64 -0.99 15.59
CA GLY F 895 -72.55 -2.00 15.09
C GLY F 895 -73.77 -1.37 14.44
N SER F 896 -74.81 -2.18 14.31
CA SER F 896 -76.08 -1.71 13.79
C SER F 896 -76.89 -1.13 14.94
N TRP F 897 -78.13 -0.75 14.67
CA TRP F 897 -79.02 -0.26 15.70
C TRP F 897 -80.04 -1.33 16.07
N THR F 898 -80.64 -1.16 17.24
CA THR F 898 -81.66 -2.08 17.71
C THR F 898 -83.01 -1.65 17.15
N GLU F 899 -84.08 -2.25 17.66
CA GLU F 899 -85.41 -1.82 17.25
C GLU F 899 -85.81 -0.58 18.03
N PRO F 900 -86.23 0.50 17.37
CA PRO F 900 -86.75 1.66 18.11
C PRO F 900 -88.11 1.36 18.72
N THR F 901 -88.13 1.15 20.04
CA THR F 901 -89.33 0.70 20.72
C THR F 901 -90.23 1.89 21.07
N TYR F 902 -91.52 1.60 21.20
CA TYR F 902 -92.54 2.62 21.49
C TYR F 902 -93.06 2.40 22.90
N PHE F 903 -92.58 3.20 23.85
CA PHE F 903 -93.16 3.23 25.18
C PHE F 903 -93.71 4.64 25.44
N TYR F 904 -94.81 4.70 26.18
CA TYR F 904 -95.54 5.94 26.37
C TYR F 904 -95.79 6.16 27.85
N VAL F 905 -95.50 7.37 28.33
CA VAL F 905 -95.86 7.80 29.67
C VAL F 905 -96.81 8.99 29.55
N THR F 906 -97.82 9.02 30.40
CA THR F 906 -98.92 9.96 30.29
C THR F 906 -98.95 10.90 31.50
N ASP F 907 -99.82 11.91 31.41
CA ASP F 907 -100.02 12.86 32.48
C ASP F 907 -101.00 12.32 33.53
#